data_1YTQ
# 
_entry.id   1YTQ 
# 
_audit_conform.dict_name       mmcif_pdbx.dic 
_audit_conform.dict_version    5.388 
_audit_conform.dict_location   http://mmcif.pdb.org/dictionaries/ascii/mmcif_pdbx.dic 
# 
loop_
_database_2.database_id 
_database_2.database_code 
_database_2.pdbx_database_accession 
_database_2.pdbx_DOI 
PDB   1YTQ         pdb_00001ytq 10.2210/pdb1ytq/pdb 
RCSB  RCSB031914   ?            ?                   
WWPDB D_1000031914 ?            ?                   
# 
loop_
_pdbx_audit_revision_history.ordinal 
_pdbx_audit_revision_history.data_content_type 
_pdbx_audit_revision_history.major_revision 
_pdbx_audit_revision_history.minor_revision 
_pdbx_audit_revision_history.revision_date 
1 'Structure model' 1 0 2006-01-31 
2 'Structure model' 1 1 2008-04-30 
3 'Structure model' 1 2 2011-07-13 
4 'Structure model' 1 3 2013-06-26 
5 'Structure model' 1 4 2024-03-13 
# 
_pdbx_audit_revision_details.ordinal             1 
_pdbx_audit_revision_details.revision_ordinal    1 
_pdbx_audit_revision_details.data_content_type   'Structure model' 
_pdbx_audit_revision_details.provider            repository 
_pdbx_audit_revision_details.type                'Initial release' 
_pdbx_audit_revision_details.description         ? 
_pdbx_audit_revision_details.details             ? 
# 
loop_
_pdbx_audit_revision_group.ordinal 
_pdbx_audit_revision_group.revision_ordinal 
_pdbx_audit_revision_group.data_content_type 
_pdbx_audit_revision_group.group 
1 2 'Structure model' 'Version format compliance' 
2 3 'Structure model' 'Derived calculations'      
3 3 'Structure model' 'Version format compliance' 
4 4 'Structure model' 'Derived calculations'      
5 5 'Structure model' 'Data collection'           
6 5 'Structure model' 'Database references'       
# 
loop_
_pdbx_audit_revision_category.ordinal 
_pdbx_audit_revision_category.revision_ordinal 
_pdbx_audit_revision_category.data_content_type 
_pdbx_audit_revision_category.category 
1 5 'Structure model' chem_comp_atom 
2 5 'Structure model' chem_comp_bond 
3 5 'Structure model' database_2     
# 
loop_
_pdbx_audit_revision_item.ordinal 
_pdbx_audit_revision_item.revision_ordinal 
_pdbx_audit_revision_item.data_content_type 
_pdbx_audit_revision_item.item 
1 5 'Structure model' '_database_2.pdbx_DOI'                
2 5 'Structure model' '_database_2.pdbx_database_accession' 
# 
_pdbx_database_status.status_code                     REL 
_pdbx_database_status.entry_id                        1YTQ 
_pdbx_database_status.recvd_initial_deposition_date   2005-02-10 
_pdbx_database_status.deposit_site                    RCSB 
_pdbx_database_status.process_site                    PDBJ 
_pdbx_database_status.status_code_sf                  REL 
_pdbx_database_status.status_code_mr                  ? 
_pdbx_database_status.SG_entry                        ? 
_pdbx_database_status.status_code_cs                  ? 
_pdbx_database_status.methods_development_category    ? 
_pdbx_database_status.pdb_format_compatible           Y 
_pdbx_database_status.status_code_nmr_data            ? 
# 
_pdbx_database_related.db_name        PDB 
_pdbx_database_related.db_id          2BB2 
_pdbx_database_related.details        'Bovine Beta B2 crystallin' 
_pdbx_database_related.content_type   unspecified 
# 
loop_
_audit_author.name 
_audit_author.pdbx_ordinal 
'Slingsby, C.'  1 
'Smith, M.A.'   2 
'Bateman, O.A.' 3 
# 
_citation.id                        primary 
_citation.title                     'Mutation of interfaces in domain-swapped human betaB2-crystallin' 
_citation.journal_abbrev            'Protein Sci.' 
_citation.journal_volume            16 
_citation.page_first                615 
_citation.page_last                 625 
_citation.year                      2007 
_citation.journal_id_ASTM           PRCIEI 
_citation.country                   US 
_citation.journal_id_ISSN           0961-8368 
_citation.journal_id_CSD            0795 
_citation.book_publisher            ? 
_citation.pdbx_database_id_PubMed   17327390 
_citation.pdbx_database_id_DOI      10.1110/ps.062659107 
# 
loop_
_citation_author.citation_id 
_citation_author.name 
_citation_author.ordinal 
_citation_author.identifier_ORCID 
primary 'Smith, M.A.'   1 ? 
primary 'Bateman, O.A.' 2 ? 
primary 'Jaenicke, R.'  3 ? 
primary 'Slingsby, C.'  4 ? 
# 
loop_
_entity.id 
_entity.type 
_entity.src_method 
_entity.pdbx_description 
_entity.formula_weight 
_entity.pdbx_number_of_molecules 
_entity.pdbx_ec 
_entity.pdbx_mutation 
_entity.pdbx_fragment 
_entity.details 
1 polymer man 'Beta crystallin B2' 23280.732 1   ? ? ? ? 
2 water   nat water                18.015    206 ? ? ? ? 
# 
_entity_name_com.entity_id   1 
_entity_name_com.name        'BP, Beta B2 Crystallin' 
# 
_entity_poly.entity_id                      1 
_entity_poly.type                           'polypeptide(L)' 
_entity_poly.nstd_linkage                   no 
_entity_poly.nstd_monomer                   no 
_entity_poly.pdbx_seq_one_letter_code       
;ASDHQTQAGKPQSLNPKIIIFEQENFQGHSHELNGPCPNLKETGVEKAGSVLVQAGPWVGYEQANCKGEQFVFEKGEYPR
WDSWTSSRRTDSLSSLRPIKVDSQEHKIILYENPNFTGKKMEIIDDDVPSFHAHGYQEKVSSVRVQSGTWVGYQYPGYRG
LQYLLEKGDYKDSSDFGAPHPQVQSVRRIRDMQWHQRGAFHPSN
;
_entity_poly.pdbx_seq_one_letter_code_can   
;ASDHQTQAGKPQSLNPKIIIFEQENFQGHSHELNGPCPNLKETGVEKAGSVLVQAGPWVGYEQANCKGEQFVFEKGEYPR
WDSWTSSRRTDSLSSLRPIKVDSQEHKIILYENPNFTGKKMEIIDDDVPSFHAHGYQEKVSSVRVQSGTWVGYQYPGYRG
LQYLLEKGDYKDSSDFGAPHPQVQSVRRIRDMQWHQRGAFHPSN
;
_entity_poly.pdbx_strand_id                 A 
_entity_poly.pdbx_target_identifier         ? 
# 
_pdbx_entity_nonpoly.entity_id   2 
_pdbx_entity_nonpoly.name        water 
_pdbx_entity_nonpoly.comp_id     HOH 
# 
loop_
_entity_poly_seq.entity_id 
_entity_poly_seq.num 
_entity_poly_seq.mon_id 
_entity_poly_seq.hetero 
1 1   ALA n 
1 2   SER n 
1 3   ASP n 
1 4   HIS n 
1 5   GLN n 
1 6   THR n 
1 7   GLN n 
1 8   ALA n 
1 9   GLY n 
1 10  LYS n 
1 11  PRO n 
1 12  GLN n 
1 13  SER n 
1 14  LEU n 
1 15  ASN n 
1 16  PRO n 
1 17  LYS n 
1 18  ILE n 
1 19  ILE n 
1 20  ILE n 
1 21  PHE n 
1 22  GLU n 
1 23  GLN n 
1 24  GLU n 
1 25  ASN n 
1 26  PHE n 
1 27  GLN n 
1 28  GLY n 
1 29  HIS n 
1 30  SER n 
1 31  HIS n 
1 32  GLU n 
1 33  LEU n 
1 34  ASN n 
1 35  GLY n 
1 36  PRO n 
1 37  CYS n 
1 38  PRO n 
1 39  ASN n 
1 40  LEU n 
1 41  LYS n 
1 42  GLU n 
1 43  THR n 
1 44  GLY n 
1 45  VAL n 
1 46  GLU n 
1 47  LYS n 
1 48  ALA n 
1 49  GLY n 
1 50  SER n 
1 51  VAL n 
1 52  LEU n 
1 53  VAL n 
1 54  GLN n 
1 55  ALA n 
1 56  GLY n 
1 57  PRO n 
1 58  TRP n 
1 59  VAL n 
1 60  GLY n 
1 61  TYR n 
1 62  GLU n 
1 63  GLN n 
1 64  ALA n 
1 65  ASN n 
1 66  CYS n 
1 67  LYS n 
1 68  GLY n 
1 69  GLU n 
1 70  GLN n 
1 71  PHE n 
1 72  VAL n 
1 73  PHE n 
1 74  GLU n 
1 75  LYS n 
1 76  GLY n 
1 77  GLU n 
1 78  TYR n 
1 79  PRO n 
1 80  ARG n 
1 81  TRP n 
1 82  ASP n 
1 83  SER n 
1 84  TRP n 
1 85  THR n 
1 86  SER n 
1 87  SER n 
1 88  ARG n 
1 89  ARG n 
1 90  THR n 
1 91  ASP n 
1 92  SER n 
1 93  LEU n 
1 94  SER n 
1 95  SER n 
1 96  LEU n 
1 97  ARG n 
1 98  PRO n 
1 99  ILE n 
1 100 LYS n 
1 101 VAL n 
1 102 ASP n 
1 103 SER n 
1 104 GLN n 
1 105 GLU n 
1 106 HIS n 
1 107 LYS n 
1 108 ILE n 
1 109 ILE n 
1 110 LEU n 
1 111 TYR n 
1 112 GLU n 
1 113 ASN n 
1 114 PRO n 
1 115 ASN n 
1 116 PHE n 
1 117 THR n 
1 118 GLY n 
1 119 LYS n 
1 120 LYS n 
1 121 MET n 
1 122 GLU n 
1 123 ILE n 
1 124 ILE n 
1 125 ASP n 
1 126 ASP n 
1 127 ASP n 
1 128 VAL n 
1 129 PRO n 
1 130 SER n 
1 131 PHE n 
1 132 HIS n 
1 133 ALA n 
1 134 HIS n 
1 135 GLY n 
1 136 TYR n 
1 137 GLN n 
1 138 GLU n 
1 139 LYS n 
1 140 VAL n 
1 141 SER n 
1 142 SER n 
1 143 VAL n 
1 144 ARG n 
1 145 VAL n 
1 146 GLN n 
1 147 SER n 
1 148 GLY n 
1 149 THR n 
1 150 TRP n 
1 151 VAL n 
1 152 GLY n 
1 153 TYR n 
1 154 GLN n 
1 155 TYR n 
1 156 PRO n 
1 157 GLY n 
1 158 TYR n 
1 159 ARG n 
1 160 GLY n 
1 161 LEU n 
1 162 GLN n 
1 163 TYR n 
1 164 LEU n 
1 165 LEU n 
1 166 GLU n 
1 167 LYS n 
1 168 GLY n 
1 169 ASP n 
1 170 TYR n 
1 171 LYS n 
1 172 ASP n 
1 173 SER n 
1 174 SER n 
1 175 ASP n 
1 176 PHE n 
1 177 GLY n 
1 178 ALA n 
1 179 PRO n 
1 180 HIS n 
1 181 PRO n 
1 182 GLN n 
1 183 VAL n 
1 184 GLN n 
1 185 SER n 
1 186 VAL n 
1 187 ARG n 
1 188 ARG n 
1 189 ILE n 
1 190 ARG n 
1 191 ASP n 
1 192 MET n 
1 193 GLN n 
1 194 TRP n 
1 195 HIS n 
1 196 GLN n 
1 197 ARG n 
1 198 GLY n 
1 199 ALA n 
1 200 PHE n 
1 201 HIS n 
1 202 PRO n 
1 203 SER n 
1 204 ASN n 
# 
_entity_src_gen.entity_id                          1 
_entity_src_gen.pdbx_src_id                        1 
_entity_src_gen.pdbx_alt_source_flag               sample 
_entity_src_gen.pdbx_seq_type                      ? 
_entity_src_gen.pdbx_beg_seq_num                   ? 
_entity_src_gen.pdbx_end_seq_num                   ? 
_entity_src_gen.gene_src_common_name               human 
_entity_src_gen.gene_src_genus                     ? 
_entity_src_gen.pdbx_gene_src_gene                 CRYBB2 
_entity_src_gen.gene_src_species                   ? 
_entity_src_gen.gene_src_strain                    ? 
_entity_src_gen.gene_src_tissue                    ? 
_entity_src_gen.gene_src_tissue_fraction           ? 
_entity_src_gen.gene_src_details                   ? 
_entity_src_gen.pdbx_gene_src_fragment             ? 
_entity_src_gen.pdbx_gene_src_scientific_name      'Homo sapiens' 
_entity_src_gen.pdbx_gene_src_ncbi_taxonomy_id     9606 
_entity_src_gen.pdbx_gene_src_variant              ? 
_entity_src_gen.pdbx_gene_src_cell_line            ? 
_entity_src_gen.pdbx_gene_src_atcc                 ? 
_entity_src_gen.pdbx_gene_src_organ                ? 
_entity_src_gen.pdbx_gene_src_organelle            ? 
_entity_src_gen.pdbx_gene_src_cell                 ? 
_entity_src_gen.pdbx_gene_src_cellular_location    ? 
_entity_src_gen.host_org_common_name               ? 
_entity_src_gen.pdbx_host_org_scientific_name      'Escherichia coli BL21(DE3)' 
_entity_src_gen.pdbx_host_org_ncbi_taxonomy_id     469008 
_entity_src_gen.host_org_genus                     ? 
_entity_src_gen.pdbx_host_org_gene                 ? 
_entity_src_gen.pdbx_host_org_organ                ? 
_entity_src_gen.host_org_species                   ? 
_entity_src_gen.pdbx_host_org_tissue               ? 
_entity_src_gen.pdbx_host_org_tissue_fraction      ? 
_entity_src_gen.pdbx_host_org_strain               ? 
_entity_src_gen.pdbx_host_org_variant              ? 
_entity_src_gen.pdbx_host_org_cell_line            ? 
_entity_src_gen.pdbx_host_org_atcc                 ? 
_entity_src_gen.pdbx_host_org_culture_collection   ? 
_entity_src_gen.pdbx_host_org_cell                 ? 
_entity_src_gen.pdbx_host_org_organelle            ? 
_entity_src_gen.pdbx_host_org_cellular_location    ? 
_entity_src_gen.pdbx_host_org_vector_type          plasmid 
_entity_src_gen.pdbx_host_org_vector               ? 
_entity_src_gen.host_org_details                   ? 
_entity_src_gen.expression_system_id               ? 
_entity_src_gen.plasmid_name                       pET3a 
_entity_src_gen.plasmid_details                    ? 
_entity_src_gen.pdbx_description                   ? 
# 
loop_
_chem_comp.id 
_chem_comp.type 
_chem_comp.mon_nstd_flag 
_chem_comp.name 
_chem_comp.pdbx_synonyms 
_chem_comp.formula 
_chem_comp.formula_weight 
ALA 'L-peptide linking' y ALANINE         ? 'C3 H7 N O2'     89.093  
ARG 'L-peptide linking' y ARGININE        ? 'C6 H15 N4 O2 1' 175.209 
ASN 'L-peptide linking' y ASPARAGINE      ? 'C4 H8 N2 O3'    132.118 
ASP 'L-peptide linking' y 'ASPARTIC ACID' ? 'C4 H7 N O4'     133.103 
CYS 'L-peptide linking' y CYSTEINE        ? 'C3 H7 N O2 S'   121.158 
GLN 'L-peptide linking' y GLUTAMINE       ? 'C5 H10 N2 O3'   146.144 
GLU 'L-peptide linking' y 'GLUTAMIC ACID' ? 'C5 H9 N O4'     147.129 
GLY 'peptide linking'   y GLYCINE         ? 'C2 H5 N O2'     75.067  
HIS 'L-peptide linking' y HISTIDINE       ? 'C6 H10 N3 O2 1' 156.162 
HOH non-polymer         . WATER           ? 'H2 O'           18.015  
ILE 'L-peptide linking' y ISOLEUCINE      ? 'C6 H13 N O2'    131.173 
LEU 'L-peptide linking' y LEUCINE         ? 'C6 H13 N O2'    131.173 
LYS 'L-peptide linking' y LYSINE          ? 'C6 H15 N2 O2 1' 147.195 
MET 'L-peptide linking' y METHIONINE      ? 'C5 H11 N O2 S'  149.211 
PHE 'L-peptide linking' y PHENYLALANINE   ? 'C9 H11 N O2'    165.189 
PRO 'L-peptide linking' y PROLINE         ? 'C5 H9 N O2'     115.130 
SER 'L-peptide linking' y SERINE          ? 'C3 H7 N O3'     105.093 
THR 'L-peptide linking' y THREONINE       ? 'C4 H9 N O3'     119.119 
TRP 'L-peptide linking' y TRYPTOPHAN      ? 'C11 H12 N2 O2'  204.225 
TYR 'L-peptide linking' y TYROSINE        ? 'C9 H11 N O3'    181.189 
VAL 'L-peptide linking' y VALINE          ? 'C5 H11 N O2'    117.146 
# 
loop_
_pdbx_poly_seq_scheme.asym_id 
_pdbx_poly_seq_scheme.entity_id 
_pdbx_poly_seq_scheme.seq_id 
_pdbx_poly_seq_scheme.mon_id 
_pdbx_poly_seq_scheme.ndb_seq_num 
_pdbx_poly_seq_scheme.pdb_seq_num 
_pdbx_poly_seq_scheme.auth_seq_num 
_pdbx_poly_seq_scheme.pdb_mon_id 
_pdbx_poly_seq_scheme.auth_mon_id 
_pdbx_poly_seq_scheme.pdb_strand_id 
_pdbx_poly_seq_scheme.pdb_ins_code 
_pdbx_poly_seq_scheme.hetero 
A 1 1   ALA 1   1   ?   ?   ?   A . n 
A 1 2   SER 2   2   ?   ?   ?   A . n 
A 1 3   ASP 3   3   ?   ?   ?   A . n 
A 1 4   HIS 4   4   ?   ?   ?   A . n 
A 1 5   GLN 5   5   ?   ?   ?   A . n 
A 1 6   THR 6   6   ?   ?   ?   A . n 
A 1 7   GLN 7   7   ?   ?   ?   A . n 
A 1 8   ALA 8   8   ?   ?   ?   A . n 
A 1 9   GLY 9   9   ?   ?   ?   A . n 
A 1 10  LYS 10  10  ?   ?   ?   A . n 
A 1 11  PRO 11  11  ?   ?   ?   A . n 
A 1 12  GLN 12  12  ?   ?   ?   A . n 
A 1 13  SER 13  13  ?   ?   ?   A . n 
A 1 14  LEU 14  14  14  LEU LEU A . n 
A 1 15  ASN 15  15  15  ASN ASN A . n 
A 1 16  PRO 16  16  16  PRO PRO A . n 
A 1 17  LYS 17  17  17  LYS LYS A . n 
A 1 18  ILE 18  18  18  ILE ILE A . n 
A 1 19  ILE 19  19  19  ILE ILE A . n 
A 1 20  ILE 20  20  20  ILE ILE A . n 
A 1 21  PHE 21  21  21  PHE PHE A . n 
A 1 22  GLU 22  22  22  GLU GLU A . n 
A 1 23  GLN 23  23  23  GLN GLN A . n 
A 1 24  GLU 24  24  24  GLU GLU A . n 
A 1 25  ASN 25  25  25  ASN ASN A . n 
A 1 26  PHE 26  26  26  PHE PHE A . n 
A 1 27  GLN 27  27  27  GLN GLN A . n 
A 1 28  GLY 28  28  28  GLY GLY A . n 
A 1 29  HIS 29  29  29  HIS HIS A . n 
A 1 30  SER 30  30  30  SER SER A . n 
A 1 31  HIS 31  31  31  HIS HIS A . n 
A 1 32  GLU 32  32  32  GLU GLU A . n 
A 1 33  LEU 33  33  33  LEU LEU A . n 
A 1 34  ASN 34  34  34  ASN ASN A . n 
A 1 35  GLY 35  35  35  GLY GLY A . n 
A 1 36  PRO 36  36  36  PRO PRO A . n 
A 1 37  CYS 37  37  37  CYS CYS A . n 
A 1 38  PRO 38  38  38  PRO PRO A . n 
A 1 39  ASN 39  39  39  ASN ASN A . n 
A 1 40  LEU 40  40  40  LEU LEU A . n 
A 1 41  LYS 41  41  41  LYS LYS A . n 
A 1 42  GLU 42  42  42  GLU GLU A . n 
A 1 43  THR 43  43  43  THR THR A . n 
A 1 44  GLY 44  44  44  GLY GLY A . n 
A 1 45  VAL 45  45  45  VAL VAL A . n 
A 1 46  GLU 46  46  46  GLU GLU A . n 
A 1 47  LYS 47  47  47  LYS LYS A . n 
A 1 48  ALA 48  48  48  ALA ALA A . n 
A 1 49  GLY 49  49  49  GLY GLY A . n 
A 1 50  SER 50  50  50  SER SER A . n 
A 1 51  VAL 51  51  51  VAL VAL A . n 
A 1 52  LEU 52  52  52  LEU LEU A . n 
A 1 53  VAL 53  53  53  VAL VAL A . n 
A 1 54  GLN 54  54  54  GLN GLN A . n 
A 1 55  ALA 55  55  55  ALA ALA A . n 
A 1 56  GLY 56  56  56  GLY GLY A . n 
A 1 57  PRO 57  57  57  PRO PRO A . n 
A 1 58  TRP 58  58  58  TRP TRP A . n 
A 1 59  VAL 59  59  59  VAL VAL A . n 
A 1 60  GLY 60  60  60  GLY GLY A . n 
A 1 61  TYR 61  61  61  TYR TYR A . n 
A 1 62  GLU 62  62  62  GLU GLU A . n 
A 1 63  GLN 63  63  63  GLN GLN A . n 
A 1 64  ALA 64  64  64  ALA ALA A . n 
A 1 65  ASN 65  65  65  ASN ASN A . n 
A 1 66  CYS 66  66  66  CYS CYS A . n 
A 1 67  LYS 67  67  67  LYS LYS A . n 
A 1 68  GLY 68  68  68  GLY GLY A . n 
A 1 69  GLU 69  69  69  GLU GLU A . n 
A 1 70  GLN 70  70  70  GLN GLN A . n 
A 1 71  PHE 71  71  71  PHE PHE A . n 
A 1 72  VAL 72  72  72  VAL VAL A . n 
A 1 73  PHE 73  73  73  PHE PHE A . n 
A 1 74  GLU 74  74  74  GLU GLU A . n 
A 1 75  LYS 75  75  75  LYS LYS A . n 
A 1 76  GLY 76  76  76  GLY GLY A . n 
A 1 77  GLU 77  77  77  GLU GLU A . n 
A 1 78  TYR 78  78  78  TYR TYR A . n 
A 1 79  PRO 79  79  79  PRO PRO A . n 
A 1 80  ARG 80  80  80  ARG ARG A . n 
A 1 81  TRP 81  81  81  TRP TRP A . n 
A 1 82  ASP 82  82  82  ASP ASP A . n 
A 1 83  SER 83  83  83  SER SER A . n 
A 1 84  TRP 84  84  84  TRP TRP A . n 
A 1 85  THR 85  85  85  THR THR A . n 
A 1 86  SER 86  86  86  SER SER A . n 
A 1 87  SER 87  87  87  SER SER A . n 
A 1 88  ARG 88  88  88  ARG ARG A . n 
A 1 89  ARG 89  89  89  ARG ARG A . n 
A 1 90  THR 90  90  90  THR THR A . n 
A 1 91  ASP 91  91  91  ASP ASP A . n 
A 1 92  SER 92  92  92  SER SER A . n 
A 1 93  LEU 93  93  93  LEU LEU A . n 
A 1 94  SER 94  94  94  SER SER A . n 
A 1 95  SER 95  95  95  SER SER A . n 
A 1 96  LEU 96  96  96  LEU LEU A . n 
A 1 97  ARG 97  97  97  ARG ARG A . n 
A 1 98  PRO 98  98  98  PRO PRO A . n 
A 1 99  ILE 99  99  99  ILE ILE A . n 
A 1 100 LYS 100 100 100 LYS LYS A . n 
A 1 101 VAL 101 101 101 VAL VAL A . n 
A 1 102 ASP 102 102 102 ASP ASP A . n 
A 1 103 SER 103 103 103 SER SER A . n 
A 1 104 GLN 104 104 104 GLN GLN A . n 
A 1 105 GLU 105 105 105 GLU GLU A . n 
A 1 106 HIS 106 106 106 HIS HIS A . n 
A 1 107 LYS 107 107 107 LYS LYS A . n 
A 1 108 ILE 108 108 108 ILE ILE A . n 
A 1 109 ILE 109 109 109 ILE ILE A . n 
A 1 110 LEU 110 110 110 LEU LEU A . n 
A 1 111 TYR 111 111 111 TYR TYR A . n 
A 1 112 GLU 112 112 112 GLU GLU A . n 
A 1 113 ASN 113 113 113 ASN ASN A . n 
A 1 114 PRO 114 114 114 PRO PRO A . n 
A 1 115 ASN 115 115 115 ASN ASN A . n 
A 1 116 PHE 116 116 116 PHE PHE A . n 
A 1 117 THR 117 117 117 THR THR A . n 
A 1 118 GLY 118 118 118 GLY GLY A . n 
A 1 119 LYS 119 119 119 LYS LYS A . n 
A 1 120 LYS 120 120 120 LYS LYS A . n 
A 1 121 MET 121 121 121 MET MET A . n 
A 1 122 GLU 122 122 122 GLU GLU A . n 
A 1 123 ILE 123 123 123 ILE ILE A . n 
A 1 124 ILE 124 124 124 ILE ILE A . n 
A 1 125 ASP 125 125 125 ASP ASP A . n 
A 1 126 ASP 126 126 126 ASP ASP A . n 
A 1 127 ASP 127 127 127 ASP ASP A . n 
A 1 128 VAL 128 128 128 VAL VAL A . n 
A 1 129 PRO 129 129 129 PRO PRO A . n 
A 1 130 SER 130 130 130 SER SER A . n 
A 1 131 PHE 131 131 131 PHE PHE A . n 
A 1 132 HIS 132 132 132 HIS HIS A . n 
A 1 133 ALA 133 133 133 ALA ALA A . n 
A 1 134 HIS 134 134 134 HIS HIS A . n 
A 1 135 GLY 135 135 135 GLY GLY A . n 
A 1 136 TYR 136 136 136 TYR TYR A . n 
A 1 137 GLN 137 137 137 GLN GLN A . n 
A 1 138 GLU 138 138 138 GLU GLU A . n 
A 1 139 LYS 139 139 139 LYS LYS A . n 
A 1 140 VAL 140 140 140 VAL VAL A . n 
A 1 141 SER 141 141 141 SER SER A . n 
A 1 142 SER 142 142 142 SER SER A . n 
A 1 143 VAL 143 143 143 VAL VAL A . n 
A 1 144 ARG 144 144 144 ARG ARG A . n 
A 1 145 VAL 145 145 145 VAL VAL A . n 
A 1 146 GLN 146 146 146 GLN GLN A . n 
A 1 147 SER 147 147 147 SER SER A . n 
A 1 148 GLY 148 148 148 GLY GLY A . n 
A 1 149 THR 149 149 149 THR THR A . n 
A 1 150 TRP 150 150 150 TRP TRP A . n 
A 1 151 VAL 151 151 151 VAL VAL A . n 
A 1 152 GLY 152 152 152 GLY GLY A . n 
A 1 153 TYR 153 153 153 TYR TYR A . n 
A 1 154 GLN 154 154 154 GLN GLN A . n 
A 1 155 TYR 155 155 155 TYR TYR A . n 
A 1 156 PRO 156 156 156 PRO PRO A . n 
A 1 157 GLY 157 157 157 GLY GLY A . n 
A 1 158 TYR 158 158 158 TYR TYR A . n 
A 1 159 ARG 159 159 159 ARG ARG A . n 
A 1 160 GLY 160 160 160 GLY GLY A . n 
A 1 161 LEU 161 161 161 LEU LEU A . n 
A 1 162 GLN 162 162 162 GLN GLN A . n 
A 1 163 TYR 163 163 163 TYR TYR A . n 
A 1 164 LEU 164 164 164 LEU LEU A . n 
A 1 165 LEU 165 165 165 LEU LEU A . n 
A 1 166 GLU 166 166 166 GLU GLU A . n 
A 1 167 LYS 167 167 167 LYS LYS A . n 
A 1 168 GLY 168 168 168 GLY GLY A . n 
A 1 169 ASP 169 169 169 ASP ASP A . n 
A 1 170 TYR 170 170 170 TYR TYR A . n 
A 1 171 LYS 171 171 171 LYS LYS A . n 
A 1 172 ASP 172 172 172 ASP ASP A . n 
A 1 173 SER 173 173 173 SER SER A . n 
A 1 174 SER 174 174 174 SER SER A . n 
A 1 175 ASP 175 175 175 ASP ASP A . n 
A 1 176 PHE 176 176 176 PHE PHE A . n 
A 1 177 GLY 177 177 177 GLY GLY A . n 
A 1 178 ALA 178 178 178 ALA ALA A . n 
A 1 179 PRO 179 179 179 PRO PRO A . n 
A 1 180 HIS 180 180 180 HIS HIS A . n 
A 1 181 PRO 181 181 181 PRO PRO A . n 
A 1 182 GLN 182 182 182 GLN GLN A . n 
A 1 183 VAL 183 183 183 VAL VAL A . n 
A 1 184 GLN 184 184 184 GLN GLN A . n 
A 1 185 SER 185 185 185 SER SER A . n 
A 1 186 VAL 186 186 186 VAL VAL A . n 
A 1 187 ARG 187 187 187 ARG ARG A . n 
A 1 188 ARG 188 188 188 ARG ARG A . n 
A 1 189 ILE 189 189 189 ILE ILE A . n 
A 1 190 ARG 190 190 190 ARG ARG A . n 
A 1 191 ASP 191 191 191 ASP ASP A . n 
A 1 192 MET 192 192 192 MET MET A . n 
A 1 193 GLN 193 193 193 GLN GLN A . n 
A 1 194 TRP 194 194 194 TRP TRP A . n 
A 1 195 HIS 195 195 ?   ?   ?   A . n 
A 1 196 GLN 196 196 ?   ?   ?   A . n 
A 1 197 ARG 197 197 ?   ?   ?   A . n 
A 1 198 GLY 198 198 ?   ?   ?   A . n 
A 1 199 ALA 199 199 ?   ?   ?   A . n 
A 1 200 PHE 200 200 ?   ?   ?   A . n 
A 1 201 HIS 201 201 ?   ?   ?   A . n 
A 1 202 PRO 202 202 ?   ?   ?   A . n 
A 1 203 SER 203 203 ?   ?   ?   A . n 
A 1 204 ASN 204 204 ?   ?   ?   A . n 
# 
loop_
_pdbx_nonpoly_scheme.asym_id 
_pdbx_nonpoly_scheme.entity_id 
_pdbx_nonpoly_scheme.mon_id 
_pdbx_nonpoly_scheme.ndb_seq_num 
_pdbx_nonpoly_scheme.pdb_seq_num 
_pdbx_nonpoly_scheme.auth_seq_num 
_pdbx_nonpoly_scheme.pdb_mon_id 
_pdbx_nonpoly_scheme.auth_mon_id 
_pdbx_nonpoly_scheme.pdb_strand_id 
_pdbx_nonpoly_scheme.pdb_ins_code 
B 2 HOH 1   205 1   HOH HOH A . 
B 2 HOH 2   206 2   HOH HOH A . 
B 2 HOH 3   207 3   HOH HOH A . 
B 2 HOH 4   208 4   HOH HOH A . 
B 2 HOH 5   209 5   HOH HOH A . 
B 2 HOH 6   210 6   HOH HOH A . 
B 2 HOH 7   211 7   HOH HOH A . 
B 2 HOH 8   212 8   HOH HOH A . 
B 2 HOH 9   213 9   HOH HOH A . 
B 2 HOH 10  214 10  HOH HOH A . 
B 2 HOH 11  215 11  HOH HOH A . 
B 2 HOH 12  216 12  HOH HOH A . 
B 2 HOH 13  217 13  HOH HOH A . 
B 2 HOH 14  218 14  HOH HOH A . 
B 2 HOH 15  219 15  HOH HOH A . 
B 2 HOH 16  220 16  HOH HOH A . 
B 2 HOH 17  221 17  HOH HOH A . 
B 2 HOH 18  222 18  HOH HOH A . 
B 2 HOH 19  223 19  HOH HOH A . 
B 2 HOH 20  224 20  HOH HOH A . 
B 2 HOH 21  225 21  HOH HOH A . 
B 2 HOH 22  226 22  HOH HOH A . 
B 2 HOH 23  227 23  HOH HOH A . 
B 2 HOH 24  228 24  HOH HOH A . 
B 2 HOH 25  229 25  HOH HOH A . 
B 2 HOH 26  230 26  HOH HOH A . 
B 2 HOH 27  231 27  HOH HOH A . 
B 2 HOH 28  232 28  HOH HOH A . 
B 2 HOH 29  233 29  HOH HOH A . 
B 2 HOH 30  234 30  HOH HOH A . 
B 2 HOH 31  235 31  HOH HOH A . 
B 2 HOH 32  236 32  HOH HOH A . 
B 2 HOH 33  237 33  HOH HOH A . 
B 2 HOH 34  238 34  HOH HOH A . 
B 2 HOH 35  239 35  HOH HOH A . 
B 2 HOH 36  240 36  HOH HOH A . 
B 2 HOH 37  241 37  HOH HOH A . 
B 2 HOH 38  242 38  HOH HOH A . 
B 2 HOH 39  243 39  HOH HOH A . 
B 2 HOH 40  244 40  HOH HOH A . 
B 2 HOH 41  245 41  HOH HOH A . 
B 2 HOH 42  246 42  HOH HOH A . 
B 2 HOH 43  247 43  HOH HOH A . 
B 2 HOH 44  248 44  HOH HOH A . 
B 2 HOH 45  249 45  HOH HOH A . 
B 2 HOH 46  250 46  HOH HOH A . 
B 2 HOH 47  251 47  HOH HOH A . 
B 2 HOH 48  252 48  HOH HOH A . 
B 2 HOH 49  253 49  HOH HOH A . 
B 2 HOH 50  254 50  HOH HOH A . 
B 2 HOH 51  255 51  HOH HOH A . 
B 2 HOH 52  256 52  HOH HOH A . 
B 2 HOH 53  257 53  HOH HOH A . 
B 2 HOH 54  258 54  HOH HOH A . 
B 2 HOH 55  259 55  HOH HOH A . 
B 2 HOH 56  260 56  HOH HOH A . 
B 2 HOH 57  261 57  HOH HOH A . 
B 2 HOH 58  262 58  HOH HOH A . 
B 2 HOH 59  263 59  HOH HOH A . 
B 2 HOH 60  264 60  HOH HOH A . 
B 2 HOH 61  265 61  HOH HOH A . 
B 2 HOH 62  266 62  HOH HOH A . 
B 2 HOH 63  267 63  HOH HOH A . 
B 2 HOH 64  268 64  HOH HOH A . 
B 2 HOH 65  269 65  HOH HOH A . 
B 2 HOH 66  270 66  HOH HOH A . 
B 2 HOH 67  271 67  HOH HOH A . 
B 2 HOH 68  272 68  HOH HOH A . 
B 2 HOH 69  273 69  HOH HOH A . 
B 2 HOH 70  274 70  HOH HOH A . 
B 2 HOH 71  275 71  HOH HOH A . 
B 2 HOH 72  276 72  HOH HOH A . 
B 2 HOH 73  277 73  HOH HOH A . 
B 2 HOH 74  278 74  HOH HOH A . 
B 2 HOH 75  279 75  HOH HOH A . 
B 2 HOH 76  280 76  HOH HOH A . 
B 2 HOH 77  281 77  HOH HOH A . 
B 2 HOH 78  282 78  HOH HOH A . 
B 2 HOH 79  283 79  HOH HOH A . 
B 2 HOH 80  284 80  HOH HOH A . 
B 2 HOH 81  285 81  HOH HOH A . 
B 2 HOH 82  286 82  HOH HOH A . 
B 2 HOH 83  287 83  HOH HOH A . 
B 2 HOH 84  288 84  HOH HOH A . 
B 2 HOH 85  289 85  HOH HOH A . 
B 2 HOH 86  290 86  HOH HOH A . 
B 2 HOH 87  291 87  HOH HOH A . 
B 2 HOH 88  292 88  HOH HOH A . 
B 2 HOH 89  293 89  HOH HOH A . 
B 2 HOH 90  294 90  HOH HOH A . 
B 2 HOH 91  295 91  HOH HOH A . 
B 2 HOH 92  296 92  HOH HOH A . 
B 2 HOH 93  297 93  HOH HOH A . 
B 2 HOH 94  298 94  HOH HOH A . 
B 2 HOH 95  299 95  HOH HOH A . 
B 2 HOH 96  300 96  HOH HOH A . 
B 2 HOH 97  301 97  HOH HOH A . 
B 2 HOH 98  302 98  HOH HOH A . 
B 2 HOH 99  303 99  HOH HOH A . 
B 2 HOH 100 304 100 HOH HOH A . 
B 2 HOH 101 305 101 HOH HOH A . 
B 2 HOH 102 306 102 HOH HOH A . 
B 2 HOH 103 307 103 HOH HOH A . 
B 2 HOH 104 308 104 HOH HOH A . 
B 2 HOH 105 309 105 HOH HOH A . 
B 2 HOH 106 310 106 HOH HOH A . 
B 2 HOH 107 311 107 HOH HOH A . 
B 2 HOH 108 312 108 HOH HOH A . 
B 2 HOH 109 313 109 HOH HOH A . 
B 2 HOH 110 314 110 HOH HOH A . 
B 2 HOH 111 315 111 HOH HOH A . 
B 2 HOH 112 316 112 HOH HOH A . 
B 2 HOH 113 317 113 HOH HOH A . 
B 2 HOH 114 318 114 HOH HOH A . 
B 2 HOH 115 319 115 HOH HOH A . 
B 2 HOH 116 320 116 HOH HOH A . 
B 2 HOH 117 321 117 HOH HOH A . 
B 2 HOH 118 322 118 HOH HOH A . 
B 2 HOH 119 323 119 HOH HOH A . 
B 2 HOH 120 324 120 HOH HOH A . 
B 2 HOH 121 325 121 HOH HOH A . 
B 2 HOH 122 326 122 HOH HOH A . 
B 2 HOH 123 327 123 HOH HOH A . 
B 2 HOH 124 328 124 HOH HOH A . 
B 2 HOH 125 329 125 HOH HOH A . 
B 2 HOH 126 330 126 HOH HOH A . 
B 2 HOH 127 331 127 HOH HOH A . 
B 2 HOH 128 332 128 HOH HOH A . 
B 2 HOH 129 333 129 HOH HOH A . 
B 2 HOH 130 334 130 HOH HOH A . 
B 2 HOH 131 335 131 HOH HOH A . 
B 2 HOH 132 336 132 HOH HOH A . 
B 2 HOH 133 337 133 HOH HOH A . 
B 2 HOH 134 338 134 HOH HOH A . 
B 2 HOH 135 339 135 HOH HOH A . 
B 2 HOH 136 340 136 HOH HOH A . 
B 2 HOH 137 341 137 HOH HOH A . 
B 2 HOH 138 342 138 HOH HOH A . 
B 2 HOH 139 343 139 HOH HOH A . 
B 2 HOH 140 344 140 HOH HOH A . 
B 2 HOH 141 345 141 HOH HOH A . 
B 2 HOH 142 346 142 HOH HOH A . 
B 2 HOH 143 347 143 HOH HOH A . 
B 2 HOH 144 348 144 HOH HOH A . 
B 2 HOH 145 349 145 HOH HOH A . 
B 2 HOH 146 350 146 HOH HOH A . 
B 2 HOH 147 351 147 HOH HOH A . 
B 2 HOH 148 352 148 HOH HOH A . 
B 2 HOH 149 353 149 HOH HOH A . 
B 2 HOH 150 354 150 HOH HOH A . 
B 2 HOH 151 355 151 HOH HOH A . 
B 2 HOH 152 356 152 HOH HOH A . 
B 2 HOH 153 357 153 HOH HOH A . 
B 2 HOH 154 358 154 HOH HOH A . 
B 2 HOH 155 359 155 HOH HOH A . 
B 2 HOH 156 360 156 HOH HOH A . 
B 2 HOH 157 361 157 HOH HOH A . 
B 2 HOH 158 362 158 HOH HOH A . 
B 2 HOH 159 363 159 HOH HOH A . 
B 2 HOH 160 364 160 HOH HOH A . 
B 2 HOH 161 365 161 HOH HOH A . 
B 2 HOH 162 366 162 HOH HOH A . 
B 2 HOH 163 367 163 HOH HOH A . 
B 2 HOH 164 368 164 HOH HOH A . 
B 2 HOH 165 369 165 HOH HOH A . 
B 2 HOH 166 370 166 HOH HOH A . 
B 2 HOH 167 371 167 HOH HOH A . 
B 2 HOH 168 372 168 HOH HOH A . 
B 2 HOH 169 373 169 HOH HOH A . 
B 2 HOH 170 374 170 HOH HOH A . 
B 2 HOH 171 375 171 HOH HOH A . 
B 2 HOH 172 376 172 HOH HOH A . 
B 2 HOH 173 377 173 HOH HOH A . 
B 2 HOH 174 378 174 HOH HOH A . 
B 2 HOH 175 379 175 HOH HOH A . 
B 2 HOH 176 380 176 HOH HOH A . 
B 2 HOH 177 381 177 HOH HOH A . 
B 2 HOH 178 382 178 HOH HOH A . 
B 2 HOH 179 383 179 HOH HOH A . 
B 2 HOH 180 384 180 HOH HOH A . 
B 2 HOH 181 385 181 HOH HOH A . 
B 2 HOH 182 386 182 HOH HOH A . 
B 2 HOH 183 387 183 HOH HOH A . 
B 2 HOH 184 388 184 HOH HOH A . 
B 2 HOH 185 389 185 HOH HOH A . 
B 2 HOH 186 390 186 HOH HOH A . 
B 2 HOH 187 391 187 HOH HOH A . 
B 2 HOH 188 392 188 HOH HOH A . 
B 2 HOH 189 393 189 HOH HOH A . 
B 2 HOH 190 394 190 HOH HOH A . 
B 2 HOH 191 395 191 HOH HOH A . 
B 2 HOH 192 396 192 HOH HOH A . 
B 2 HOH 193 397 193 HOH HOH A . 
B 2 HOH 194 398 194 HOH HOH A . 
B 2 HOH 195 399 195 HOH HOH A . 
B 2 HOH 196 400 196 HOH HOH A . 
B 2 HOH 197 401 197 HOH HOH A . 
B 2 HOH 198 402 198 HOH HOH A . 
B 2 HOH 199 403 199 HOH HOH A . 
B 2 HOH 200 404 200 HOH HOH A . 
B 2 HOH 201 405 201 HOH HOH A . 
B 2 HOH 202 406 202 HOH HOH A . 
B 2 HOH 203 407 203 HOH HOH A . 
B 2 HOH 204 408 204 HOH HOH A . 
B 2 HOH 205 409 205 HOH HOH A . 
B 2 HOH 206 410 206 HOH HOH A . 
# 
loop_
_software.name 
_software.classification 
_software.version 
_software.citation_id 
_software.pdbx_ordinal 
REFMAC refinement       5.2.0005  ? 1 
MOSFLM 'data reduction' .         ? 2 
CCP4   'data scaling'   '(SCALA)' ? 3 
MOLREP phasing          .         ? 4 
# 
_cell.entry_id           1YTQ 
_cell.length_a           76.892 
_cell.length_b           82.324 
_cell.length_c           108.104 
_cell.angle_alpha        90.00 
_cell.angle_beta         90.00 
_cell.angle_gamma        90.00 
_cell.Z_PDB              8 
_cell.pdbx_unique_axis   ? 
_cell.length_a_esd       ? 
_cell.length_b_esd       ? 
_cell.length_c_esd       ? 
_cell.angle_alpha_esd    ? 
_cell.angle_beta_esd     ? 
_cell.angle_gamma_esd    ? 
# 
_symmetry.entry_id                         1YTQ 
_symmetry.space_group_name_H-M             'I 2 2 2' 
_symmetry.pdbx_full_space_group_name_H-M   ? 
_symmetry.cell_setting                     ? 
_symmetry.Int_Tables_number                23 
_symmetry.space_group_name_Hall            ? 
# 
_exptl.entry_id          1YTQ 
_exptl.method            'X-RAY DIFFRACTION' 
_exptl.crystals_number   1 
# 
_exptl_crystal.id                    1 
_exptl_crystal.density_meas          ? 
_exptl_crystal.density_Matthews      3.67 
_exptl_crystal.density_percent_sol   66.50 
_exptl_crystal.description           ? 
_exptl_crystal.F_000                 ? 
_exptl_crystal.preparation           ? 
# 
_exptl_crystal_grow.crystal_id      1 
_exptl_crystal_grow.method          'VAPOR DIFFUSION, HANGING DROP' 
_exptl_crystal_grow.temp            280 
_exptl_crystal_grow.temp_details    ? 
_exptl_crystal_grow.pH              8 
_exptl_crystal_grow.pdbx_details    
'MPD, cacodylate, DTT, magnesium chloride, pH 8, VAPOR DIFFUSION, HANGING DROP, temperature 280K' 
_exptl_crystal_grow.pdbx_pH_range   . 
# 
_diffrn.id                     1 
_diffrn.ambient_temp           100 
_diffrn.ambient_temp_details   ? 
_diffrn.crystal_id             1 
# 
_diffrn_detector.diffrn_id              1 
_diffrn_detector.detector               CCD 
_diffrn_detector.type                   MARRESEARCH 
_diffrn_detector.pdbx_collection_date   2002-07-11 
_diffrn_detector.details                ? 
# 
_diffrn_radiation.diffrn_id                        1 
_diffrn_radiation.wavelength_id                    1 
_diffrn_radiation.pdbx_monochromatic_or_laue_m_l   M 
_diffrn_radiation.monochromator                    ? 
_diffrn_radiation.pdbx_diffrn_protocol             'SINGLE WAVELENGTH' 
_diffrn_radiation.pdbx_scattering_type             x-ray 
# 
_diffrn_radiation_wavelength.id           1 
_diffrn_radiation_wavelength.wavelength   0.934 
_diffrn_radiation_wavelength.wt           1.0 
# 
_diffrn_source.diffrn_id                   1 
_diffrn_source.source                      SYNCHROTRON 
_diffrn_source.type                        'ESRF BEAMLINE ID14-1' 
_diffrn_source.pdbx_synchrotron_site       ESRF 
_diffrn_source.pdbx_synchrotron_beamline   ID14-1 
_diffrn_source.pdbx_wavelength             ? 
_diffrn_source.pdbx_wavelength_list        0.934 
# 
_reflns.entry_id                     1YTQ 
_reflns.observed_criterion_sigma_F   1 
_reflns.observed_criterion_sigma_I   1 
_reflns.d_resolution_high            1.7 
_reflns.d_resolution_low             34.4 
_reflns.number_all                   36271 
_reflns.number_obs                   35758 
_reflns.percent_possible_obs         95.2 
_reflns.pdbx_Rmerge_I_obs            ? 
_reflns.pdbx_Rsym_value              ? 
_reflns.pdbx_netI_over_sigmaI        ? 
_reflns.B_iso_Wilson_estimate        ? 
_reflns.pdbx_redundancy              ? 
_reflns.R_free_details               ? 
_reflns.limit_h_max                  ? 
_reflns.limit_h_min                  ? 
_reflns.limit_k_max                  ? 
_reflns.limit_k_min                  ? 
_reflns.limit_l_max                  ? 
_reflns.limit_l_min                  ? 
_reflns.observed_criterion_F_max     ? 
_reflns.observed_criterion_F_min     ? 
_reflns.pdbx_chi_squared             ? 
_reflns.pdbx_scaling_rejects         ? 
_reflns.pdbx_ordinal                 1 
_reflns.pdbx_diffrn_id               1 
# 
_reflns_shell.d_res_high             1.7 
_reflns_shell.d_res_low              34.4 
_reflns_shell.percent_possible_all   95.5 
_reflns_shell.Rmerge_I_obs           ? 
_reflns_shell.pdbx_Rsym_value        ? 
_reflns_shell.meanI_over_sigI_obs    ? 
_reflns_shell.pdbx_redundancy        ? 
_reflns_shell.percent_possible_obs   ? 
_reflns_shell.number_unique_all      ? 
_reflns_shell.number_measured_all    ? 
_reflns_shell.number_measured_obs    ? 
_reflns_shell.number_unique_obs      ? 
_reflns_shell.pdbx_chi_squared       ? 
_reflns_shell.pdbx_ordinal           1 
_reflns_shell.pdbx_diffrn_id         1 
# 
_refine.entry_id                                 1YTQ 
_refine.ls_number_reflns_obs                     34402 
_refine.ls_number_reflns_all                     ? 
_refine.pdbx_ls_sigma_I                          ? 
_refine.pdbx_ls_sigma_F                          ? 
_refine.pdbx_data_cutoff_high_absF               ? 
_refine.pdbx_data_cutoff_low_absF                ? 
_refine.pdbx_data_cutoff_high_rms_absF           ? 
_refine.ls_d_res_low                             34.40 
_refine.ls_d_res_high                            1.70 
_refine.ls_percent_reflns_obs                    95.18 
_refine.ls_R_factor_obs                          0.18067 
_refine.ls_R_factor_all                          ? 
_refine.ls_R_factor_R_work                       0.17971 
_refine.ls_R_factor_R_free                       0.19849 
_refine.ls_R_factor_R_free_error                 ? 
_refine.ls_R_factor_R_free_error_details         ? 
_refine.ls_percent_reflns_R_free                 5.0 
_refine.ls_number_reflns_R_free                  1814 
_refine.ls_number_parameters                     ? 
_refine.ls_number_restraints                     ? 
_refine.occupancy_min                            ? 
_refine.occupancy_max                            ? 
_refine.correlation_coeff_Fo_to_Fc               0.957 
_refine.correlation_coeff_Fo_to_Fc_free          0.949 
_refine.B_iso_mean                               17.388 
_refine.aniso_B[1][1]                            -0.01 
_refine.aniso_B[2][2]                            0.02 
_refine.aniso_B[3][3]                            -0.01 
_refine.aniso_B[1][2]                            0.00 
_refine.aniso_B[1][3]                            0.00 
_refine.aniso_B[2][3]                            0.00 
_refine.solvent_model_details                    'BABINET MODEL WITH MASK' 
_refine.solvent_model_param_ksol                 ? 
_refine.solvent_model_param_bsol                 ? 
_refine.pdbx_solvent_vdw_probe_radii             1.20 
_refine.pdbx_solvent_ion_probe_radii             0.80 
_refine.pdbx_solvent_shrinkage_radii             0.80 
_refine.pdbx_ls_cross_valid_method               THROUGHOUT 
_refine.details                                  ? 
_refine.pdbx_starting_model                      ? 
_refine.pdbx_method_to_determine_struct          'MOLECULAR REPLACEMENT' 
_refine.pdbx_isotropic_thermal_model             ? 
_refine.pdbx_stereochemistry_target_values       'MAXIMUM LIKELIHOOD' 
_refine.pdbx_stereochem_target_val_spec_case     ? 
_refine.pdbx_R_Free_selection_details            RANDOM 
_refine.pdbx_overall_ESU_R                       0.079 
_refine.pdbx_overall_ESU_R_Free                  0.078 
_refine.overall_SU_ML                            0.045 
_refine.overall_SU_B                             1.311 
_refine.ls_redundancy_reflns_obs                 ? 
_refine.B_iso_min                                ? 
_refine.B_iso_max                                ? 
_refine.overall_SU_R_Cruickshank_DPI             ? 
_refine.overall_SU_R_free                        ? 
_refine.ls_wR_factor_R_free                      ? 
_refine.ls_wR_factor_R_work                      ? 
_refine.overall_FOM_free_R_set                   ? 
_refine.overall_FOM_work_R_set                   ? 
_refine.pdbx_overall_phase_error                 ? 
_refine.pdbx_refine_id                           'X-RAY DIFFRACTION' 
_refine.pdbx_diffrn_id                           1 
_refine.pdbx_TLS_residual_ADP_flag               ? 
_refine.pdbx_overall_SU_R_free_Cruickshank_DPI   ? 
_refine.pdbx_overall_SU_R_Blow_DPI               ? 
_refine.pdbx_overall_SU_R_free_Blow_DPI          ? 
# 
_refine_hist.pdbx_refine_id                   'X-RAY DIFFRACTION' 
_refine_hist.cycle_id                         LAST 
_refine_hist.pdbx_number_atoms_protein        1469 
_refine_hist.pdbx_number_atoms_nucleic_acid   0 
_refine_hist.pdbx_number_atoms_ligand         0 
_refine_hist.number_atoms_solvent             206 
_refine_hist.number_atoms_total               1675 
_refine_hist.d_res_high                       1.70 
_refine_hist.d_res_low                        34.40 
# 
loop_
_refine_ls_restr.type 
_refine_ls_restr.dev_ideal 
_refine_ls_restr.dev_ideal_target 
_refine_ls_restr.weight 
_refine_ls_restr.number 
_refine_ls_restr.pdbx_refine_id 
_refine_ls_restr.pdbx_restraint_function 
r_bond_refined_d         0.012  0.022  ? 1535 'X-RAY DIFFRACTION' ? 
r_bond_other_d           0.001  0.020  ? 1306 'X-RAY DIFFRACTION' ? 
r_angle_refined_deg      1.434  1.935  ? 2078 'X-RAY DIFFRACTION' ? 
r_angle_other_deg        0.776  3.000  ? 3076 'X-RAY DIFFRACTION' ? 
r_dihedral_angle_1_deg   6.732  5.000  ? 180  'X-RAY DIFFRACTION' ? 
r_dihedral_angle_2_deg   35.594 24.643 ? 84   'X-RAY DIFFRACTION' ? 
r_dihedral_angle_3_deg   12.358 15.000 ? 264  'X-RAY DIFFRACTION' ? 
r_dihedral_angle_4_deg   15.469 15.000 ? 9    'X-RAY DIFFRACTION' ? 
r_chiral_restr           0.083  0.200  ? 207  'X-RAY DIFFRACTION' ? 
r_gen_planes_refined     0.006  0.020  ? 1715 'X-RAY DIFFRACTION' ? 
r_gen_planes_other       0.001  0.020  ? 313  'X-RAY DIFFRACTION' ? 
r_nbd_refined            0.194  0.200  ? 270  'X-RAY DIFFRACTION' ? 
r_nbd_other              0.195  0.200  ? 1375 'X-RAY DIFFRACTION' ? 
r_nbtor_refined          0.180  0.200  ? 725  'X-RAY DIFFRACTION' ? 
r_nbtor_other            0.088  0.200  ? 839  'X-RAY DIFFRACTION' ? 
r_xyhbond_nbd_refined    0.215  0.200  ? 172  'X-RAY DIFFRACTION' ? 
r_symmetry_vdw_refined   0.151  0.200  ? 18   'X-RAY DIFFRACTION' ? 
r_symmetry_vdw_other     0.315  0.200  ? 79   'X-RAY DIFFRACTION' ? 
r_symmetry_hbond_refined 0.193  0.200  ? 33   'X-RAY DIFFRACTION' ? 
r_mcbond_it              1.325  1.500  ? 1176 'X-RAY DIFFRACTION' ? 
r_mcbond_other           0.198  1.500  ? 369  'X-RAY DIFFRACTION' ? 
r_mcangle_it             1.464  2.000  ? 1467 'X-RAY DIFFRACTION' ? 
r_scbond_it              2.416  3.000  ? 758  'X-RAY DIFFRACTION' ? 
r_scangle_it             3.379  4.500  ? 611  'X-RAY DIFFRACTION' ? 
# 
_refine_ls_shell.pdbx_total_number_of_bins_used   20 
_refine_ls_shell.d_res_high                       1.700 
_refine_ls_shell.d_res_low                        1.744 
_refine_ls_shell.number_reflns_R_work             1930 
_refine_ls_shell.R_factor_R_work                  0.208 
_refine_ls_shell.percent_reflns_obs               73.63 
_refine_ls_shell.R_factor_R_free                  0.229 
_refine_ls_shell.R_factor_R_free_error            ? 
_refine_ls_shell.percent_reflns_R_free            ? 
_refine_ls_shell.number_reflns_R_free             103 
_refine_ls_shell.number_reflns_obs                ? 
_refine_ls_shell.redundancy_reflns_obs            ? 
_refine_ls_shell.number_reflns_all                ? 
_refine_ls_shell.R_factor_all                     ? 
_refine_ls_shell.pdbx_refine_id                   'X-RAY DIFFRACTION' 
# 
_struct.entry_id                  1YTQ 
_struct.title                     'Structure of Native Human Beta B2 Crystallin' 
_struct.pdbx_model_details        ? 
_struct.pdbx_CASP_flag            ? 
_struct.pdbx_model_type_details   ? 
# 
_struct_keywords.entry_id        1YTQ 
_struct_keywords.pdbx_keywords   'STRUCTURAL PROTEIN' 
_struct_keywords.text            'Crystallin, Domain Swapping, greek key, Structural Protein' 
# 
loop_
_struct_asym.id 
_struct_asym.pdbx_blank_PDB_chainid_flag 
_struct_asym.pdbx_modified 
_struct_asym.entity_id 
_struct_asym.details 
A N N 1 ? 
B N N 2 ? 
# 
_struct_ref.id                         1 
_struct_ref.db_name                    UNP 
_struct_ref.db_code                    CRB2_HUMAN 
_struct_ref.pdbx_db_accession          P43320 
_struct_ref.entity_id                  1 
_struct_ref.pdbx_seq_one_letter_code   
;ASDHQTQAGKPQSLNPKIIIFEQENFQGHSHELNGPCPNLKETGVEKAGSVLVQAGPWVGYEQANCKGEQFVFEKGEYPR
WDSWTSSRRTDSLSSLRPIKVDSQEHKIILYENPNFTGKKMEIIDDDVPSFHAHGYQEKVSSVRVQSGTWVGYQYPGYRG
LQYLLEKGDYKDSSDFGAPHPQVQSVRRIRDMQWHQRGAFHPSN
;
_struct_ref.pdbx_align_begin           1 
_struct_ref.pdbx_db_isoform            ? 
# 
_struct_ref_seq.align_id                      1 
_struct_ref_seq.ref_id                        1 
_struct_ref_seq.pdbx_PDB_id_code              1YTQ 
_struct_ref_seq.pdbx_strand_id                A 
_struct_ref_seq.seq_align_beg                 1 
_struct_ref_seq.pdbx_seq_align_beg_ins_code   ? 
_struct_ref_seq.seq_align_end                 204 
_struct_ref_seq.pdbx_seq_align_end_ins_code   ? 
_struct_ref_seq.pdbx_db_accession             P43320 
_struct_ref_seq.db_align_beg                  1 
_struct_ref_seq.pdbx_db_align_beg_ins_code    ? 
_struct_ref_seq.db_align_end                  204 
_struct_ref_seq.pdbx_db_align_end_ins_code    ? 
_struct_ref_seq.pdbx_auth_seq_align_beg       1 
_struct_ref_seq.pdbx_auth_seq_align_end       204 
# 
loop_
_pdbx_struct_assembly.id 
_pdbx_struct_assembly.details 
_pdbx_struct_assembly.method_details 
_pdbx_struct_assembly.oligomeric_details 
_pdbx_struct_assembly.oligomeric_count 
1 author_defined_assembly              ?    monomeric  1 
2 author_and_software_defined_assembly PISA dimeric    2 
3 author_and_software_defined_assembly PQS  tetrameric 4 
# 
loop_
_pdbx_struct_assembly_prop.biol_id 
_pdbx_struct_assembly_prop.type 
_pdbx_struct_assembly_prop.value 
_pdbx_struct_assembly_prop.details 
2 'ABSA (A^2)' 3880  ? 
2 MORE         -14   ? 
2 'SSA (A^2)'  17120 ? 
# 
loop_
_pdbx_struct_assembly_gen.assembly_id 
_pdbx_struct_assembly_gen.oper_expression 
_pdbx_struct_assembly_gen.asym_id_list 
1 1       A,B 
2 1,2     A,B 
3 1,3,4,2 A,B 
# 
loop_
_pdbx_struct_oper_list.id 
_pdbx_struct_oper_list.type 
_pdbx_struct_oper_list.name 
_pdbx_struct_oper_list.symmetry_operation 
_pdbx_struct_oper_list.matrix[1][1] 
_pdbx_struct_oper_list.matrix[1][2] 
_pdbx_struct_oper_list.matrix[1][3] 
_pdbx_struct_oper_list.vector[1] 
_pdbx_struct_oper_list.matrix[2][1] 
_pdbx_struct_oper_list.matrix[2][2] 
_pdbx_struct_oper_list.matrix[2][3] 
_pdbx_struct_oper_list.vector[2] 
_pdbx_struct_oper_list.matrix[3][1] 
_pdbx_struct_oper_list.matrix[3][2] 
_pdbx_struct_oper_list.matrix[3][3] 
_pdbx_struct_oper_list.vector[3] 
1 'identity operation'         1_555 x,y,z   1.0000000000  0.0000000000  0.0000000000  0.0000000000   0.0000000000  1.0000000000  0.0000000000  0.0000000000   0.0000000000  0.0000000000  1.0000000000  0.0000000000   
2 'crystal symmetry operation' 4_555 x,-y,-z -0.9999979159 0.0018373192  0.0008901882  -4.0495882236  0.0018373192  0.6197673380  0.7847834549  9.6090798073   0.0008901882  0.7847834549  -0.6197694221 -19.8233450736 
3 'crystal symmetry operation' 2_555 -x,-y,z 0.7495444918  -0.2902329095 0.5949352175  6.7612324210   -0.2902329095 -0.9518531011 -0.0986941344 -12.3637260699 0.5949352175  -0.0986941344 -0.7976913907 -25.9144805600 
4 'crystal symmetry operation' 3_555 -x,y,-z -0.7495465759 0.2883955902  -0.5958254057 -10.8565914296 0.2883955902  -0.6679142369 -0.6860893205 -18.3783868290 -0.5958254057 -0.6860893205 0.4174608128  -13.4591713243 
# 
_struct_biol.id                    1 
_struct_biol.pdbx_parent_biol_id   ? 
_struct_biol.details               ? 
# 
loop_
_struct_conf.conf_type_id 
_struct_conf.id 
_struct_conf.pdbx_PDB_helix_id 
_struct_conf.beg_label_comp_id 
_struct_conf.beg_label_asym_id 
_struct_conf.beg_label_seq_id 
_struct_conf.pdbx_beg_PDB_ins_code 
_struct_conf.end_label_comp_id 
_struct_conf.end_label_asym_id 
_struct_conf.end_label_seq_id 
_struct_conf.pdbx_end_PDB_ins_code 
_struct_conf.beg_auth_comp_id 
_struct_conf.beg_auth_asym_id 
_struct_conf.beg_auth_seq_id 
_struct_conf.end_auth_comp_id 
_struct_conf.end_auth_asym_id 
_struct_conf.end_auth_seq_id 
_struct_conf.pdbx_PDB_helix_class 
_struct_conf.details 
_struct_conf.pdbx_PDB_helix_length 
HELX_P HELX_P1 1 ASN A 39  ? GLY A 44  ? ASN A 39  GLY A 44  5 ? 6 
HELX_P HELX_P2 2 ARG A 80  ? TRP A 84  ? ARG A 80  TRP A 84  5 ? 5 
HELX_P HELX_P3 3 PHE A 131 ? GLY A 135 ? PHE A 131 GLY A 135 5 ? 5 
HELX_P HELX_P4 4 ASP A 172 ? GLY A 177 ? ASP A 172 GLY A 177 5 ? 6 
# 
_struct_conf_type.id          HELX_P 
_struct_conf_type.criteria    ? 
_struct_conf_type.reference   ? 
# 
_struct_mon_prot_cis.pdbx_id                1 
_struct_mon_prot_cis.label_comp_id          GLY 
_struct_mon_prot_cis.label_seq_id           56 
_struct_mon_prot_cis.label_asym_id          A 
_struct_mon_prot_cis.label_alt_id           . 
_struct_mon_prot_cis.pdbx_PDB_ins_code      ? 
_struct_mon_prot_cis.auth_comp_id           GLY 
_struct_mon_prot_cis.auth_seq_id            56 
_struct_mon_prot_cis.auth_asym_id           A 
_struct_mon_prot_cis.pdbx_label_comp_id_2   PRO 
_struct_mon_prot_cis.pdbx_label_seq_id_2    57 
_struct_mon_prot_cis.pdbx_label_asym_id_2   A 
_struct_mon_prot_cis.pdbx_PDB_ins_code_2    ? 
_struct_mon_prot_cis.pdbx_auth_comp_id_2    PRO 
_struct_mon_prot_cis.pdbx_auth_seq_id_2     57 
_struct_mon_prot_cis.pdbx_auth_asym_id_2    A 
_struct_mon_prot_cis.pdbx_PDB_model_num     1 
_struct_mon_prot_cis.pdbx_omega_angle       1.58 
# 
loop_
_struct_sheet.id 
_struct_sheet.type 
_struct_sheet.number_strands 
_struct_sheet.details 
A ? 4 ? 
B ? 3 ? 
C ? 4 ? 
D ? 3 ? 
# 
loop_
_struct_sheet_order.sheet_id 
_struct_sheet_order.range_id_1 
_struct_sheet_order.range_id_2 
_struct_sheet_order.offset 
_struct_sheet_order.sense 
A 1 2 ? anti-parallel 
A 2 3 ? anti-parallel 
A 3 4 ? anti-parallel 
B 1 2 ? anti-parallel 
B 2 3 ? anti-parallel 
C 1 2 ? anti-parallel 
C 2 3 ? anti-parallel 
C 3 4 ? anti-parallel 
D 1 2 ? anti-parallel 
D 2 3 ? anti-parallel 
# 
loop_
_struct_sheet_range.sheet_id 
_struct_sheet_range.id 
_struct_sheet_range.beg_label_comp_id 
_struct_sheet_range.beg_label_asym_id 
_struct_sheet_range.beg_label_seq_id 
_struct_sheet_range.pdbx_beg_PDB_ins_code 
_struct_sheet_range.end_label_comp_id 
_struct_sheet_range.end_label_asym_id 
_struct_sheet_range.end_label_seq_id 
_struct_sheet_range.pdbx_end_PDB_ins_code 
_struct_sheet_range.beg_auth_comp_id 
_struct_sheet_range.beg_auth_asym_id 
_struct_sheet_range.beg_auth_seq_id 
_struct_sheet_range.end_auth_comp_id 
_struct_sheet_range.end_auth_asym_id 
_struct_sheet_range.end_auth_seq_id 
A 1 SER A 30  ? LEU A 33  ? SER A 30  LEU A 33  
A 2 LYS A 17  ? PHE A 21  ? LYS A 17  PHE A 21  
A 3 SER A 50  ? ALA A 55  ? SER A 50  ALA A 55  
A 4 GLY A 76  ? TYR A 78  ? GLY A 76  TYR A 78  
B 1 LYS A 67  ? PHE A 73  ? LYS A 67  PHE A 73  
B 2 TRP A 58  ? GLN A 63  ? TRP A 58  GLN A 63  
B 3 SER A 95  ? PRO A 98  ? SER A 95  PRO A 98  
C 1 THR A 117 ? ILE A 124 ? THR A 117 ILE A 124 
C 2 LYS A 107 ? ASN A 113 ? LYS A 107 ASN A 113 
C 3 SER A 142 ? VAL A 145 ? SER A 142 VAL A 145 
C 4 GLY A 168 ? TYR A 170 ? GLY A 168 TYR A 170 
D 1 ARG A 159 ? LEU A 165 ? ARG A 159 LEU A 165 
D 2 TRP A 150 ? TYR A 155 ? TRP A 150 TYR A 155 
D 3 SER A 185 ? ARG A 188 ? SER A 185 ARG A 188 
# 
loop_
_pdbx_struct_sheet_hbond.sheet_id 
_pdbx_struct_sheet_hbond.range_id_1 
_pdbx_struct_sheet_hbond.range_id_2 
_pdbx_struct_sheet_hbond.range_1_label_atom_id 
_pdbx_struct_sheet_hbond.range_1_label_comp_id 
_pdbx_struct_sheet_hbond.range_1_label_asym_id 
_pdbx_struct_sheet_hbond.range_1_label_seq_id 
_pdbx_struct_sheet_hbond.range_1_PDB_ins_code 
_pdbx_struct_sheet_hbond.range_1_auth_atom_id 
_pdbx_struct_sheet_hbond.range_1_auth_comp_id 
_pdbx_struct_sheet_hbond.range_1_auth_asym_id 
_pdbx_struct_sheet_hbond.range_1_auth_seq_id 
_pdbx_struct_sheet_hbond.range_2_label_atom_id 
_pdbx_struct_sheet_hbond.range_2_label_comp_id 
_pdbx_struct_sheet_hbond.range_2_label_asym_id 
_pdbx_struct_sheet_hbond.range_2_label_seq_id 
_pdbx_struct_sheet_hbond.range_2_PDB_ins_code 
_pdbx_struct_sheet_hbond.range_2_auth_atom_id 
_pdbx_struct_sheet_hbond.range_2_auth_comp_id 
_pdbx_struct_sheet_hbond.range_2_auth_asym_id 
_pdbx_struct_sheet_hbond.range_2_auth_seq_id 
A 1 2 O LEU A 33  ? O LEU A 33  N ILE A 18  ? N ILE A 18  
A 2 3 N ILE A 19  ? N ILE A 19  O LEU A 52  ? O LEU A 52  
A 3 4 N VAL A 51  ? N VAL A 51  O TYR A 78  ? O TYR A 78  
B 1 2 O PHE A 71  ? O PHE A 71  N GLY A 60  ? N GLY A 60  
B 2 3 N TYR A 61  ? N TYR A 61  O SER A 95  ? O SER A 95  
C 1 2 O ILE A 123 ? O ILE A 123 N ILE A 108 ? N ILE A 108 
C 2 3 N TYR A 111 ? N TYR A 111 O SER A 142 ? O SER A 142 
C 3 4 N VAL A 143 ? N VAL A 143 O TYR A 170 ? O TYR A 170 
D 1 2 O TYR A 163 ? O TYR A 163 N GLY A 152 ? N GLY A 152 
D 2 3 N TYR A 153 ? N TYR A 153 O SER A 185 ? O SER A 185 
# 
loop_
_pdbx_validate_close_contact.id 
_pdbx_validate_close_contact.PDB_model_num 
_pdbx_validate_close_contact.auth_atom_id_1 
_pdbx_validate_close_contact.auth_asym_id_1 
_pdbx_validate_close_contact.auth_comp_id_1 
_pdbx_validate_close_contact.auth_seq_id_1 
_pdbx_validate_close_contact.PDB_ins_code_1 
_pdbx_validate_close_contact.label_alt_id_1 
_pdbx_validate_close_contact.auth_atom_id_2 
_pdbx_validate_close_contact.auth_asym_id_2 
_pdbx_validate_close_contact.auth_comp_id_2 
_pdbx_validate_close_contact.auth_seq_id_2 
_pdbx_validate_close_contact.PDB_ins_code_2 
_pdbx_validate_close_contact.label_alt_id_2 
_pdbx_validate_close_contact.dist 
1 1 N A THR 90 ? ? O A HOH 398 ? ? 1.64 
2 1 N A ARG 89 ? ? O A HOH 398 ? ? 1.80 
# 
_pdbx_validate_torsion.id              1 
_pdbx_validate_torsion.PDB_model_num   1 
_pdbx_validate_torsion.auth_comp_id    ASP 
_pdbx_validate_torsion.auth_asym_id    A 
_pdbx_validate_torsion.auth_seq_id     125 
_pdbx_validate_torsion.PDB_ins_code    ? 
_pdbx_validate_torsion.label_alt_id    ? 
_pdbx_validate_torsion.phi             69.56 
_pdbx_validate_torsion.psi             -52.37 
# 
loop_
_pdbx_struct_special_symmetry.id 
_pdbx_struct_special_symmetry.PDB_model_num 
_pdbx_struct_special_symmetry.auth_asym_id 
_pdbx_struct_special_symmetry.auth_comp_id 
_pdbx_struct_special_symmetry.auth_seq_id 
_pdbx_struct_special_symmetry.PDB_ins_code 
_pdbx_struct_special_symmetry.label_asym_id 
_pdbx_struct_special_symmetry.label_comp_id 
_pdbx_struct_special_symmetry.label_seq_id 
1 1 A HOH 207 ? B HOH . 
2 1 A HOH 307 ? B HOH . 
# 
loop_
_pdbx_unobs_or_zero_occ_residues.id 
_pdbx_unobs_or_zero_occ_residues.PDB_model_num 
_pdbx_unobs_or_zero_occ_residues.polymer_flag 
_pdbx_unobs_or_zero_occ_residues.occupancy_flag 
_pdbx_unobs_or_zero_occ_residues.auth_asym_id 
_pdbx_unobs_or_zero_occ_residues.auth_comp_id 
_pdbx_unobs_or_zero_occ_residues.auth_seq_id 
_pdbx_unobs_or_zero_occ_residues.PDB_ins_code 
_pdbx_unobs_or_zero_occ_residues.label_asym_id 
_pdbx_unobs_or_zero_occ_residues.label_comp_id 
_pdbx_unobs_or_zero_occ_residues.label_seq_id 
1  1 Y 1 A ALA 1   ? A ALA 1   
2  1 Y 1 A SER 2   ? A SER 2   
3  1 Y 1 A ASP 3   ? A ASP 3   
4  1 Y 1 A HIS 4   ? A HIS 4   
5  1 Y 1 A GLN 5   ? A GLN 5   
6  1 Y 1 A THR 6   ? A THR 6   
7  1 Y 1 A GLN 7   ? A GLN 7   
8  1 Y 1 A ALA 8   ? A ALA 8   
9  1 Y 1 A GLY 9   ? A GLY 9   
10 1 Y 1 A LYS 10  ? A LYS 10  
11 1 Y 1 A PRO 11  ? A PRO 11  
12 1 Y 1 A GLN 12  ? A GLN 12  
13 1 Y 1 A SER 13  ? A SER 13  
14 1 Y 1 A HIS 195 ? A HIS 195 
15 1 Y 1 A GLN 196 ? A GLN 196 
16 1 Y 1 A ARG 197 ? A ARG 197 
17 1 Y 1 A GLY 198 ? A GLY 198 
18 1 Y 1 A ALA 199 ? A ALA 199 
19 1 Y 1 A PHE 200 ? A PHE 200 
20 1 Y 1 A HIS 201 ? A HIS 201 
21 1 Y 1 A PRO 202 ? A PRO 202 
22 1 Y 1 A SER 203 ? A SER 203 
23 1 Y 1 A ASN 204 ? A ASN 204 
# 
loop_
_chem_comp_atom.comp_id 
_chem_comp_atom.atom_id 
_chem_comp_atom.type_symbol 
_chem_comp_atom.pdbx_aromatic_flag 
_chem_comp_atom.pdbx_stereo_config 
_chem_comp_atom.pdbx_ordinal 
ALA N    N N N 1   
ALA CA   C N S 2   
ALA C    C N N 3   
ALA O    O N N 4   
ALA CB   C N N 5   
ALA OXT  O N N 6   
ALA H    H N N 7   
ALA H2   H N N 8   
ALA HA   H N N 9   
ALA HB1  H N N 10  
ALA HB2  H N N 11  
ALA HB3  H N N 12  
ALA HXT  H N N 13  
ARG N    N N N 14  
ARG CA   C N S 15  
ARG C    C N N 16  
ARG O    O N N 17  
ARG CB   C N N 18  
ARG CG   C N N 19  
ARG CD   C N N 20  
ARG NE   N N N 21  
ARG CZ   C N N 22  
ARG NH1  N N N 23  
ARG NH2  N N N 24  
ARG OXT  O N N 25  
ARG H    H N N 26  
ARG H2   H N N 27  
ARG HA   H N N 28  
ARG HB2  H N N 29  
ARG HB3  H N N 30  
ARG HG2  H N N 31  
ARG HG3  H N N 32  
ARG HD2  H N N 33  
ARG HD3  H N N 34  
ARG HE   H N N 35  
ARG HH11 H N N 36  
ARG HH12 H N N 37  
ARG HH21 H N N 38  
ARG HH22 H N N 39  
ARG HXT  H N N 40  
ASN N    N N N 41  
ASN CA   C N S 42  
ASN C    C N N 43  
ASN O    O N N 44  
ASN CB   C N N 45  
ASN CG   C N N 46  
ASN OD1  O N N 47  
ASN ND2  N N N 48  
ASN OXT  O N N 49  
ASN H    H N N 50  
ASN H2   H N N 51  
ASN HA   H N N 52  
ASN HB2  H N N 53  
ASN HB3  H N N 54  
ASN HD21 H N N 55  
ASN HD22 H N N 56  
ASN HXT  H N N 57  
ASP N    N N N 58  
ASP CA   C N S 59  
ASP C    C N N 60  
ASP O    O N N 61  
ASP CB   C N N 62  
ASP CG   C N N 63  
ASP OD1  O N N 64  
ASP OD2  O N N 65  
ASP OXT  O N N 66  
ASP H    H N N 67  
ASP H2   H N N 68  
ASP HA   H N N 69  
ASP HB2  H N N 70  
ASP HB3  H N N 71  
ASP HD2  H N N 72  
ASP HXT  H N N 73  
CYS N    N N N 74  
CYS CA   C N R 75  
CYS C    C N N 76  
CYS O    O N N 77  
CYS CB   C N N 78  
CYS SG   S N N 79  
CYS OXT  O N N 80  
CYS H    H N N 81  
CYS H2   H N N 82  
CYS HA   H N N 83  
CYS HB2  H N N 84  
CYS HB3  H N N 85  
CYS HG   H N N 86  
CYS HXT  H N N 87  
GLN N    N N N 88  
GLN CA   C N S 89  
GLN C    C N N 90  
GLN O    O N N 91  
GLN CB   C N N 92  
GLN CG   C N N 93  
GLN CD   C N N 94  
GLN OE1  O N N 95  
GLN NE2  N N N 96  
GLN OXT  O N N 97  
GLN H    H N N 98  
GLN H2   H N N 99  
GLN HA   H N N 100 
GLN HB2  H N N 101 
GLN HB3  H N N 102 
GLN HG2  H N N 103 
GLN HG3  H N N 104 
GLN HE21 H N N 105 
GLN HE22 H N N 106 
GLN HXT  H N N 107 
GLU N    N N N 108 
GLU CA   C N S 109 
GLU C    C N N 110 
GLU O    O N N 111 
GLU CB   C N N 112 
GLU CG   C N N 113 
GLU CD   C N N 114 
GLU OE1  O N N 115 
GLU OE2  O N N 116 
GLU OXT  O N N 117 
GLU H    H N N 118 
GLU H2   H N N 119 
GLU HA   H N N 120 
GLU HB2  H N N 121 
GLU HB3  H N N 122 
GLU HG2  H N N 123 
GLU HG3  H N N 124 
GLU HE2  H N N 125 
GLU HXT  H N N 126 
GLY N    N N N 127 
GLY CA   C N N 128 
GLY C    C N N 129 
GLY O    O N N 130 
GLY OXT  O N N 131 
GLY H    H N N 132 
GLY H2   H N N 133 
GLY HA2  H N N 134 
GLY HA3  H N N 135 
GLY HXT  H N N 136 
HIS N    N N N 137 
HIS CA   C N S 138 
HIS C    C N N 139 
HIS O    O N N 140 
HIS CB   C N N 141 
HIS CG   C Y N 142 
HIS ND1  N Y N 143 
HIS CD2  C Y N 144 
HIS CE1  C Y N 145 
HIS NE2  N Y N 146 
HIS OXT  O N N 147 
HIS H    H N N 148 
HIS H2   H N N 149 
HIS HA   H N N 150 
HIS HB2  H N N 151 
HIS HB3  H N N 152 
HIS HD1  H N N 153 
HIS HD2  H N N 154 
HIS HE1  H N N 155 
HIS HE2  H N N 156 
HIS HXT  H N N 157 
HOH O    O N N 158 
HOH H1   H N N 159 
HOH H2   H N N 160 
ILE N    N N N 161 
ILE CA   C N S 162 
ILE C    C N N 163 
ILE O    O N N 164 
ILE CB   C N S 165 
ILE CG1  C N N 166 
ILE CG2  C N N 167 
ILE CD1  C N N 168 
ILE OXT  O N N 169 
ILE H    H N N 170 
ILE H2   H N N 171 
ILE HA   H N N 172 
ILE HB   H N N 173 
ILE HG12 H N N 174 
ILE HG13 H N N 175 
ILE HG21 H N N 176 
ILE HG22 H N N 177 
ILE HG23 H N N 178 
ILE HD11 H N N 179 
ILE HD12 H N N 180 
ILE HD13 H N N 181 
ILE HXT  H N N 182 
LEU N    N N N 183 
LEU CA   C N S 184 
LEU C    C N N 185 
LEU O    O N N 186 
LEU CB   C N N 187 
LEU CG   C N N 188 
LEU CD1  C N N 189 
LEU CD2  C N N 190 
LEU OXT  O N N 191 
LEU H    H N N 192 
LEU H2   H N N 193 
LEU HA   H N N 194 
LEU HB2  H N N 195 
LEU HB3  H N N 196 
LEU HG   H N N 197 
LEU HD11 H N N 198 
LEU HD12 H N N 199 
LEU HD13 H N N 200 
LEU HD21 H N N 201 
LEU HD22 H N N 202 
LEU HD23 H N N 203 
LEU HXT  H N N 204 
LYS N    N N N 205 
LYS CA   C N S 206 
LYS C    C N N 207 
LYS O    O N N 208 
LYS CB   C N N 209 
LYS CG   C N N 210 
LYS CD   C N N 211 
LYS CE   C N N 212 
LYS NZ   N N N 213 
LYS OXT  O N N 214 
LYS H    H N N 215 
LYS H2   H N N 216 
LYS HA   H N N 217 
LYS HB2  H N N 218 
LYS HB3  H N N 219 
LYS HG2  H N N 220 
LYS HG3  H N N 221 
LYS HD2  H N N 222 
LYS HD3  H N N 223 
LYS HE2  H N N 224 
LYS HE3  H N N 225 
LYS HZ1  H N N 226 
LYS HZ2  H N N 227 
LYS HZ3  H N N 228 
LYS HXT  H N N 229 
MET N    N N N 230 
MET CA   C N S 231 
MET C    C N N 232 
MET O    O N N 233 
MET CB   C N N 234 
MET CG   C N N 235 
MET SD   S N N 236 
MET CE   C N N 237 
MET OXT  O N N 238 
MET H    H N N 239 
MET H2   H N N 240 
MET HA   H N N 241 
MET HB2  H N N 242 
MET HB3  H N N 243 
MET HG2  H N N 244 
MET HG3  H N N 245 
MET HE1  H N N 246 
MET HE2  H N N 247 
MET HE3  H N N 248 
MET HXT  H N N 249 
PHE N    N N N 250 
PHE CA   C N S 251 
PHE C    C N N 252 
PHE O    O N N 253 
PHE CB   C N N 254 
PHE CG   C Y N 255 
PHE CD1  C Y N 256 
PHE CD2  C Y N 257 
PHE CE1  C Y N 258 
PHE CE2  C Y N 259 
PHE CZ   C Y N 260 
PHE OXT  O N N 261 
PHE H    H N N 262 
PHE H2   H N N 263 
PHE HA   H N N 264 
PHE HB2  H N N 265 
PHE HB3  H N N 266 
PHE HD1  H N N 267 
PHE HD2  H N N 268 
PHE HE1  H N N 269 
PHE HE2  H N N 270 
PHE HZ   H N N 271 
PHE HXT  H N N 272 
PRO N    N N N 273 
PRO CA   C N S 274 
PRO C    C N N 275 
PRO O    O N N 276 
PRO CB   C N N 277 
PRO CG   C N N 278 
PRO CD   C N N 279 
PRO OXT  O N N 280 
PRO H    H N N 281 
PRO HA   H N N 282 
PRO HB2  H N N 283 
PRO HB3  H N N 284 
PRO HG2  H N N 285 
PRO HG3  H N N 286 
PRO HD2  H N N 287 
PRO HD3  H N N 288 
PRO HXT  H N N 289 
SER N    N N N 290 
SER CA   C N S 291 
SER C    C N N 292 
SER O    O N N 293 
SER CB   C N N 294 
SER OG   O N N 295 
SER OXT  O N N 296 
SER H    H N N 297 
SER H2   H N N 298 
SER HA   H N N 299 
SER HB2  H N N 300 
SER HB3  H N N 301 
SER HG   H N N 302 
SER HXT  H N N 303 
THR N    N N N 304 
THR CA   C N S 305 
THR C    C N N 306 
THR O    O N N 307 
THR CB   C N R 308 
THR OG1  O N N 309 
THR CG2  C N N 310 
THR OXT  O N N 311 
THR H    H N N 312 
THR H2   H N N 313 
THR HA   H N N 314 
THR HB   H N N 315 
THR HG1  H N N 316 
THR HG21 H N N 317 
THR HG22 H N N 318 
THR HG23 H N N 319 
THR HXT  H N N 320 
TRP N    N N N 321 
TRP CA   C N S 322 
TRP C    C N N 323 
TRP O    O N N 324 
TRP CB   C N N 325 
TRP CG   C Y N 326 
TRP CD1  C Y N 327 
TRP CD2  C Y N 328 
TRP NE1  N Y N 329 
TRP CE2  C Y N 330 
TRP CE3  C Y N 331 
TRP CZ2  C Y N 332 
TRP CZ3  C Y N 333 
TRP CH2  C Y N 334 
TRP OXT  O N N 335 
TRP H    H N N 336 
TRP H2   H N N 337 
TRP HA   H N N 338 
TRP HB2  H N N 339 
TRP HB3  H N N 340 
TRP HD1  H N N 341 
TRP HE1  H N N 342 
TRP HE3  H N N 343 
TRP HZ2  H N N 344 
TRP HZ3  H N N 345 
TRP HH2  H N N 346 
TRP HXT  H N N 347 
TYR N    N N N 348 
TYR CA   C N S 349 
TYR C    C N N 350 
TYR O    O N N 351 
TYR CB   C N N 352 
TYR CG   C Y N 353 
TYR CD1  C Y N 354 
TYR CD2  C Y N 355 
TYR CE1  C Y N 356 
TYR CE2  C Y N 357 
TYR CZ   C Y N 358 
TYR OH   O N N 359 
TYR OXT  O N N 360 
TYR H    H N N 361 
TYR H2   H N N 362 
TYR HA   H N N 363 
TYR HB2  H N N 364 
TYR HB3  H N N 365 
TYR HD1  H N N 366 
TYR HD2  H N N 367 
TYR HE1  H N N 368 
TYR HE2  H N N 369 
TYR HH   H N N 370 
TYR HXT  H N N 371 
VAL N    N N N 372 
VAL CA   C N S 373 
VAL C    C N N 374 
VAL O    O N N 375 
VAL CB   C N N 376 
VAL CG1  C N N 377 
VAL CG2  C N N 378 
VAL OXT  O N N 379 
VAL H    H N N 380 
VAL H2   H N N 381 
VAL HA   H N N 382 
VAL HB   H N N 383 
VAL HG11 H N N 384 
VAL HG12 H N N 385 
VAL HG13 H N N 386 
VAL HG21 H N N 387 
VAL HG22 H N N 388 
VAL HG23 H N N 389 
VAL HXT  H N N 390 
# 
loop_
_chem_comp_bond.comp_id 
_chem_comp_bond.atom_id_1 
_chem_comp_bond.atom_id_2 
_chem_comp_bond.value_order 
_chem_comp_bond.pdbx_aromatic_flag 
_chem_comp_bond.pdbx_stereo_config 
_chem_comp_bond.pdbx_ordinal 
ALA N   CA   sing N N 1   
ALA N   H    sing N N 2   
ALA N   H2   sing N N 3   
ALA CA  C    sing N N 4   
ALA CA  CB   sing N N 5   
ALA CA  HA   sing N N 6   
ALA C   O    doub N N 7   
ALA C   OXT  sing N N 8   
ALA CB  HB1  sing N N 9   
ALA CB  HB2  sing N N 10  
ALA CB  HB3  sing N N 11  
ALA OXT HXT  sing N N 12  
ARG N   CA   sing N N 13  
ARG N   H    sing N N 14  
ARG N   H2   sing N N 15  
ARG CA  C    sing N N 16  
ARG CA  CB   sing N N 17  
ARG CA  HA   sing N N 18  
ARG C   O    doub N N 19  
ARG C   OXT  sing N N 20  
ARG CB  CG   sing N N 21  
ARG CB  HB2  sing N N 22  
ARG CB  HB3  sing N N 23  
ARG CG  CD   sing N N 24  
ARG CG  HG2  sing N N 25  
ARG CG  HG3  sing N N 26  
ARG CD  NE   sing N N 27  
ARG CD  HD2  sing N N 28  
ARG CD  HD3  sing N N 29  
ARG NE  CZ   sing N N 30  
ARG NE  HE   sing N N 31  
ARG CZ  NH1  sing N N 32  
ARG CZ  NH2  doub N N 33  
ARG NH1 HH11 sing N N 34  
ARG NH1 HH12 sing N N 35  
ARG NH2 HH21 sing N N 36  
ARG NH2 HH22 sing N N 37  
ARG OXT HXT  sing N N 38  
ASN N   CA   sing N N 39  
ASN N   H    sing N N 40  
ASN N   H2   sing N N 41  
ASN CA  C    sing N N 42  
ASN CA  CB   sing N N 43  
ASN CA  HA   sing N N 44  
ASN C   O    doub N N 45  
ASN C   OXT  sing N N 46  
ASN CB  CG   sing N N 47  
ASN CB  HB2  sing N N 48  
ASN CB  HB3  sing N N 49  
ASN CG  OD1  doub N N 50  
ASN CG  ND2  sing N N 51  
ASN ND2 HD21 sing N N 52  
ASN ND2 HD22 sing N N 53  
ASN OXT HXT  sing N N 54  
ASP N   CA   sing N N 55  
ASP N   H    sing N N 56  
ASP N   H2   sing N N 57  
ASP CA  C    sing N N 58  
ASP CA  CB   sing N N 59  
ASP CA  HA   sing N N 60  
ASP C   O    doub N N 61  
ASP C   OXT  sing N N 62  
ASP CB  CG   sing N N 63  
ASP CB  HB2  sing N N 64  
ASP CB  HB3  sing N N 65  
ASP CG  OD1  doub N N 66  
ASP CG  OD2  sing N N 67  
ASP OD2 HD2  sing N N 68  
ASP OXT HXT  sing N N 69  
CYS N   CA   sing N N 70  
CYS N   H    sing N N 71  
CYS N   H2   sing N N 72  
CYS CA  C    sing N N 73  
CYS CA  CB   sing N N 74  
CYS CA  HA   sing N N 75  
CYS C   O    doub N N 76  
CYS C   OXT  sing N N 77  
CYS CB  SG   sing N N 78  
CYS CB  HB2  sing N N 79  
CYS CB  HB3  sing N N 80  
CYS SG  HG   sing N N 81  
CYS OXT HXT  sing N N 82  
GLN N   CA   sing N N 83  
GLN N   H    sing N N 84  
GLN N   H2   sing N N 85  
GLN CA  C    sing N N 86  
GLN CA  CB   sing N N 87  
GLN CA  HA   sing N N 88  
GLN C   O    doub N N 89  
GLN C   OXT  sing N N 90  
GLN CB  CG   sing N N 91  
GLN CB  HB2  sing N N 92  
GLN CB  HB3  sing N N 93  
GLN CG  CD   sing N N 94  
GLN CG  HG2  sing N N 95  
GLN CG  HG3  sing N N 96  
GLN CD  OE1  doub N N 97  
GLN CD  NE2  sing N N 98  
GLN NE2 HE21 sing N N 99  
GLN NE2 HE22 sing N N 100 
GLN OXT HXT  sing N N 101 
GLU N   CA   sing N N 102 
GLU N   H    sing N N 103 
GLU N   H2   sing N N 104 
GLU CA  C    sing N N 105 
GLU CA  CB   sing N N 106 
GLU CA  HA   sing N N 107 
GLU C   O    doub N N 108 
GLU C   OXT  sing N N 109 
GLU CB  CG   sing N N 110 
GLU CB  HB2  sing N N 111 
GLU CB  HB3  sing N N 112 
GLU CG  CD   sing N N 113 
GLU CG  HG2  sing N N 114 
GLU CG  HG3  sing N N 115 
GLU CD  OE1  doub N N 116 
GLU CD  OE2  sing N N 117 
GLU OE2 HE2  sing N N 118 
GLU OXT HXT  sing N N 119 
GLY N   CA   sing N N 120 
GLY N   H    sing N N 121 
GLY N   H2   sing N N 122 
GLY CA  C    sing N N 123 
GLY CA  HA2  sing N N 124 
GLY CA  HA3  sing N N 125 
GLY C   O    doub N N 126 
GLY C   OXT  sing N N 127 
GLY OXT HXT  sing N N 128 
HIS N   CA   sing N N 129 
HIS N   H    sing N N 130 
HIS N   H2   sing N N 131 
HIS CA  C    sing N N 132 
HIS CA  CB   sing N N 133 
HIS CA  HA   sing N N 134 
HIS C   O    doub N N 135 
HIS C   OXT  sing N N 136 
HIS CB  CG   sing N N 137 
HIS CB  HB2  sing N N 138 
HIS CB  HB3  sing N N 139 
HIS CG  ND1  sing Y N 140 
HIS CG  CD2  doub Y N 141 
HIS ND1 CE1  doub Y N 142 
HIS ND1 HD1  sing N N 143 
HIS CD2 NE2  sing Y N 144 
HIS CD2 HD2  sing N N 145 
HIS CE1 NE2  sing Y N 146 
HIS CE1 HE1  sing N N 147 
HIS NE2 HE2  sing N N 148 
HIS OXT HXT  sing N N 149 
HOH O   H1   sing N N 150 
HOH O   H2   sing N N 151 
ILE N   CA   sing N N 152 
ILE N   H    sing N N 153 
ILE N   H2   sing N N 154 
ILE CA  C    sing N N 155 
ILE CA  CB   sing N N 156 
ILE CA  HA   sing N N 157 
ILE C   O    doub N N 158 
ILE C   OXT  sing N N 159 
ILE CB  CG1  sing N N 160 
ILE CB  CG2  sing N N 161 
ILE CB  HB   sing N N 162 
ILE CG1 CD1  sing N N 163 
ILE CG1 HG12 sing N N 164 
ILE CG1 HG13 sing N N 165 
ILE CG2 HG21 sing N N 166 
ILE CG2 HG22 sing N N 167 
ILE CG2 HG23 sing N N 168 
ILE CD1 HD11 sing N N 169 
ILE CD1 HD12 sing N N 170 
ILE CD1 HD13 sing N N 171 
ILE OXT HXT  sing N N 172 
LEU N   CA   sing N N 173 
LEU N   H    sing N N 174 
LEU N   H2   sing N N 175 
LEU CA  C    sing N N 176 
LEU CA  CB   sing N N 177 
LEU CA  HA   sing N N 178 
LEU C   O    doub N N 179 
LEU C   OXT  sing N N 180 
LEU CB  CG   sing N N 181 
LEU CB  HB2  sing N N 182 
LEU CB  HB3  sing N N 183 
LEU CG  CD1  sing N N 184 
LEU CG  CD2  sing N N 185 
LEU CG  HG   sing N N 186 
LEU CD1 HD11 sing N N 187 
LEU CD1 HD12 sing N N 188 
LEU CD1 HD13 sing N N 189 
LEU CD2 HD21 sing N N 190 
LEU CD2 HD22 sing N N 191 
LEU CD2 HD23 sing N N 192 
LEU OXT HXT  sing N N 193 
LYS N   CA   sing N N 194 
LYS N   H    sing N N 195 
LYS N   H2   sing N N 196 
LYS CA  C    sing N N 197 
LYS CA  CB   sing N N 198 
LYS CA  HA   sing N N 199 
LYS C   O    doub N N 200 
LYS C   OXT  sing N N 201 
LYS CB  CG   sing N N 202 
LYS CB  HB2  sing N N 203 
LYS CB  HB3  sing N N 204 
LYS CG  CD   sing N N 205 
LYS CG  HG2  sing N N 206 
LYS CG  HG3  sing N N 207 
LYS CD  CE   sing N N 208 
LYS CD  HD2  sing N N 209 
LYS CD  HD3  sing N N 210 
LYS CE  NZ   sing N N 211 
LYS CE  HE2  sing N N 212 
LYS CE  HE3  sing N N 213 
LYS NZ  HZ1  sing N N 214 
LYS NZ  HZ2  sing N N 215 
LYS NZ  HZ3  sing N N 216 
LYS OXT HXT  sing N N 217 
MET N   CA   sing N N 218 
MET N   H    sing N N 219 
MET N   H2   sing N N 220 
MET CA  C    sing N N 221 
MET CA  CB   sing N N 222 
MET CA  HA   sing N N 223 
MET C   O    doub N N 224 
MET C   OXT  sing N N 225 
MET CB  CG   sing N N 226 
MET CB  HB2  sing N N 227 
MET CB  HB3  sing N N 228 
MET CG  SD   sing N N 229 
MET CG  HG2  sing N N 230 
MET CG  HG3  sing N N 231 
MET SD  CE   sing N N 232 
MET CE  HE1  sing N N 233 
MET CE  HE2  sing N N 234 
MET CE  HE3  sing N N 235 
MET OXT HXT  sing N N 236 
PHE N   CA   sing N N 237 
PHE N   H    sing N N 238 
PHE N   H2   sing N N 239 
PHE CA  C    sing N N 240 
PHE CA  CB   sing N N 241 
PHE CA  HA   sing N N 242 
PHE C   O    doub N N 243 
PHE C   OXT  sing N N 244 
PHE CB  CG   sing N N 245 
PHE CB  HB2  sing N N 246 
PHE CB  HB3  sing N N 247 
PHE CG  CD1  doub Y N 248 
PHE CG  CD2  sing Y N 249 
PHE CD1 CE1  sing Y N 250 
PHE CD1 HD1  sing N N 251 
PHE CD2 CE2  doub Y N 252 
PHE CD2 HD2  sing N N 253 
PHE CE1 CZ   doub Y N 254 
PHE CE1 HE1  sing N N 255 
PHE CE2 CZ   sing Y N 256 
PHE CE2 HE2  sing N N 257 
PHE CZ  HZ   sing N N 258 
PHE OXT HXT  sing N N 259 
PRO N   CA   sing N N 260 
PRO N   CD   sing N N 261 
PRO N   H    sing N N 262 
PRO CA  C    sing N N 263 
PRO CA  CB   sing N N 264 
PRO CA  HA   sing N N 265 
PRO C   O    doub N N 266 
PRO C   OXT  sing N N 267 
PRO CB  CG   sing N N 268 
PRO CB  HB2  sing N N 269 
PRO CB  HB3  sing N N 270 
PRO CG  CD   sing N N 271 
PRO CG  HG2  sing N N 272 
PRO CG  HG3  sing N N 273 
PRO CD  HD2  sing N N 274 
PRO CD  HD3  sing N N 275 
PRO OXT HXT  sing N N 276 
SER N   CA   sing N N 277 
SER N   H    sing N N 278 
SER N   H2   sing N N 279 
SER CA  C    sing N N 280 
SER CA  CB   sing N N 281 
SER CA  HA   sing N N 282 
SER C   O    doub N N 283 
SER C   OXT  sing N N 284 
SER CB  OG   sing N N 285 
SER CB  HB2  sing N N 286 
SER CB  HB3  sing N N 287 
SER OG  HG   sing N N 288 
SER OXT HXT  sing N N 289 
THR N   CA   sing N N 290 
THR N   H    sing N N 291 
THR N   H2   sing N N 292 
THR CA  C    sing N N 293 
THR CA  CB   sing N N 294 
THR CA  HA   sing N N 295 
THR C   O    doub N N 296 
THR C   OXT  sing N N 297 
THR CB  OG1  sing N N 298 
THR CB  CG2  sing N N 299 
THR CB  HB   sing N N 300 
THR OG1 HG1  sing N N 301 
THR CG2 HG21 sing N N 302 
THR CG2 HG22 sing N N 303 
THR CG2 HG23 sing N N 304 
THR OXT HXT  sing N N 305 
TRP N   CA   sing N N 306 
TRP N   H    sing N N 307 
TRP N   H2   sing N N 308 
TRP CA  C    sing N N 309 
TRP CA  CB   sing N N 310 
TRP CA  HA   sing N N 311 
TRP C   O    doub N N 312 
TRP C   OXT  sing N N 313 
TRP CB  CG   sing N N 314 
TRP CB  HB2  sing N N 315 
TRP CB  HB3  sing N N 316 
TRP CG  CD1  doub Y N 317 
TRP CG  CD2  sing Y N 318 
TRP CD1 NE1  sing Y N 319 
TRP CD1 HD1  sing N N 320 
TRP CD2 CE2  doub Y N 321 
TRP CD2 CE3  sing Y N 322 
TRP NE1 CE2  sing Y N 323 
TRP NE1 HE1  sing N N 324 
TRP CE2 CZ2  sing Y N 325 
TRP CE3 CZ3  doub Y N 326 
TRP CE3 HE3  sing N N 327 
TRP CZ2 CH2  doub Y N 328 
TRP CZ2 HZ2  sing N N 329 
TRP CZ3 CH2  sing Y N 330 
TRP CZ3 HZ3  sing N N 331 
TRP CH2 HH2  sing N N 332 
TRP OXT HXT  sing N N 333 
TYR N   CA   sing N N 334 
TYR N   H    sing N N 335 
TYR N   H2   sing N N 336 
TYR CA  C    sing N N 337 
TYR CA  CB   sing N N 338 
TYR CA  HA   sing N N 339 
TYR C   O    doub N N 340 
TYR C   OXT  sing N N 341 
TYR CB  CG   sing N N 342 
TYR CB  HB2  sing N N 343 
TYR CB  HB3  sing N N 344 
TYR CG  CD1  doub Y N 345 
TYR CG  CD2  sing Y N 346 
TYR CD1 CE1  sing Y N 347 
TYR CD1 HD1  sing N N 348 
TYR CD2 CE2  doub Y N 349 
TYR CD2 HD2  sing N N 350 
TYR CE1 CZ   doub Y N 351 
TYR CE1 HE1  sing N N 352 
TYR CE2 CZ   sing Y N 353 
TYR CE2 HE2  sing N N 354 
TYR CZ  OH   sing N N 355 
TYR OH  HH   sing N N 356 
TYR OXT HXT  sing N N 357 
VAL N   CA   sing N N 358 
VAL N   H    sing N N 359 
VAL N   H2   sing N N 360 
VAL CA  C    sing N N 361 
VAL CA  CB   sing N N 362 
VAL CA  HA   sing N N 363 
VAL C   O    doub N N 364 
VAL C   OXT  sing N N 365 
VAL CB  CG1  sing N N 366 
VAL CB  CG2  sing N N 367 
VAL CB  HB   sing N N 368 
VAL CG1 HG11 sing N N 369 
VAL CG1 HG12 sing N N 370 
VAL CG1 HG13 sing N N 371 
VAL CG2 HG21 sing N N 372 
VAL CG2 HG22 sing N N 373 
VAL CG2 HG23 sing N N 374 
VAL OXT HXT  sing N N 375 
# 
_atom_sites.entry_id                    1YTQ 
_atom_sites.fract_transf_matrix[1][1]   0.00001328 
_atom_sites.fract_transf_matrix[1][2]   0.01170366 
_atom_sites.fract_transf_matrix[1][3]   0.00567047 
_atom_sites.fract_transf_matrix[2][1]   -0.00429851 
_atom_sites.fract_transf_matrix[2][2]   -0.00494970 
_atom_sites.fract_transf_matrix[2][3]   0.01022609 
_atom_sites.fract_transf_matrix[3][1]   0.00865146 
_atom_sites.fract_transf_matrix[3][2]   -0.00143519 
_atom_sites.fract_transf_matrix[3][3]   0.00294194 
_atom_sites.fract_transf_vector[1]      0.145779 
_atom_sites.fract_transf_vector[2]      0.116435 
_atom_sites.fract_transf_vector[3]      0.053572 
# 
loop_
_atom_type.symbol 
C 
N 
O 
S 
# 
loop_
_atom_site.group_PDB 
_atom_site.id 
_atom_site.type_symbol 
_atom_site.label_atom_id 
_atom_site.label_alt_id 
_atom_site.label_comp_id 
_atom_site.label_asym_id 
_atom_site.label_entity_id 
_atom_site.label_seq_id 
_atom_site.pdbx_PDB_ins_code 
_atom_site.Cartn_x 
_atom_site.Cartn_y 
_atom_site.Cartn_z 
_atom_site.occupancy 
_atom_site.B_iso_or_equiv 
_atom_site.pdbx_formal_charge 
_atom_site.auth_seq_id 
_atom_site.auth_comp_id 
_atom_site.auth_asym_id 
_atom_site.auth_atom_id 
_atom_site.pdbx_PDB_model_num 
ATOM   1    N N   . LEU A 1 14  ? 0.898   3.214   13.536  1.00 36.53 ? 14  LEU A N   1 
ATOM   2    C CA  . LEU A 1 14  ? 1.763   2.231   12.812  1.00 35.37 ? 14  LEU A CA  1 
ATOM   3    C C   . LEU A 1 14  ? 3.105   2.875   12.463  1.00 34.62 ? 14  LEU A C   1 
ATOM   4    O O   . LEU A 1 14  ? 3.143   3.962   11.881  1.00 36.03 ? 14  LEU A O   1 
ATOM   5    C CB  . LEU A 1 14  ? 1.072   1.723   11.536  1.00 36.75 ? 14  LEU A CB  1 
ATOM   6    C CG  . LEU A 1 14  ? 1.075   0.205   11.318  1.00 38.66 ? 14  LEU A CG  1 
ATOM   7    C CD1 . LEU A 1 14  ? 0.228   -0.150  10.101  1.00 40.49 ? 14  LEU A CD1 1 
ATOM   8    C CD2 . LEU A 1 14  ? 2.488   -0.350  11.181  1.00 40.98 ? 14  LEU A CD2 1 
ATOM   9    N N   . ASN A 1 15  ? 4.193   2.203   12.825  1.00 32.08 ? 15  ASN A N   1 
ATOM   10   C CA  . ASN A 1 15  ? 5.545   2.687   12.560  1.00 29.82 ? 15  ASN A CA  1 
ATOM   11   C C   . ASN A 1 15  ? 6.272   1.729   11.625  1.00 26.86 ? 15  ASN A C   1 
ATOM   12   O O   . ASN A 1 15  ? 5.864   0.574   11.486  1.00 26.36 ? 15  ASN A O   1 
ATOM   13   C CB  . ASN A 1 15  ? 6.328   2.802   13.871  1.00 30.61 ? 15  ASN A CB  1 
ATOM   14   C CG  . ASN A 1 15  ? 5.664   3.731   14.873  1.00 34.23 ? 15  ASN A CG  1 
ATOM   15   O OD1 . ASN A 1 15  ? 5.497   3.381   16.043  1.00 40.82 ? 15  ASN A OD1 1 
ATOM   16   N ND2 . ASN A 1 15  ? 5.279   4.919   14.419  1.00 37.78 ? 15  ASN A ND2 1 
ATOM   17   N N   . PRO A 1 16  ? 7.354   2.201   10.979  1.00 24.05 ? 16  PRO A N   1 
ATOM   18   C CA  . PRO A 1 16  ? 8.225   1.252   10.299  1.00 22.97 ? 16  PRO A CA  1 
ATOM   19   C C   . PRO A 1 16  ? 9.075   0.544   11.347  1.00 21.30 ? 16  PRO A C   1 
ATOM   20   O O   . PRO A 1 16  ? 9.246   1.071   12.446  1.00 19.97 ? 16  PRO A O   1 
ATOM   21   C CB  . PRO A 1 16  ? 9.082   2.142   9.397   1.00 22.23 ? 16  PRO A CB  1 
ATOM   22   C CG  . PRO A 1 16  ? 9.133   3.448   10.094  1.00 23.04 ? 16  PRO A CG  1 
ATOM   23   C CD  . PRO A 1 16  ? 7.840   3.589   10.852  1.00 23.55 ? 16  PRO A CD  1 
ATOM   24   N N   . LYS A 1 17  ? 9.582   -0.642  11.031  1.00 20.31 ? 17  LYS A N   1 
ATOM   25   C CA  . LYS A 1 17  ? 10.400  -1.381  11.990  1.00 21.04 ? 17  LYS A CA  1 
ATOM   26   C C   . LYS A 1 17  ? 11.405  -2.314  11.323  1.00 18.77 ? 17  LYS A C   1 
ATOM   27   O O   . LYS A 1 17  ? 11.035  -3.235  10.592  1.00 17.22 ? 17  LYS A O   1 
ATOM   28   C CB  . LYS A 1 17  ? 9.526   -2.145  12.997  1.00 21.92 ? 17  LYS A CB  1 
ATOM   29   C CG  . LYS A 1 17  ? 8.272   -2.789  12.419  1.00 26.13 ? 17  LYS A CG  1 
ATOM   30   C CD  . LYS A 1 17  ? 7.267   -3.178  13.504  1.00 26.34 ? 17  LYS A CD  1 
ATOM   31   C CE  . LYS A 1 17  ? 7.875   -4.060  14.585  1.00 29.80 ? 17  LYS A CE  1 
ATOM   32   N NZ  . LYS A 1 17  ? 6.847   -4.559  15.540  1.00 33.71 ? 17  LYS A NZ  1 
ATOM   33   N N   . ILE A 1 18  ? 12.680  -2.045  11.591  1.00 17.68 ? 18  ILE A N   1 
ATOM   34   C CA  . ILE A 1 18  ? 13.794  -2.824  11.068  1.00 17.01 ? 18  ILE A CA  1 
ATOM   35   C C   . ILE A 1 18  ? 14.734  -3.141  12.229  1.00 16.81 ? 18  ILE A C   1 
ATOM   36   O O   . ILE A 1 18  ? 15.020  -2.272  13.055  1.00 17.16 ? 18  ILE A O   1 
ATOM   37   C CB  . ILE A 1 18  ? 14.535  -2.053  9.943   1.00 16.10 ? 18  ILE A CB  1 
ATOM   38   C CG1 . ILE A 1 18  ? 15.536  -2.958  9.222   1.00 15.57 ? 18  ILE A CG1 1 
ATOM   39   C CG2 . ILE A 1 18  ? 15.239  -0.801  10.483  1.00 16.39 ? 18  ILE A CG2 1 
ATOM   40   C CD1 . ILE A 1 18  ? 16.047  -2.360  7.926   1.00 16.45 ? 18  ILE A CD1 1 
ATOM   41   N N   . ILE A 1 19  ? 15.198  -4.387  12.297  1.00 16.85 ? 19  ILE A N   1 
ATOM   42   C CA  . ILE A 1 19  ? 16.086  -4.823  13.371  1.00 17.40 ? 19  ILE A CA  1 
ATOM   43   C C   . ILE A 1 19  ? 17.437  -5.213  12.782  1.00 17.43 ? 19  ILE A C   1 
ATOM   44   O O   . ILE A 1 19  ? 17.512  -6.082  11.912  1.00 17.31 ? 19  ILE A O   1 
ATOM   45   C CB  . ILE A 1 19  ? 15.492  -6.015  14.159  1.00 17.38 ? 19  ILE A CB  1 
ATOM   46   C CG1 . ILE A 1 19  ? 14.066  -5.688  14.620  1.00 19.49 ? 19  ILE A CG1 1 
ATOM   47   C CG2 . ILE A 1 19  ? 16.378  -6.358  15.361  1.00 17.94 ? 19  ILE A CG2 1 
ATOM   48   C CD1 . ILE A 1 19  ? 13.375  -6.815  15.365  1.00 20.71 ? 19  ILE A CD1 1 
ATOM   49   N N   . ILE A 1 20  ? 18.497  -4.568  13.267  1.00 16.82 ? 20  ILE A N   1 
ATOM   50   C CA  . ILE A 1 20  ? 19.861  -4.856  12.822  1.00 16.62 ? 20  ILE A CA  1 
ATOM   51   C C   . ILE A 1 20  ? 20.605  -5.644  13.898  1.00 17.58 ? 20  ILE A C   1 
ATOM   52   O O   . ILE A 1 20  ? 20.470  -5.357  15.086  1.00 16.99 ? 20  ILE A O   1 
ATOM   53   C CB  . ILE A 1 20  ? 20.640  -3.564  12.442  1.00 16.37 ? 20  ILE A CB  1 
ATOM   54   C CG1 . ILE A 1 20  ? 20.748  -2.591  13.626  1.00 17.09 ? 20  ILE A CG1 1 
ATOM   55   C CG2 . ILE A 1 20  ? 19.964  -2.882  11.258  1.00 17.62 ? 20  ILE A CG2 1 
ATOM   56   C CD1 . ILE A 1 20  ? 21.609  -1.372  13.344  1.00 18.11 ? 20  ILE A CD1 1 
ATOM   57   N N   . PHE A 1 21  ? 21.376  -6.641  13.469  1.00 16.64 ? 21  PHE A N   1 
ATOM   58   C CA  . PHE A 1 21  ? 22.070  -7.551  14.378  1.00 17.92 ? 21  PHE A CA  1 
ATOM   59   C C   . PHE A 1 21  ? 23.580  -7.438  14.192  1.00 17.89 ? 21  PHE A C   1 
ATOM   60   O O   . PHE A 1 21  ? 24.053  -7.140  13.096  1.00 16.45 ? 21  PHE A O   1 
ATOM   61   C CB  . PHE A 1 21  ? 21.632  -8.992  14.108  1.00 17.84 ? 21  PHE A CB  1 
ATOM   62   C CG  . PHE A 1 21  ? 20.181  -9.258  14.408  1.00 18.72 ? 21  PHE A CG  1 
ATOM   63   C CD1 . PHE A 1 21  ? 19.185  -8.835  13.536  1.00 18.31 ? 21  PHE A CD1 1 
ATOM   64   C CD2 . PHE A 1 21  ? 19.813  -9.953  15.554  1.00 19.96 ? 21  PHE A CD2 1 
ATOM   65   C CE1 . PHE A 1 21  ? 17.845  -9.086  13.809  1.00 19.06 ? 21  PHE A CE1 1 
ATOM   66   C CE2 . PHE A 1 21  ? 18.475  -10.208 15.834  1.00 20.05 ? 21  PHE A CE2 1 
ATOM   67   C CZ  . PHE A 1 21  ? 17.491  -9.774  14.960  1.00 20.07 ? 21  PHE A CZ  1 
ATOM   68   N N   . GLU A 1 22  ? 24.329  -7.683  15.267  1.00 18.82 ? 22  GLU A N   1 
ATOM   69   C CA  . GLU A 1 22  ? 25.794  -7.675  15.214  1.00 20.42 ? 22  GLU A CA  1 
ATOM   70   C C   . GLU A 1 22  ? 26.323  -8.711  14.230  1.00 20.94 ? 22  GLU A C   1 
ATOM   71   O O   . GLU A 1 22  ? 27.102  -8.388  13.330  1.00 22.66 ? 22  GLU A O   1 
ATOM   72   C CB  . GLU A 1 22  ? 26.394  -7.965  16.594  1.00 20.83 ? 22  GLU A CB  1 
ATOM   73   C CG  . GLU A 1 22  ? 26.470  -6.766  17.515  1.00 24.24 ? 22  GLU A CG  1 
ATOM   74   C CD  . GLU A 1 22  ? 27.245  -7.068  18.787  1.00 21.26 ? 22  GLU A CD  1 
ATOM   75   O OE1 . GLU A 1 22  ? 28.200  -6.325  19.093  1.00 25.85 ? 22  GLU A OE1 1 
ATOM   76   O OE2 . GLU A 1 22  ? 26.904  -8.054  19.473  1.00 23.52 ? 22  GLU A OE2 1 
ATOM   77   N N   . GLN A 1 23  ? 25.887  -9.953  14.415  1.00 21.43 ? 23  GLN A N   1 
ATOM   78   C CA  . GLN A 1 23  ? 26.419  -11.092 13.675  1.00 22.25 ? 23  GLN A CA  1 
ATOM   79   C C   . GLN A 1 23  ? 25.471  -11.546 12.571  1.00 21.67 ? 23  GLN A C   1 
ATOM   80   O O   . GLN A 1 23  ? 24.342  -11.063 12.461  1.00 19.65 ? 23  GLN A O   1 
ATOM   81   C CB  . GLN A 1 23  ? 26.671  -12.258 14.634  1.00 22.67 ? 23  GLN A CB  1 
ATOM   82   C CG  . GLN A 1 23  ? 27.575  -11.920 15.813  1.00 25.05 ? 23  GLN A CG  1 
ATOM   83   C CD  . GLN A 1 23  ? 27.724  -13.075 16.787  1.00 27.29 ? 23  GLN A CD  1 
ATOM   84   O OE1 . GLN A 1 23  ? 27.866  -14.230 16.383  1.00 35.86 ? 23  GLN A OE1 1 
ATOM   85   N NE2 . GLN A 1 23  ? 27.696  -12.766 18.081  1.00 33.14 ? 23  GLN A NE2 1 
ATOM   86   N N   . GLU A 1 24  ? 25.952  -12.480 11.756  1.00 21.79 ? 24  GLU A N   1 
ATOM   87   C CA  . GLU A 1 24  ? 25.137  -13.117 10.722  1.00 22.86 ? 24  GLU A CA  1 
ATOM   88   C C   . GLU A 1 24  ? 24.098  -14.041 11.355  1.00 22.81 ? 24  GLU A C   1 
ATOM   89   O O   . GLU A 1 24  ? 24.244  -14.454 12.508  1.00 22.60 ? 24  GLU A O   1 
ATOM   90   C CB  A GLU A 1 24  ? 26.021  -13.884 9.735   0.65 22.47 ? 24  GLU A CB  1 
ATOM   91   C CB  B GLU A 1 24  ? 26.014  -13.926 9.757   0.35 22.48 ? 24  GLU A CB  1 
ATOM   92   C CG  A GLU A 1 24  ? 26.965  -12.982 8.939   0.65 24.11 ? 24  GLU A CG  1 
ATOM   93   C CG  B GLU A 1 24  ? 26.752  -15.107 10.407  0.35 22.66 ? 24  GLU A CG  1 
ATOM   94   C CD  A GLU A 1 24  ? 27.818  -13.741 7.935   0.65 24.26 ? 24  GLU A CD  1 
ATOM   95   C CD  B GLU A 1 24  ? 27.334  -16.081 9.398   0.35 23.30 ? 24  GLU A CD  1 
ATOM   96   O OE1 A GLU A 1 24  ? 28.255  -13.119 6.942   0.65 25.77 ? 24  GLU A OE1 1 
ATOM   97   O OE1 B GLU A 1 24  ? 27.624  -17.232 9.787   0.35 25.07 ? 24  GLU A OE1 1 
ATOM   98   O OE2 A GLU A 1 24  ? 28.053  -14.952 8.131   0.65 24.15 ? 24  GLU A OE2 1 
ATOM   99   O OE2 B GLU A 1 24  ? 27.504  -15.703 8.218   0.35 22.68 ? 24  GLU A OE2 1 
ATOM   100  N N   . ASN A 1 25  ? 23.056  -14.360 10.590  1.00 22.40 ? 25  ASN A N   1 
ATOM   101  C CA  . ASN A 1 25  ? 21.966  -15.229 11.048  1.00 23.27 ? 25  ASN A CA  1 
ATOM   102  C C   . ASN A 1 25  ? 21.281  -14.742 12.331  1.00 23.42 ? 25  ASN A C   1 
ATOM   103  O O   . ASN A 1 25  ? 20.846  -15.546 13.159  1.00 23.68 ? 25  ASN A O   1 
ATOM   104  C CB  . ASN A 1 25  ? 22.457  -16.678 11.207  1.00 24.14 ? 25  ASN A CB  1 
ATOM   105  C CG  . ASN A 1 25  ? 22.890  -17.297 9.890   1.00 27.92 ? 25  ASN A CG  1 
ATOM   106  O OD1 . ASN A 1 25  ? 23.978  -17.864 9.788   1.00 34.29 ? 25  ASN A OD1 1 
ATOM   107  N ND2 . ASN A 1 25  ? 22.041  -17.191 8.873   1.00 29.31 ? 25  ASN A ND2 1 
ATOM   108  N N   . PHE A 1 26  ? 21.187  -13.420 12.479  1.00 22.72 ? 26  PHE A N   1 
ATOM   109  C CA  . PHE A 1 26  ? 20.393  -12.795 13.538  1.00 22.86 ? 26  PHE A CA  1 
ATOM   110  C C   . PHE A 1 26  ? 20.863  -13.191 14.940  1.00 22.78 ? 26  PHE A C   1 
ATOM   111  O O   . PHE A 1 26  ? 20.059  -13.531 15.811  1.00 23.88 ? 26  PHE A O   1 
ATOM   112  C CB  . PHE A 1 26  ? 18.909  -13.111 13.314  1.00 22.53 ? 26  PHE A CB  1 
ATOM   113  C CG  . PHE A 1 26  ? 18.503  -13.026 11.871  1.00 21.94 ? 26  PHE A CG  1 
ATOM   114  C CD1 . PHE A 1 26  ? 18.256  -14.175 11.129  1.00 22.01 ? 26  PHE A CD1 1 
ATOM   115  C CD2 . PHE A 1 26  ? 18.425  -11.794 11.238  1.00 20.24 ? 26  PHE A CD2 1 
ATOM   116  C CE1 . PHE A 1 26  ? 17.907  -14.091 9.788   1.00 22.43 ? 26  PHE A CE1 1 
ATOM   117  C CE2 . PHE A 1 26  ? 18.078  -11.703 9.902   1.00 21.10 ? 26  PHE A CE2 1 
ATOM   118  C CZ  . PHE A 1 26  ? 17.818  -12.849 9.176   1.00 22.76 ? 26  PHE A CZ  1 
ATOM   119  N N   . GLN A 1 27  ? 22.180  -13.131 15.135  1.00 23.19 ? 27  GLN A N   1 
ATOM   120  C CA  . GLN A 1 27  ? 22.811  -13.430 16.417  1.00 23.20 ? 27  GLN A CA  1 
ATOM   121  C C   . GLN A 1 27  ? 23.487  -12.178 16.972  1.00 22.92 ? 27  GLN A C   1 
ATOM   122  O O   . GLN A 1 27  ? 23.637  -11.178 16.268  1.00 22.91 ? 27  GLN A O   1 
ATOM   123  C CB  . GLN A 1 27  ? 23.850  -14.544 16.256  1.00 24.00 ? 27  GLN A CB  1 
ATOM   124  C CG  . GLN A 1 27  ? 23.310  -15.839 15.656  1.00 26.62 ? 27  GLN A CG  1 
ATOM   125  C CD  . GLN A 1 27  ? 22.198  -16.462 16.482  1.00 31.49 ? 27  GLN A CD  1 
ATOM   126  O OE1 . GLN A 1 27  ? 21.140  -16.810 15.957  1.00 35.47 ? 27  GLN A OE1 1 
ATOM   127  N NE2 . GLN A 1 27  ? 22.434  -16.603 17.783  1.00 34.00 ? 27  GLN A NE2 1 
ATOM   128  N N   . GLY A 1 28  ? 23.892  -12.245 18.238  1.00 22.22 ? 28  GLY A N   1 
ATOM   129  C CA  . GLY A 1 28  ? 24.545  -11.122 18.906  1.00 21.86 ? 28  GLY A CA  1 
ATOM   130  C C   . GLY A 1 28  ? 23.558  -10.047 19.323  1.00 21.25 ? 28  GLY A C   1 
ATOM   131  O O   . GLY A 1 28  ? 22.352  -10.295 19.395  1.00 21.54 ? 28  GLY A O   1 
ATOM   132  N N   . HIS A 1 29  ? 24.075  -8.852  19.600  1.00 21.22 ? 29  HIS A N   1 
ATOM   133  C CA  . HIS A 1 29  ? 23.236  -7.720  19.993  1.00 21.04 ? 29  HIS A CA  1 
ATOM   134  C C   . HIS A 1 29  ? 22.393  -7.235  18.818  1.00 21.25 ? 29  HIS A C   1 
ATOM   135  O O   . HIS A 1 29  ? 22.869  -7.183  17.684  1.00 19.86 ? 29  HIS A O   1 
ATOM   136  C CB  . HIS A 1 29  ? 24.090  -6.563  20.522  1.00 21.36 ? 29  HIS A CB  1 
ATOM   137  C CG  . HIS A 1 29  ? 23.307  -5.318  20.805  1.00 22.53 ? 29  HIS A CG  1 
ATOM   138  N ND1 . HIS A 1 29  ? 22.377  -5.241  21.819  1.00 25.31 ? 29  HIS A ND1 1 
ATOM   139  C CD2 . HIS A 1 29  ? 23.306  -4.107  20.201  1.00 25.32 ? 29  HIS A CD2 1 
ATOM   140  C CE1 . HIS A 1 29  ? 21.841  -4.033  21.831  1.00 23.61 ? 29  HIS A CE1 1 
ATOM   141  N NE2 . HIS A 1 29  ? 22.390  -3.325  20.861  1.00 24.61 ? 29  HIS A NE2 1 
ATOM   142  N N   . SER A 1 30  ? 21.141  -6.882  19.106  1.00 21.29 ? 30  SER A N   1 
ATOM   143  C CA  . SER A 1 30  ? 20.217  -6.377  18.095  1.00 21.64 ? 30  SER A CA  1 
ATOM   144  C C   . SER A 1 30  ? 19.632  -5.033  18.516  1.00 22.11 ? 30  SER A C   1 
ATOM   145  O O   . SER A 1 30  ? 19.533  -4.737  19.709  1.00 22.40 ? 30  SER A O   1 
ATOM   146  C CB  . SER A 1 30  ? 19.091  -7.385  17.858  1.00 21.84 ? 30  SER A CB  1 
ATOM   147  O OG  . SER A 1 30  ? 18.283  -7.534  19.014  1.00 24.20 ? 30  SER A OG  1 
ATOM   148  N N   . HIS A 1 31  ? 19.249  -4.224  17.529  1.00 21.34 ? 31  HIS A N   1 
ATOM   149  C CA  . HIS A 1 31  ? 18.651  -2.914  17.782  1.00 20.94 ? 31  HIS A CA  1 
ATOM   150  C C   . HIS A 1 31  ? 17.529  -2.624  16.789  1.00 21.14 ? 31  HIS A C   1 
ATOM   151  O O   . HIS A 1 31  ? 17.733  -2.695  15.577  1.00 19.36 ? 31  HIS A O   1 
ATOM   152  C CB  . HIS A 1 31  ? 19.710  -1.817  17.688  1.00 21.08 ? 31  HIS A CB  1 
ATOM   153  C CG  . HIS A 1 31  ? 19.234  -0.480  18.164  1.00 22.29 ? 31  HIS A CG  1 
ATOM   154  N ND1 . HIS A 1 31  ? 18.693  0.464   17.317  1.00 24.90 ? 31  HIS A ND1 1 
ATOM   155  C CD2 . HIS A 1 31  ? 19.215  0.070   19.401  1.00 20.87 ? 31  HIS A CD2 1 
ATOM   156  C CE1 . HIS A 1 31  ? 18.364  1.538   18.012  1.00 23.52 ? 31  HIS A CE1 1 
ATOM   157  N NE2 . HIS A 1 31  ? 18.669  1.325   19.279  1.00 25.77 ? 31  HIS A NE2 1 
ATOM   158  N N   . GLU A 1 32  ? 16.352  -2.289  17.314  1.00 21.16 ? 32  GLU A N   1 
ATOM   159  C CA  . GLU A 1 32  ? 15.189  -1.973  16.489  1.00 21.46 ? 32  GLU A CA  1 
ATOM   160  C C   . GLU A 1 32  ? 15.116  -0.474  16.214  1.00 20.92 ? 32  GLU A C   1 
ATOM   161  O O   . GLU A 1 32  ? 15.168  0.336   17.142  1.00 19.99 ? 32  GLU A O   1 
ATOM   162  C CB  . GLU A 1 32  ? 13.904  -2.435  17.184  1.00 21.85 ? 32  GLU A CB  1 
ATOM   163  C CG  . GLU A 1 32  ? 12.628  -2.211  16.369  1.00 22.94 ? 32  GLU A CG  1 
ATOM   164  C CD  . GLU A 1 32  ? 11.371  -2.669  17.091  1.00 25.79 ? 32  GLU A CD  1 
ATOM   165  O OE1 . GLU A 1 32  ? 10.270  -2.241  16.685  1.00 30.73 ? 32  GLU A OE1 1 
ATOM   166  O OE2 . GLU A 1 32  ? 11.477  -3.451  18.060  1.00 29.44 ? 32  GLU A OE2 1 
ATOM   167  N N   . LEU A 1 33  ? 14.999  -0.114  14.935  1.00 19.85 ? 33  LEU A N   1 
ATOM   168  C CA  . LEU A 1 33  ? 14.792  1.273   14.524  1.00 20.24 ? 33  LEU A CA  1 
ATOM   169  C C   . LEU A 1 33  ? 13.368  1.457   14.017  1.00 20.54 ? 33  LEU A C   1 
ATOM   170  O O   . LEU A 1 33  ? 12.900  0.683   13.183  1.00 19.90 ? 33  LEU A O   1 
ATOM   171  C CB  . LEU A 1 33  ? 15.765  1.662   13.409  1.00 19.78 ? 33  LEU A CB  1 
ATOM   172  C CG  . LEU A 1 33  ? 17.253  1.764   13.743  1.00 21.17 ? 33  LEU A CG  1 
ATOM   173  C CD1 . LEU A 1 33  ? 18.034  2.049   12.475  1.00 22.89 ? 33  LEU A CD1 1 
ATOM   174  C CD2 . LEU A 1 33  ? 17.518  2.841   14.784  1.00 24.96 ? 33  LEU A CD2 1 
ATOM   175  N N   . ASN A 1 34  ? 12.690  2.486   14.524  1.00 20.61 ? 34  ASN A N   1 
ATOM   176  C CA  . ASN A 1 34  ? 11.355  2.852   14.053  1.00 20.77 ? 34  ASN A CA  1 
ATOM   177  C C   . ASN A 1 34  ? 11.355  4.218   13.364  1.00 20.80 ? 34  ASN A C   1 
ATOM   178  O O   . ASN A 1 34  ? 10.301  4.820   13.151  1.00 21.97 ? 34  ASN A O   1 
ATOM   179  C CB  . ASN A 1 34  ? 10.366  2.842   15.220  1.00 21.68 ? 34  ASN A CB  1 
ATOM   180  C CG  . ASN A 1 34  ? 10.318  1.502   15.932  1.00 23.11 ? 34  ASN A CG  1 
ATOM   181  O OD1 . ASN A 1 34  ? 10.134  0.458   15.301  1.00 25.42 ? 34  ASN A OD1 1 
ATOM   182  N ND2 . ASN A 1 34  ? 10.480  1.527   17.254  1.00 22.64 ? 34  ASN A ND2 1 
ATOM   183  N N   . GLY A 1 35  ? 12.549  4.692   13.014  1.00 20.22 ? 35  GLY A N   1 
ATOM   184  C CA  . GLY A 1 35  ? 12.724  5.961   12.316  1.00 20.07 ? 35  GLY A CA  1 
ATOM   185  C C   . GLY A 1 35  ? 14.117  6.045   11.716  1.00 19.94 ? 35  GLY A C   1 
ATOM   186  O O   . GLY A 1 35  ? 14.894  5.093   11.821  1.00 18.48 ? 35  GLY A O   1 
ATOM   187  N N   . PRO A 1 36  ? 14.444  7.182   11.079  1.00 20.36 ? 36  PRO A N   1 
ATOM   188  C CA  . PRO A 1 36  ? 15.762  7.342   10.465  1.00 20.11 ? 36  PRO A CA  1 
ATOM   189  C C   . PRO A 1 36  ? 16.900  7.452   11.481  1.00 20.68 ? 36  PRO A C   1 
ATOM   190  O O   . PRO A 1 36  ? 16.727  8.055   12.542  1.00 20.82 ? 36  PRO A O   1 
ATOM   191  C CB  . PRO A 1 36  ? 15.623  8.648   9.675   1.00 20.84 ? 36  PRO A CB  1 
ATOM   192  C CG  . PRO A 1 36  ? 14.558  9.402   10.376  1.00 21.44 ? 36  PRO A CG  1 
ATOM   193  C CD  . PRO A 1 36  ? 13.597  8.372   10.885  1.00 20.45 ? 36  PRO A CD  1 
ATOM   194  N N   . CYS A 1 37  ? 18.045  6.862   11.145  1.00 19.28 ? 37  CYS A N   1 
ATOM   195  C CA  . CYS A 1 37  ? 19.250  6.949   11.968  1.00 19.69 ? 37  CYS A CA  1 
ATOM   196  C C   . CYS A 1 37  ? 20.454  7.248   11.067  1.00 19.88 ? 37  CYS A C   1 
ATOM   197  O O   . CYS A 1 37  ? 20.855  6.397   10.274  1.00 18.79 ? 37  CYS A O   1 
ATOM   198  C CB  . CYS A 1 37  ? 19.470  5.644   12.734  1.00 19.45 ? 37  CYS A CB  1 
ATOM   199  S SG  . CYS A 1 37  ? 20.881  5.678   13.864  1.00 19.70 ? 37  CYS A SG  1 
ATOM   200  N N   . PRO A 1 38  ? 21.030  8.460   11.182  1.00 20.12 ? 38  PRO A N   1 
ATOM   201  C CA  . PRO A 1 38  ? 22.144  8.857   10.318  1.00 20.22 ? 38  PRO A CA  1 
ATOM   202  C C   . PRO A 1 38  ? 23.504  8.279   10.728  1.00 20.26 ? 38  PRO A C   1 
ATOM   203  O O   . PRO A 1 38  ? 24.467  8.394   9.969   1.00 19.71 ? 38  PRO A O   1 
ATOM   204  C CB  . PRO A 1 38  ? 22.155  10.381  10.456  1.00 20.67 ? 38  PRO A CB  1 
ATOM   205  C CG  . PRO A 1 38  ? 21.660  10.626  11.829  1.00 20.79 ? 38  PRO A CG  1 
ATOM   206  C CD  . PRO A 1 38  ? 20.670  9.532   12.130  1.00 20.84 ? 38  PRO A CD  1 
ATOM   207  N N   . ASN A 1 39  ? 23.578  7.681   11.915  1.00 21.06 ? 39  ASN A N   1 
ATOM   208  C CA  . ASN A 1 39  ? 24.808  7.063   12.405  1.00 20.98 ? 39  ASN A CA  1 
ATOM   209  C C   . ASN A 1 39  ? 24.482  5.808   13.217  1.00 20.24 ? 39  ASN A C   1 
ATOM   210  O O   . ASN A 1 39  ? 24.111  5.896   14.390  1.00 19.70 ? 39  ASN A O   1 
ATOM   211  C CB  . ASN A 1 39  ? 25.599  8.071   13.252  1.00 22.05 ? 39  ASN A CB  1 
ATOM   212  C CG  . ASN A 1 39  ? 26.934  7.521   13.739  1.00 24.31 ? 39  ASN A CG  1 
ATOM   213  O OD1 . ASN A 1 39  ? 27.389  7.857   14.833  1.00 33.22 ? 39  ASN A OD1 1 
ATOM   214  N ND2 . ASN A 1 39  ? 27.569  6.681   12.928  1.00 27.81 ? 39  ASN A ND2 1 
ATOM   215  N N   . LEU A 1 40  ? 24.624  4.644   12.584  1.00 18.94 ? 40  LEU A N   1 
ATOM   216  C CA  . LEU A 1 40  ? 24.284  3.364   13.217  1.00 19.49 ? 40  LEU A CA  1 
ATOM   217  C C   . LEU A 1 40  ? 25.300  2.911   14.270  1.00 19.49 ? 40  LEU A C   1 
ATOM   218  O O   . LEU A 1 40  ? 25.073  1.915   14.958  1.00 18.99 ? 40  LEU A O   1 
ATOM   219  C CB  . LEU A 1 40  ? 24.100  2.270   12.158  1.00 18.53 ? 40  LEU A CB  1 
ATOM   220  C CG  . LEU A 1 40  ? 22.910  2.445   11.208  1.00 17.54 ? 40  LEU A CG  1 
ATOM   221  C CD1 . LEU A 1 40  ? 22.960  1.414   10.094  1.00 17.34 ? 40  LEU A CD1 1 
ATOM   222  C CD2 . LEU A 1 40  ? 21.589  2.352   11.953  1.00 15.84 ? 40  LEU A CD2 1 
ATOM   223  N N   . LYS A 1 41  ? 26.416  3.629   14.396  1.00 20.90 ? 41  LYS A N   1 
ATOM   224  C CA  . LYS A 1 41  ? 27.363  3.398   15.489  1.00 22.48 ? 41  LYS A CA  1 
ATOM   225  C C   . LYS A 1 41  ? 26.718  3.672   16.852  1.00 22.11 ? 41  LYS A C   1 
ATOM   226  O O   . LYS A 1 41  ? 27.079  3.046   17.850  1.00 22.70 ? 41  LYS A O   1 
ATOM   227  C CB  . LYS A 1 41  ? 28.609  4.273   15.316  1.00 23.19 ? 41  LYS A CB  1 
ATOM   228  C CG  . LYS A 1 41  ? 29.737  3.954   16.290  1.00 23.87 ? 41  LYS A CG  1 
ATOM   229  C CD  . LYS A 1 41  ? 30.952  4.831   16.044  1.00 26.01 ? 41  LYS A CD  1 
ATOM   230  C CE  . LYS A 1 41  ? 31.998  4.645   17.133  1.00 28.93 ? 41  LYS A CE  1 
ATOM   231  N NZ  . LYS A 1 41  ? 32.534  3.256   17.166  1.00 32.63 ? 41  LYS A NZ  1 
ATOM   232  N N   . GLU A 1 42  ? 25.763  4.601   16.884  1.00 22.49 ? 42  GLU A N   1 
ATOM   233  C CA  . GLU A 1 42  ? 25.054  4.955   18.118  1.00 23.36 ? 42  GLU A CA  1 
ATOM   234  C C   . GLU A 1 42  ? 24.061  3.885   18.591  1.00 23.06 ? 42  GLU A C   1 
ATOM   235  O O   . GLU A 1 42  ? 23.570  3.962   19.718  1.00 23.13 ? 42  GLU A O   1 
ATOM   236  C CB  . GLU A 1 42  ? 24.318  6.288   17.948  1.00 23.31 ? 42  GLU A CB  1 
ATOM   237  C CG  . GLU A 1 42  ? 25.238  7.478   17.705  1.00 26.18 ? 42  GLU A CG  1 
ATOM   238  C CD  . GLU A 1 42  ? 24.504  8.811   17.701  1.00 28.13 ? 42  GLU A CD  1 
ATOM   239  O OE1 . GLU A 1 42  ? 23.466  8.934   18.385  1.00 33.75 ? 42  GLU A OE1 1 
ATOM   240  O OE2 . GLU A 1 42  ? 24.975  9.742   17.016  1.00 36.08 ? 42  GLU A OE2 1 
ATOM   241  N N   . THR A 1 43  ? 23.761  2.905   17.740  1.00 21.71 ? 43  THR A N   1 
ATOM   242  C CA  . THR A 1 43  ? 22.847  1.817   18.098  1.00 21.56 ? 43  THR A CA  1 
ATOM   243  C C   . THR A 1 43  ? 23.541  0.676   18.846  1.00 20.55 ? 43  THR A C   1 
ATOM   244  O O   . THR A 1 43  ? 22.872  -0.204  19.387  1.00 20.86 ? 43  THR A O   1 
ATOM   245  C CB  . THR A 1 43  ? 22.172  1.210   16.846  1.00 21.18 ? 43  THR A CB  1 
ATOM   246  O OG1 . THR A 1 43  ? 23.159  0.596   16.008  1.00 21.17 ? 43  THR A OG1 1 
ATOM   247  C CG2 . THR A 1 43  ? 21.426  2.276   16.055  1.00 21.25 ? 43  THR A CG2 1 
ATOM   248  N N   . GLY A 1 44  ? 24.874  0.685   18.862  1.00 20.85 ? 44  GLY A N   1 
ATOM   249  C CA  . GLY A 1 44  ? 25.654  -0.438  19.381  1.00 21.19 ? 44  GLY A CA  1 
ATOM   250  C C   . GLY A 1 44  ? 25.954  -1.478  18.311  1.00 21.41 ? 44  GLY A C   1 
ATOM   251  O O   . GLY A 1 44  ? 26.714  -2.418  18.551  1.00 22.38 ? 44  GLY A O   1 
ATOM   252  N N   . VAL A 1 45  ? 25.350  -1.308  17.134  1.00 21.32 ? 45  VAL A N   1 
ATOM   253  C CA  . VAL A 1 45  ? 25.583  -2.174  15.983  1.00 21.19 ? 45  VAL A CA  1 
ATOM   254  C C   . VAL A 1 45  ? 26.177  -1.308  14.872  1.00 20.70 ? 45  VAL A C   1 
ATOM   255  O O   . VAL A 1 45  ? 25.470  -0.865  13.963  1.00 20.69 ? 45  VAL A O   1 
ATOM   256  C CB  . VAL A 1 45  ? 24.271  -2.851  15.508  1.00 20.61 ? 45  VAL A CB  1 
ATOM   257  C CG1 . VAL A 1 45  ? 24.552  -3.866  14.401  1.00 22.35 ? 45  VAL A CG1 1 
ATOM   258  C CG2 . VAL A 1 45  ? 23.562  -3.528  16.676  1.00 21.76 ? 45  VAL A CG2 1 
ATOM   259  N N   . GLU A 1 46  ? 27.481  -1.063  14.965  1.00 21.13 ? 46  GLU A N   1 
ATOM   260  C CA  . GLU A 1 46  ? 28.183  -0.175  14.034  1.00 21.56 ? 46  GLU A CA  1 
ATOM   261  C C   . GLU A 1 46  ? 28.211  -0.737  12.614  1.00 20.91 ? 46  GLU A C   1 
ATOM   262  O O   . GLU A 1 46  ? 28.075  0.010   11.643  1.00 21.28 ? 46  GLU A O   1 
ATOM   263  C CB  . GLU A 1 46  ? 29.610  0.085   14.524  1.00 21.84 ? 46  GLU A CB  1 
ATOM   264  C CG  . GLU A 1 46  ? 30.368  1.145   13.729  1.00 23.35 ? 46  GLU A CG  1 
ATOM   265  C CD  . GLU A 1 46  ? 31.720  1.492   14.332  1.00 25.80 ? 46  GLU A CD  1 
ATOM   266  O OE1 . GLU A 1 46  ? 32.128  0.847   15.322  1.00 29.60 ? 46  GLU A OE1 1 
ATOM   267  O OE2 . GLU A 1 46  ? 32.380  2.414   13.809  1.00 30.76 ? 46  GLU A OE2 1 
ATOM   268  N N   . LYS A 1 47  ? 28.395  -2.051  12.504  1.00 20.32 ? 47  LYS A N   1 
ATOM   269  C CA  . LYS A 1 47  ? 28.393  -2.737  11.216  1.00 19.86 ? 47  LYS A CA  1 
ATOM   270  C C   . LYS A 1 47  ? 27.579  -4.022  11.337  1.00 18.75 ? 47  LYS A C   1 
ATOM   271  O O   . LYS A 1 47  ? 28.079  -5.044  11.814  1.00 18.48 ? 47  LYS A O   1 
ATOM   272  C CB  . LYS A 1 47  ? 29.830  -3.034  10.773  1.00 19.94 ? 47  LYS A CB  1 
ATOM   273  C CG  . LYS A 1 47  ? 29.949  -3.639  9.379   1.00 21.88 ? 47  LYS A CG  1 
ATOM   274  C CD  . LYS A 1 47  ? 31.402  -3.891  8.998   1.00 22.92 ? 47  LYS A CD  1 
ATOM   275  C CE  . LYS A 1 47  ? 32.108  -2.612  8.572   1.00 26.97 ? 47  LYS A CE  1 
ATOM   276  N NZ  . LYS A 1 47  ? 33.514  -2.865  8.150   1.00 27.51 ? 47  LYS A NZ  1 
ATOM   277  N N   . ALA A 1 48  ? 26.319  -3.955  10.912  1.00 18.28 ? 48  ALA A N   1 
ATOM   278  C CA  . ALA A 1 48  ? 25.390  -5.072  11.059  1.00 17.65 ? 48  ALA A CA  1 
ATOM   279  C C   . ALA A 1 48  ? 25.822  -6.288  10.243  1.00 17.05 ? 48  ALA A C   1 
ATOM   280  O O   . ALA A 1 48  ? 26.300  -6.150  9.116   1.00 17.10 ? 48  ALA A O   1 
ATOM   281  C CB  . ALA A 1 48  ? 23.983  -4.647  10.661  1.00 17.19 ? 48  ALA A CB  1 
ATOM   282  N N   . GLY A 1 49  ? 25.659  -7.470  10.830  1.00 16.27 ? 49  GLY A N   1 
ATOM   283  C CA  . GLY A 1 49  ? 25.921  -8.734  10.145  1.00 16.64 ? 49  GLY A CA  1 
ATOM   284  C C   . GLY A 1 49  ? 24.675  -9.292  9.478   1.00 16.26 ? 49  GLY A C   1 
ATOM   285  O O   . GLY A 1 49  ? 24.769  -10.011 8.482   1.00 17.02 ? 49  GLY A O   1 
ATOM   286  N N   . SER A 1 50  ? 23.507  -8.967  10.034  1.00 15.54 ? 50  SER A N   1 
ATOM   287  C CA  . SER A 1 50  ? 22.224  -9.374  9.457   1.00 15.46 ? 50  SER A CA  1 
ATOM   288  C C   . SER A 1 50  ? 21.124  -8.363  9.776   1.00 15.71 ? 50  SER A C   1 
ATOM   289  O O   . SER A 1 50  ? 21.228  -7.600  10.739  1.00 15.57 ? 50  SER A O   1 
ATOM   290  C CB  . SER A 1 50  ? 21.828  -10.766 9.956   1.00 15.69 ? 50  SER A CB  1 
ATOM   291  O OG  . SER A 1 50  ? 21.802  -10.820 11.370  1.00 15.52 ? 50  SER A OG  1 
ATOM   292  N N   . VAL A 1 51  ? 20.073  -8.371  8.957   1.00 15.07 ? 51  VAL A N   1 
ATOM   293  C CA  . VAL A 1 51  ? 18.991  -7.389  9.049   1.00 15.33 ? 51  VAL A CA  1 
ATOM   294  C C   . VAL A 1 51  ? 17.625  -8.057  8.883   1.00 16.28 ? 51  VAL A C   1 
ATOM   295  O O   . VAL A 1 51  ? 17.414  -8.822  7.941   1.00 15.22 ? 51  VAL A O   1 
ATOM   296  C CB  . VAL A 1 51  ? 19.150  -6.294  7.965   1.00 15.56 ? 51  VAL A CB  1 
ATOM   297  C CG1 . VAL A 1 51  ? 17.968  -5.330  7.977   1.00 15.58 ? 51  VAL A CG1 1 
ATOM   298  C CG2 . VAL A 1 51  ? 20.457  -5.533  8.157   1.00 14.34 ? 51  VAL A CG2 1 
ATOM   299  N N   . LEU A 1 52  ? 16.706  -7.755  9.801   1.00 16.56 ? 52  LEU A N   1 
ATOM   300  C CA  . LEU A 1 52  ? 15.328  -8.245  9.734   1.00 16.97 ? 52  LEU A CA  1 
ATOM   301  C C   . LEU A 1 52  ? 14.368  -7.070  9.578   1.00 16.28 ? 52  LEU A C   1 
ATOM   302  O O   . LEU A 1 52  ? 14.285  -6.211  10.457  1.00 15.77 ? 52  LEU A O   1 
ATOM   303  C CB  . LEU A 1 52  ? 14.975  -9.028  11.004  1.00 17.65 ? 52  LEU A CB  1 
ATOM   304  C CG  . LEU A 1 52  ? 13.541  -9.567  11.117  1.00 18.44 ? 52  LEU A CG  1 
ATOM   305  C CD1 . LEU A 1 52  ? 13.302  -10.697 10.130  1.00 20.77 ? 52  LEU A CD1 1 
ATOM   306  C CD2 . LEU A 1 52  ? 13.246  -10.033 12.534  1.00 20.53 ? 52  LEU A CD2 1 
ATOM   307  N N   . VAL A 1 53  ? 13.648  -7.039  8.459   1.00 15.88 ? 53  VAL A N   1 
ATOM   308  C CA  . VAL A 1 53  ? 12.646  -6.005  8.202   1.00 16.32 ? 53  VAL A CA  1 
ATOM   309  C C   . VAL A 1 53  ? 11.265  -6.543  8.556   1.00 16.14 ? 53  VAL A C   1 
ATOM   310  O O   . VAL A 1 53  ? 10.820  -7.544  7.992   1.00 14.71 ? 53  VAL A O   1 
ATOM   311  C CB  . VAL A 1 53  ? 12.647  -5.570  6.723   1.00 16.26 ? 53  VAL A CB  1 
ATOM   312  C CG1 . VAL A 1 53  ? 11.646  -4.437  6.489   1.00 16.78 ? 53  VAL A CG1 1 
ATOM   313  C CG2 . VAL A 1 53  ? 14.033  -5.141  6.293   1.00 17.22 ? 53  VAL A CG2 1 
ATOM   314  N N   . GLN A 1 54  ? 10.596  -5.873  9.490   1.00 16.72 ? 54  GLN A N   1 
ATOM   315  C CA  . GLN A 1 54  ? 9.258   -6.269  9.934   1.00 17.84 ? 54  GLN A CA  1 
ATOM   316  C C   . GLN A 1 54  ? 8.167   -5.338  9.390   1.00 17.22 ? 54  GLN A C   1 
ATOM   317  O O   . GLN A 1 54  ? 7.030   -5.766  9.190   1.00 18.01 ? 54  GLN A O   1 
ATOM   318  C CB  . GLN A 1 54  ? 9.216   -6.335  11.462  1.00 18.24 ? 54  GLN A CB  1 
ATOM   319  C CG  . GLN A 1 54  ? 10.114  -7.425  12.034  1.00 21.24 ? 54  GLN A CG  1 
ATOM   320  C CD  . GLN A 1 54  ? 9.990   -7.567  13.539  1.00 22.77 ? 54  GLN A CD  1 
ATOM   321  O OE1 . GLN A 1 54  ? 10.053  -6.584  14.276  1.00 29.93 ? 54  GLN A OE1 1 
ATOM   322  N NE2 . GLN A 1 54  ? 9.824   -8.801  14.005  1.00 29.46 ? 54  GLN A NE2 1 
ATOM   323  N N   . ALA A 1 55  ? 8.511   -4.071  9.164   1.00 17.24 ? 55  ALA A N   1 
ATOM   324  C CA  . ALA A 1 55  ? 7.634   -3.142  8.448   1.00 17.29 ? 55  ALA A CA  1 
ATOM   325  C C   . ALA A 1 55  ? 8.466   -2.073  7.744   1.00 17.21 ? 55  ALA A C   1 
ATOM   326  O O   . ALA A 1 55  ? 9.109   -1.253  8.399   1.00 17.41 ? 55  ALA A O   1 
ATOM   327  C CB  . ALA A 1 55  ? 6.634   -2.500  9.398   1.00 17.79 ? 55  ALA A CB  1 
ATOM   328  N N   . GLY A 1 56  ? 8.444   -2.089  6.414   1.00 16.82 ? 56  GLY A N   1 
ATOM   329  C CA  . GLY A 1 56  ? 9.278   -1.202  5.602   1.00 16.71 ? 56  GLY A CA  1 
ATOM   330  C C   . GLY A 1 56  ? 8.524   -0.629  4.412   1.00 16.25 ? 56  GLY A C   1 
ATOM   331  O O   . GLY A 1 56  ? 7.325   -0.365  4.510   1.00 16.47 ? 56  GLY A O   1 
ATOM   332  N N   . PRO A 1 57  ? 9.218   -0.428  3.274   1.00 15.08 ? 57  PRO A N   1 
ATOM   333  C CA  . PRO A 1 57  ? 10.629  -0.726  3.017   1.00 14.25 ? 57  PRO A CA  1 
ATOM   334  C C   . PRO A 1 57  ? 11.581  0.332   3.575   1.00 14.07 ? 57  PRO A C   1 
ATOM   335  O O   . PRO A 1 57  ? 11.170  1.459   3.846   1.00 14.19 ? 57  PRO A O   1 
ATOM   336  C CB  . PRO A 1 57  ? 10.704  -0.748  1.491   1.00 14.12 ? 57  PRO A CB  1 
ATOM   337  C CG  . PRO A 1 57  ? 9.659   0.202   1.057   1.00 14.86 ? 57  PRO A CG  1 
ATOM   338  C CD  . PRO A 1 57  ? 8.565   0.159   2.089   1.00 14.91 ? 57  PRO A CD  1 
ATOM   339  N N   . TRP A 1 58  ? 12.846  -0.047  3.737   1.00 13.10 ? 58  TRP A N   1 
ATOM   340  C CA  . TRP A 1 58  ? 13.890  0.864   4.199   1.00 13.14 ? 58  TRP A CA  1 
ATOM   341  C C   . TRP A 1 58  ? 14.953  1.022   3.120   1.00 13.10 ? 58  TRP A C   1 
ATOM   342  O O   . TRP A 1 58  ? 15.042  0.204   2.202   1.00 11.74 ? 58  TRP A O   1 
ATOM   343  C CB  . TRP A 1 58  ? 14.546  0.320   5.468   1.00 13.81 ? 58  TRP A CB  1 
ATOM   344  C CG  . TRP A 1 58  ? 13.663  0.340   6.673   1.00 13.80 ? 58  TRP A CG  1 
ATOM   345  C CD1 . TRP A 1 58  ? 12.551  -0.420  6.888   1.00 15.19 ? 58  TRP A CD1 1 
ATOM   346  C CD2 . TRP A 1 58  ? 13.830  1.148   7.844   1.00 13.90 ? 58  TRP A CD2 1 
ATOM   347  N NE1 . TRP A 1 58  ? 12.009  -0.128  8.115   1.00 15.16 ? 58  TRP A NE1 1 
ATOM   348  C CE2 . TRP A 1 58  ? 12.774  0.831   8.724   1.00 14.10 ? 58  TRP A CE2 1 
ATOM   349  C CE3 . TRP A 1 58  ? 14.768  2.112   8.234   1.00 15.78 ? 58  TRP A CE3 1 
ATOM   350  C CZ2 . TRP A 1 58  ? 12.629  1.442   9.971   1.00 14.05 ? 58  TRP A CZ2 1 
ATOM   351  C CZ3 . TRP A 1 58  ? 14.622  2.721   9.474   1.00 14.73 ? 58  TRP A CZ3 1 
ATOM   352  C CH2 . TRP A 1 58  ? 13.559  2.383   10.327  1.00 14.42 ? 58  TRP A CH2 1 
ATOM   353  N N   . VAL A 1 59  ? 15.752  2.081   3.236   1.00 13.09 ? 59  VAL A N   1 
ATOM   354  C CA  . VAL A 1 59  ? 16.962  2.223   2.429   1.00 13.05 ? 59  VAL A CA  1 
ATOM   355  C C   . VAL A 1 59  ? 18.162  2.465   3.345   1.00 13.92 ? 59  VAL A C   1 
ATOM   356  O O   . VAL A 1 59  ? 18.211  3.456   4.078   1.00 13.24 ? 59  VAL A O   1 
ATOM   357  C CB  . VAL A 1 59  ? 16.845  3.329   1.336   1.00 13.55 ? 59  VAL A CB  1 
ATOM   358  C CG1 . VAL A 1 59  ? 16.507  4.698   1.933   1.00 14.58 ? 59  VAL A CG1 1 
ATOM   359  C CG2 . VAL A 1 59  ? 18.127  3.398   0.504   1.00 12.73 ? 59  VAL A CG2 1 
ATOM   360  N N   . GLY A 1 60  ? 19.113  1.533   3.313   1.00 12.75 ? 60  GLY A N   1 
ATOM   361  C CA  . GLY A 1 60  ? 20.343  1.646   4.086   1.00 13.24 ? 60  GLY A CA  1 
ATOM   362  C C   . GLY A 1 60  ? 21.461  2.193   3.227   1.00 13.48 ? 60  GLY A C   1 
ATOM   363  O O   . GLY A 1 60  ? 21.410  2.099   1.998   1.00 12.51 ? 60  GLY A O   1 
ATOM   364  N N   . TYR A 1 61  ? 22.471  2.767   3.873   1.00 13.65 ? 61  TYR A N   1 
ATOM   365  C CA  . TYR A 1 61  ? 23.591  3.371   3.161   1.00 14.65 ? 61  TYR A CA  1 
ATOM   366  C C   . TYR A 1 61  ? 24.934  2.894   3.696   1.00 14.83 ? 61  TYR A C   1 
ATOM   367  O O   . TYR A 1 61  ? 25.058  2.501   4.857   1.00 14.23 ? 61  TYR A O   1 
ATOM   368  C CB  . TYR A 1 61  ? 23.516  4.895   3.243   1.00 14.24 ? 61  TYR A CB  1 
ATOM   369  C CG  . TYR A 1 61  ? 22.261  5.490   2.645   1.00 14.43 ? 61  TYR A CG  1 
ATOM   370  C CD1 . TYR A 1 61  ? 21.079  5.548   3.379   1.00 15.10 ? 61  TYR A CD1 1 
ATOM   371  C CD2 . TYR A 1 61  ? 22.257  6.003   1.352   1.00 14.29 ? 61  TYR A CD2 1 
ATOM   372  C CE1 . TYR A 1 61  ? 19.924  6.096   2.838   1.00 14.51 ? 61  TYR A CE1 1 
ATOM   373  C CE2 . TYR A 1 61  ? 21.107  6.555   0.803   1.00 13.58 ? 61  TYR A CE2 1 
ATOM   374  C CZ  . TYR A 1 61  ? 19.945  6.597   1.549   1.00 13.29 ? 61  TYR A CZ  1 
ATOM   375  O OH  . TYR A 1 61  ? 18.805  7.141   1.004   1.00 14.39 ? 61  TYR A OH  1 
ATOM   376  N N   . GLU A 1 62  ? 25.931  2.936   2.819   1.00 16.06 ? 62  GLU A N   1 
ATOM   377  C CA  . GLU A 1 62  ? 27.309  2.590   3.148   1.00 16.80 ? 62  GLU A CA  1 
ATOM   378  C C   . GLU A 1 62  ? 27.860  3.483   4.259   1.00 16.80 ? 62  GLU A C   1 
ATOM   379  O O   . GLU A 1 62  ? 28.432  2.993   5.234   1.00 17.94 ? 62  GLU A O   1 
ATOM   380  C CB  . GLU A 1 62  ? 28.170  2.754   1.893   1.00 16.75 ? 62  GLU A CB  1 
ATOM   381  C CG  . GLU A 1 62  ? 29.658  2.480   2.073   1.00 18.14 ? 62  GLU A CG  1 
ATOM   382  C CD  . GLU A 1 62  ? 30.522  3.296   1.128   1.00 21.38 ? 62  GLU A CD  1 
ATOM   383  O OE1 . GLU A 1 62  ? 30.005  3.786   0.099   1.00 18.41 ? 62  GLU A OE1 1 
ATOM   384  O OE2 . GLU A 1 62  ? 31.724  3.453   1.424   1.00 26.14 ? 62  GLU A OE2 1 
ATOM   385  N N   . GLN A 1 63  ? 27.678  4.791   4.093   1.00 17.58 ? 63  GLN A N   1 
ATOM   386  C CA  . GLN A 1 63  ? 28.279  5.791   4.973   1.00 18.42 ? 63  GLN A CA  1 
ATOM   387  C C   . GLN A 1 63  ? 27.228  6.505   5.815   1.00 18.22 ? 63  GLN A C   1 
ATOM   388  O O   . GLN A 1 63  ? 26.026  6.386   5.563   1.00 16.40 ? 63  GLN A O   1 
ATOM   389  C CB  . GLN A 1 63  ? 29.053  6.811   4.136   1.00 18.67 ? 63  GLN A CB  1 
ATOM   390  C CG  . GLN A 1 63  ? 30.215  6.205   3.352   1.00 21.74 ? 63  GLN A CG  1 
ATOM   391  C CD  . GLN A 1 63  ? 30.788  7.135   2.294   1.00 23.17 ? 63  GLN A CD  1 
ATOM   392  O OE1 . GLN A 1 63  ? 31.622  6.725   1.485   1.00 32.32 ? 63  GLN A OE1 1 
ATOM   393  N NE2 . GLN A 1 63  ? 30.346  8.391   2.293   1.00 28.17 ? 63  GLN A NE2 1 
ATOM   394  N N   . ALA A 1 64  ? 27.695  7.243   6.820   1.00 18.24 ? 64  ALA A N   1 
ATOM   395  C CA  . ALA A 1 64  ? 26.816  8.000   7.710   1.00 18.77 ? 64  ALA A CA  1 
ATOM   396  C C   . ALA A 1 64  ? 26.131  9.146   6.967   1.00 18.72 ? 64  ALA A C   1 
ATOM   397  O O   . ALA A 1 64  ? 26.608  9.592   5.922   1.00 19.10 ? 64  ALA A O   1 
ATOM   398  C CB  . ALA A 1 64  ? 27.605  8.539   8.898   1.00 19.12 ? 64  ALA A CB  1 
ATOM   399  N N   . ASN A 1 65  ? 25.011  9.609   7.521   1.00 19.00 ? 65  ASN A N   1 
ATOM   400  C CA  . ASN A 1 65  ? 24.226  10.710  6.950   1.00 19.57 ? 65  ASN A CA  1 
ATOM   401  C C   . ASN A 1 65  ? 23.668  10.408  5.553   1.00 19.36 ? 65  ASN A C   1 
ATOM   402  O O   . ASN A 1 65  ? 23.557  11.304  4.713   1.00 19.38 ? 65  ASN A O   1 
ATOM   403  C CB  . ASN A 1 65  ? 25.044  12.010  6.937   1.00 19.63 ? 65  ASN A CB  1 
ATOM   404  C CG  . ASN A 1 65  ? 25.578  12.377  8.311   1.00 22.96 ? 65  ASN A CG  1 
ATOM   405  O OD1 . ASN A 1 65  ? 24.838  12.382  9.296   1.00 25.96 ? 65  ASN A OD1 1 
ATOM   406  N ND2 . ASN A 1 65  ? 26.866  12.696  8.382   1.00 26.59 ? 65  ASN A ND2 1 
ATOM   407  N N   . CYS A 1 66  ? 23.313  9.143   5.325   1.00 19.01 ? 66  CYS A N   1 
ATOM   408  C CA  . CYS A 1 66  ? 22.693  8.695   4.075   1.00 18.86 ? 66  CYS A CA  1 
ATOM   409  C C   . CYS A 1 66  ? 23.548  8.985   2.835   1.00 19.02 ? 66  CYS A C   1 
ATOM   410  O O   . CYS A 1 66  ? 23.075  9.590   1.871   1.00 19.31 ? 66  CYS A O   1 
ATOM   411  C CB  . CYS A 1 66  ? 21.293  9.306   3.919   1.00 18.81 ? 66  CYS A CB  1 
ATOM   412  S SG  . CYS A 1 66  ? 20.192  8.995   5.323   1.00 19.07 ? 66  CYS A SG  1 
ATOM   413  N N   . LYS A 1 67  ? 24.804  8.539   2.874   1.00 18.71 ? 67  LYS A N   1 
ATOM   414  C CA  . LYS A 1 67  ? 25.747  8.730   1.766   1.00 19.17 ? 67  LYS A CA  1 
ATOM   415  C C   . LYS A 1 67  ? 26.364  7.403   1.329   1.00 17.50 ? 67  LYS A C   1 
ATOM   416  O O   . LYS A 1 67  ? 26.355  6.426   2.078   1.00 17.43 ? 67  LYS A O   1 
ATOM   417  C CB  . LYS A 1 67  ? 26.868  9.691   2.177   1.00 20.19 ? 67  LYS A CB  1 
ATOM   418  C CG  . LYS A 1 67  ? 26.401  11.054  2.674   1.00 23.02 ? 67  LYS A CG  1 
ATOM   419  C CD  . LYS A 1 67  ? 25.679  11.843  1.592   1.00 25.40 ? 67  LYS A CD  1 
ATOM   420  C CE  . LYS A 1 67  ? 25.339  13.247  2.067   1.00 27.63 ? 67  LYS A CE  1 
ATOM   421  N NZ  . LYS A 1 67  ? 24.534  13.997  1.063   1.00 30.16 ? 67  LYS A NZ  1 
ATOM   422  N N   . GLY A 1 68  ? 26.906  7.384   0.113   1.00 16.80 ? 68  GLY A N   1 
ATOM   423  C CA  . GLY A 1 68  ? 27.582  6.204   -0.426  1.00 15.72 ? 68  GLY A CA  1 
ATOM   424  C C   . GLY A 1 68  ? 26.640  5.263   -1.153  1.00 15.20 ? 68  GLY A C   1 
ATOM   425  O O   . GLY A 1 68  ? 25.618  5.691   -1.696  1.00 16.90 ? 68  GLY A O   1 
ATOM   426  N N   . GLU A 1 69  ? 26.990  3.978   -1.169  1.00 14.42 ? 69  GLU A N   1 
ATOM   427  C CA  . GLU A 1 69  ? 26.180  2.957   -1.844  1.00 13.91 ? 69  GLU A CA  1 
ATOM   428  C C   . GLU A 1 69  ? 24.867  2.708   -1.103  1.00 13.91 ? 69  GLU A C   1 
ATOM   429  O O   . GLU A 1 69  ? 24.817  2.769   0.126   1.00 13.03 ? 69  GLU A O   1 
ATOM   430  C CB  A GLU A 1 69  ? 26.968  1.654   -2.014  0.65 14.07 ? 69  GLU A CB  1 
ATOM   431  C CB  B GLU A 1 69  ? 26.968  1.647   -1.973  0.35 13.89 ? 69  GLU A CB  1 
ATOM   432  C CG  A GLU A 1 69  ? 27.961  1.701   -3.169  0.65 15.95 ? 69  GLU A CG  1 
ATOM   433  C CG  B GLU A 1 69  ? 26.222  0.526   -2.701  0.35 13.78 ? 69  GLU A CG  1 
ATOM   434  C CD  A GLU A 1 69  ? 28.799  0.439   -3.291  0.65 15.49 ? 69  GLU A CD  1 
ATOM   435  C CD  B GLU A 1 69  ? 27.050  -0.740  -2.861  0.35 13.98 ? 69  GLU A CD  1 
ATOM   436  O OE1 A GLU A 1 69  ? 29.755  0.441   -4.096  0.65 14.91 ? 69  GLU A OE1 1 
ATOM   437  O OE1 B GLU A 1 69  ? 26.460  -1.792  -3.185  0.35 13.79 ? 69  GLU A OE1 1 
ATOM   438  O OE2 A GLU A 1 69  ? 28.503  -0.554  -2.592  0.65 18.19 ? 69  GLU A OE2 1 
ATOM   439  O OE2 B GLU A 1 69  ? 28.283  -0.689  -2.666  0.35 16.23 ? 69  GLU A OE2 1 
ATOM   440  N N   . GLN A 1 70  ? 23.819  2.416   -1.870  1.00 13.60 ? 70  GLN A N   1 
ATOM   441  C CA  . GLN A 1 70  ? 22.456  2.319   -1.352  1.00 13.37 ? 70  GLN A CA  1 
ATOM   442  C C   . GLN A 1 70  ? 21.954  0.877   -1.384  1.00 12.82 ? 70  GLN A C   1 
ATOM   443  O O   . GLN A 1 70  ? 22.194  0.152   -2.351  1.00 12.35 ? 70  GLN A O   1 
ATOM   444  C CB  . GLN A 1 70  ? 21.529  3.206   -2.185  1.00 13.66 ? 70  GLN A CB  1 
ATOM   445  C CG  . GLN A 1 70  ? 21.985  4.660   -2.274  1.00 14.03 ? 70  GLN A CG  1 
ATOM   446  C CD  . GLN A 1 70  ? 21.305  5.428   -3.390  1.00 14.92 ? 70  GLN A CD  1 
ATOM   447  O OE1 . GLN A 1 70  ? 21.921  5.739   -4.410  1.00 19.35 ? 70  GLN A OE1 1 
ATOM   448  N NE2 . GLN A 1 70  ? 20.028  5.740   -3.201  1.00 13.49 ? 70  GLN A NE2 1 
ATOM   449  N N   . PHE A 1 71  ? 21.261  0.470   -0.320  1.00 12.55 ? 71  PHE A N   1 
ATOM   450  C CA  . PHE A 1 71  ? 20.674  -0.869  -0.226  1.00 12.25 ? 71  PHE A CA  1 
ATOM   451  C C   . PHE A 1 71  ? 19.209  -0.765  0.191   1.00 12.54 ? 71  PHE A C   1 
ATOM   452  O O   . PHE A 1 71  ? 18.904  -0.222  1.253   1.00 12.37 ? 71  PHE A O   1 
ATOM   453  C CB  . PHE A 1 71  ? 21.428  -1.735  0.793   1.00 13.51 ? 71  PHE A CB  1 
ATOM   454  C CG  . PHE A 1 71  ? 22.867  -1.349  0.982   1.00 12.59 ? 71  PHE A CG  1 
ATOM   455  C CD1 . PHE A 1 71  ? 23.806  -1.606  -0.007  1.00 13.63 ? 71  PHE A CD1 1 
ATOM   456  C CD2 . PHE A 1 71  ? 23.287  -0.737  2.158   1.00 14.47 ? 71  PHE A CD2 1 
ATOM   457  C CE1 . PHE A 1 71  ? 25.137  -1.255  0.170   1.00 15.49 ? 71  PHE A CE1 1 
ATOM   458  C CE2 . PHE A 1 71  ? 24.616  -0.383  2.340   1.00 16.12 ? 71  PHE A CE2 1 
ATOM   459  C CZ  . PHE A 1 71  ? 25.543  -0.642  1.344   1.00 15.34 ? 71  PHE A CZ  1 
ATOM   460  N N   . VAL A 1 72  ? 18.312  -1.287  -0.641  1.00 11.78 ? 72  VAL A N   1 
ATOM   461  C CA  . VAL A 1 72  ? 16.880  -1.281  -0.347  1.00 12.21 ? 72  VAL A CA  1 
ATOM   462  C C   . VAL A 1 72  ? 16.502  -2.552  0.410   1.00 12.52 ? 72  VAL A C   1 
ATOM   463  O O   . VAL A 1 72  ? 16.696  -3.661  -0.090  1.00 12.11 ? 72  VAL A O   1 
ATOM   464  C CB  . VAL A 1 72  ? 16.031  -1.172  -1.633  1.00 12.79 ? 72  VAL A CB  1 
ATOM   465  C CG1 . VAL A 1 72  ? 14.537  -1.234  -1.307  1.00 13.32 ? 72  VAL A CG1 1 
ATOM   466  C CG2 . VAL A 1 72  ? 16.362  0.115   -2.377  1.00 14.43 ? 72  VAL A CG2 1 
ATOM   467  N N   . PHE A 1 73  ? 15.962  -2.375  1.615   1.00 12.21 ? 73  PHE A N   1 
ATOM   468  C CA  . PHE A 1 73  ? 15.529  -3.487  2.455   1.00 12.36 ? 73  PHE A CA  1 
ATOM   469  C C   . PHE A 1 73  ? 14.006  -3.583  2.451   1.00 13.26 ? 73  PHE A C   1 
ATOM   470  O O   . PHE A 1 73  ? 13.321  -2.596  2.720   1.00 13.17 ? 73  PHE A O   1 
ATOM   471  C CB  . PHE A 1 73  ? 16.019  -3.288  3.890   1.00 12.60 ? 73  PHE A CB  1 
ATOM   472  C CG  . PHE A 1 73  ? 17.510  -3.337  4.039   1.00 11.66 ? 73  PHE A CG  1 
ATOM   473  C CD1 . PHE A 1 73  ? 18.268  -2.176  3.981   1.00 11.18 ? 73  PHE A CD1 1 
ATOM   474  C CD2 . PHE A 1 73  ? 18.157  -4.547  4.252   1.00 12.59 ? 73  PHE A CD2 1 
ATOM   475  C CE1 . PHE A 1 73  ? 19.648  -2.220  4.126   1.00 13.18 ? 73  PHE A CE1 1 
ATOM   476  C CE2 . PHE A 1 73  ? 19.537  -4.601  4.399   1.00 13.16 ? 73  PHE A CE2 1 
ATOM   477  C CZ  . PHE A 1 73  ? 20.283  -3.435  4.335   1.00 12.38 ? 73  PHE A CZ  1 
ATOM   478  N N   . GLU A 1 74  ? 13.488  -4.770  2.144   1.00 13.27 ? 74  GLU A N   1 
ATOM   479  C CA  . GLU A 1 74  ? 12.048  -5.027  2.163   1.00 13.30 ? 74  GLU A CA  1 
ATOM   480  C C   . GLU A 1 74  ? 11.718  -6.072  3.217   1.00 13.97 ? 74  GLU A C   1 
ATOM   481  O O   . GLU A 1 74  ? 12.612  -6.749  3.723   1.00 13.23 ? 74  GLU A O   1 
ATOM   482  C CB  . GLU A 1 74  ? 11.579  -5.500  0.792   1.00 12.95 ? 74  GLU A CB  1 
ATOM   483  C CG  . GLU A 1 74  ? 11.612  -4.411  -0.260  1.00 13.55 ? 74  GLU A CG  1 
ATOM   484  C CD  . GLU A 1 74  ? 11.594  -4.968  -1.664  1.00 14.23 ? 74  GLU A CD  1 
ATOM   485  O OE1 . GLU A 1 74  ? 12.478  -5.794  -1.993  1.00 14.16 ? 74  GLU A OE1 1 
ATOM   486  O OE2 . GLU A 1 74  ? 10.693  -4.578  -2.437  1.00 12.76 ? 74  GLU A OE2 1 
ATOM   487  N N   . LYS A 1 75  ? 10.433  -6.205  3.539   1.00 14.58 ? 75  LYS A N   1 
ATOM   488  C CA  . LYS A 1 75  ? 9.997   -7.101  4.611   1.00 15.10 ? 75  LYS A CA  1 
ATOM   489  C C   . LYS A 1 75  ? 10.528  -8.517  4.399   1.00 14.95 ? 75  LYS A C   1 
ATOM   490  O O   . LYS A 1 75  ? 10.242  -9.151  3.383   1.00 14.77 ? 75  LYS A O   1 
ATOM   491  C CB  . LYS A 1 75  ? 8.471   -7.121  4.730   1.00 15.87 ? 75  LYS A CB  1 
ATOM   492  C CG  . LYS A 1 75  ? 7.979   -7.730  6.036   1.00 16.87 ? 75  LYS A CG  1 
ATOM   493  C CD  . LYS A 1 75  ? 6.468   -7.650  6.162   1.00 18.51 ? 75  LYS A CD  1 
ATOM   494  C CE  A LYS A 1 75  ? 5.961   -8.497  7.316   0.65 20.67 ? 75  LYS A CE  1 
ATOM   495  C CE  B LYS A 1 75  ? 5.951   -8.520  7.302   0.35 18.94 ? 75  LYS A CE  1 
ATOM   496  N NZ  A LYS A 1 75  ? 4.479   -8.430  7.450   0.65 22.71 ? 75  LYS A NZ  1 
ATOM   497  N NZ  B LYS A 1 75  ? 6.653   -8.273  8.590   0.35 18.68 ? 75  LYS A NZ  1 
ATOM   498  N N   . GLY A 1 76  ? 11.314  -8.995  5.362   1.00 14.93 ? 76  GLY A N   1 
ATOM   499  C CA  . GLY A 1 76  ? 11.925  -10.317 5.278   1.00 15.01 ? 76  GLY A CA  1 
ATOM   500  C C   . GLY A 1 76  ? 13.257  -10.410 5.995   1.00 15.11 ? 76  GLY A C   1 
ATOM   501  O O   . GLY A 1 76  ? 13.583  -9.572  6.838   1.00 15.85 ? 76  GLY A O   1 
ATOM   502  N N   . GLU A 1 77  ? 14.032  -11.427 5.630   1.00 15.22 ? 77  GLU A N   1 
ATOM   503  C CA  . GLU A 1 77  ? 15.262  -11.786 6.321   1.00 15.97 ? 77  GLU A CA  1 
ATOM   504  C C   . GLU A 1 77  ? 16.479  -11.597 5.415   1.00 15.73 ? 77  GLU A C   1 
ATOM   505  O O   . GLU A 1 77  ? 16.531  -12.143 4.311   1.00 15.54 ? 77  GLU A O   1 
ATOM   506  C CB  . GLU A 1 77  ? 15.181  -13.243 6.779   1.00 16.02 ? 77  GLU A CB  1 
ATOM   507  C CG  . GLU A 1 77  ? 14.151  -13.494 7.874   1.00 18.19 ? 77  GLU A CG  1 
ATOM   508  C CD  . GLU A 1 77  ? 14.000  -14.967 8.221   1.00 19.58 ? 77  GLU A CD  1 
ATOM   509  O OE1 . GLU A 1 77  ? 14.902  -15.764 7.887   1.00 23.57 ? 77  GLU A OE1 1 
ATOM   510  O OE2 . GLU A 1 77  ? 12.974  -15.327 8.835   1.00 25.45 ? 77  GLU A OE2 1 
ATOM   511  N N   . TYR A 1 78  ? 17.446  -10.816 5.894   1.00 15.71 ? 78  TYR A N   1 
ATOM   512  C CA  . TYR A 1 78  ? 18.741  -10.656 5.238   1.00 16.06 ? 78  TYR A CA  1 
ATOM   513  C C   . TYR A 1 78  ? 19.810  -11.168 6.211   1.00 17.12 ? 78  TYR A C   1 
ATOM   514  O O   . TYR A 1 78  ? 20.296  -10.412 7.054   1.00 16.13 ? 78  TYR A O   1 
ATOM   515  C CB  . TYR A 1 78  ? 18.985  -9.184  4.891   1.00 15.20 ? 78  TYR A CB  1 
ATOM   516  C CG  . TYR A 1 78  ? 18.006  -8.607  3.889   1.00 13.54 ? 78  TYR A CG  1 
ATOM   517  C CD1 . TYR A 1 78  ? 16.763  -8.128  4.297   1.00 13.13 ? 78  TYR A CD1 1 
ATOM   518  C CD2 . TYR A 1 78  ? 18.328  -8.525  2.536   1.00 14.47 ? 78  TYR A CD2 1 
ATOM   519  C CE1 . TYR A 1 78  ? 15.865  -7.593  3.384   1.00 13.47 ? 78  TYR A CE1 1 
ATOM   520  C CE2 . TYR A 1 78  ? 17.436  -7.989  1.615   1.00 14.39 ? 78  TYR A CE2 1 
ATOM   521  C CZ  . TYR A 1 78  ? 16.206  -7.525  2.044   1.00 14.07 ? 78  TYR A CZ  1 
ATOM   522  O OH  . TYR A 1 78  ? 15.319  -6.994  1.137   1.00 14.01 ? 78  TYR A OH  1 
ATOM   523  N N   . PRO A 1 79  ? 20.178  -12.459 6.102   1.00 18.49 ? 79  PRO A N   1 
ATOM   524  C CA  . PRO A 1 79  ? 20.983  -13.116 7.134   1.00 19.65 ? 79  PRO A CA  1 
ATOM   525  C C   . PRO A 1 79  ? 22.495  -12.866 7.079   1.00 20.99 ? 79  PRO A C   1 
ATOM   526  O O   . PRO A 1 79  ? 23.206  -13.259 8.004   1.00 21.79 ? 79  PRO A O   1 
ATOM   527  C CB  . PRO A 1 79  ? 20.692  -14.598 6.893   1.00 19.92 ? 79  PRO A CB  1 
ATOM   528  C CG  . PRO A 1 79  ? 20.489  -14.690 5.427   1.00 19.06 ? 79  PRO A CG  1 
ATOM   529  C CD  . PRO A 1 79  ? 19.863  -13.383 4.995   1.00 18.51 ? 79  PRO A CD  1 
ATOM   530  N N   . ARG A 1 80  ? 22.983  -12.242 6.007   1.00 21.45 ? 80  ARG A N   1 
ATOM   531  C CA  . ARG A 1 80  ? 24.408  -11.923 5.875   1.00 23.13 ? 80  ARG A CA  1 
ATOM   532  C C   . ARG A 1 80  ? 24.611  -10.529 5.295   1.00 23.34 ? 80  ARG A C   1 
ATOM   533  O O   . ARG A 1 80  ? 23.668  -9.910  4.803   1.00 23.21 ? 80  ARG A O   1 
ATOM   534  C CB  . ARG A 1 80  ? 25.110  -12.948 4.986   1.00 23.43 ? 80  ARG A CB  1 
ATOM   535  C CG  . ARG A 1 80  ? 25.164  -14.355 5.559   1.00 25.66 ? 80  ARG A CG  1 
ATOM   536  C CD  . ARG A 1 80  ? 26.116  -15.236 4.757   1.00 26.50 ? 80  ARG A CD  1 
ATOM   537  N NE  . ARG A 1 80  ? 25.891  -15.108 3.317   1.00 27.86 ? 80  ARG A NE  1 
ATOM   538  C CZ  . ARG A 1 80  ? 24.870  -15.656 2.658   1.00 29.14 ? 80  ARG A CZ  1 
ATOM   539  N NH1 . ARG A 1 80  ? 24.755  -15.464 1.349   1.00 30.13 ? 80  ARG A NH1 1 
ATOM   540  N NH2 . ARG A 1 80  ? 23.969  -16.402 3.291   1.00 29.24 ? 80  ARG A NH2 1 
ATOM   541  N N   . TRP A 1 81  ? 25.849  -10.046 5.354   1.00 24.11 ? 81  TRP A N   1 
ATOM   542  C CA  . TRP A 1 81  ? 26.194  -8.733  4.806   1.00 24.49 ? 81  TRP A CA  1 
ATOM   543  C C   . TRP A 1 81  ? 26.035  -8.698  3.284   1.00 24.81 ? 81  TRP A C   1 
ATOM   544  O O   . TRP A 1 81  ? 25.575  -7.700  2.730   1.00 27.03 ? 81  TRP A O   1 
ATOM   545  C CB  . TRP A 1 81  ? 27.618  -8.321  5.214   1.00 27.29 ? 81  TRP A CB  1 
ATOM   546  C CG  . TRP A 1 81  ? 28.708  -9.092  4.523   1.00 28.00 ? 81  TRP A CG  1 
ATOM   547  C CD1 . TRP A 1 81  ? 29.361  -10.194 4.993   1.00 30.16 ? 81  TRP A CD1 1 
ATOM   548  C CD2 . TRP A 1 81  ? 29.267  -8.815  3.234   1.00 29.52 ? 81  TRP A CD2 1 
ATOM   549  N NE1 . TRP A 1 81  ? 30.290  -10.622 4.075   1.00 30.13 ? 81  TRP A NE1 1 
ATOM   550  C CE2 . TRP A 1 81  ? 30.251  -9.794  2.985   1.00 31.08 ? 81  TRP A CE2 1 
ATOM   551  C CE3 . TRP A 1 81  ? 29.023  -7.837  2.261   1.00 29.40 ? 81  TRP A CE3 1 
ATOM   552  C CZ2 . TRP A 1 81  ? 30.997  -9.820  1.806   1.00 29.09 ? 81  TRP A CZ2 1 
ATOM   553  C CZ3 . TRP A 1 81  ? 29.761  -7.866  1.090   1.00 29.55 ? 81  TRP A CZ3 1 
ATOM   554  C CH2 . TRP A 1 81  ? 30.738  -8.851  0.872   1.00 29.51 ? 81  TRP A CH2 1 
ATOM   555  N N   . ASP A 1 82  ? 26.405  -9.792  2.619   1.00 22.20 ? 82  ASP A N   1 
ATOM   556  C CA  . ASP A 1 82  ? 26.372  -9.866  1.154   1.00 21.44 ? 82  ASP A CA  1 
ATOM   557  C C   . ASP A 1 82  ? 24.976  -10.150 0.591   1.00 19.48 ? 82  ASP A C   1 
ATOM   558  O O   . ASP A 1 82  ? 24.787  -10.140 -0.626  1.00 19.98 ? 82  ASP A O   1 
ATOM   559  C CB  . ASP A 1 82  ? 27.369  -10.918 0.642   1.00 20.88 ? 82  ASP A CB  1 
ATOM   560  C CG  . ASP A 1 82  ? 27.012  -12.332 1.073   1.00 23.97 ? 82  ASP A CG  1 
ATOM   561  O OD1 . ASP A 1 82  ? 26.406  -12.493 2.153   1.00 21.49 ? 82  ASP A OD1 1 
ATOM   562  O OD2 . ASP A 1 82  ? 27.346  -13.281 0.332   1.00 30.56 ? 82  ASP A OD2 1 
ATOM   563  N N   . SER A 1 83  ? 24.006  -10.405 1.469   1.00 18.38 ? 83  SER A N   1 
ATOM   564  C CA  . SER A 1 83  ? 22.632  -10.671 1.048   1.00 17.73 ? 83  SER A CA  1 
ATOM   565  C C   . SER A 1 83  ? 21.896  -9.411  0.580   1.00 16.70 ? 83  SER A C   1 
ATOM   566  O O   . SER A 1 83  ? 20.932  -9.518  -0.178  1.00 15.64 ? 83  SER A O   1 
ATOM   567  C CB  . SER A 1 83  ? 21.843  -11.340 2.178   1.00 18.18 ? 83  SER A CB  1 
ATOM   568  O OG  . SER A 1 83  ? 21.696  -10.471 3.286   1.00 17.06 ? 83  SER A OG  1 
ATOM   569  N N   . TRP A 1 84  ? 22.340  -8.234  1.027   1.00 16.45 ? 84  TRP A N   1 
ATOM   570  C CA  . TRP A 1 84  ? 21.670  -6.969  0.682   1.00 16.37 ? 84  TRP A CA  1 
ATOM   571  C C   . TRP A 1 84  ? 22.469  -6.047  -0.250  1.00 16.26 ? 84  TRP A C   1 
ATOM   572  O O   . TRP A 1 84  ? 21.970  -4.990  -0.639  1.00 14.79 ? 84  TRP A O   1 
ATOM   573  C CB  . TRP A 1 84  ? 21.262  -6.205  1.954   1.00 16.36 ? 84  TRP A CB  1 
ATOM   574  C CG  . TRP A 1 84  ? 22.399  -5.648  2.781   1.00 16.21 ? 84  TRP A CG  1 
ATOM   575  C CD1 . TRP A 1 84  ? 23.227  -4.610  2.455   1.00 16.93 ? 84  TRP A CD1 1 
ATOM   576  C CD2 . TRP A 1 84  ? 22.799  -6.080  4.089   1.00 15.26 ? 84  TRP A CD2 1 
ATOM   577  N NE1 . TRP A 1 84  ? 24.127  -4.383  3.468   1.00 17.17 ? 84  TRP A NE1 1 
ATOM   578  C CE2 . TRP A 1 84  ? 23.885  -5.270  4.483   1.00 16.10 ? 84  TRP A CE2 1 
ATOM   579  C CE3 . TRP A 1 84  ? 22.349  -7.078  4.960   1.00 17.04 ? 84  TRP A CE3 1 
ATOM   580  C CZ2 . TRP A 1 84  ? 24.529  -5.429  5.713   1.00 17.31 ? 84  TRP A CZ2 1 
ATOM   581  C CZ3 . TRP A 1 84  ? 22.989  -7.235  6.181   1.00 16.80 ? 84  TRP A CZ3 1 
ATOM   582  C CH2 . TRP A 1 84  ? 24.065  -6.412  6.547   1.00 15.59 ? 84  TRP A CH2 1 
ATOM   583  N N   . THR A 1 85  ? 23.691  -6.439  -0.607  1.00 16.26 ? 85  THR A N   1 
ATOM   584  C CA  . THR A 1 85  ? 24.543  -5.625  -1.482  1.00 18.50 ? 85  THR A CA  1 
ATOM   585  C C   . THR A 1 85  ? 25.280  -6.502  -2.495  1.00 18.95 ? 85  THR A C   1 
ATOM   586  O O   . THR A 1 85  ? 25.713  -7.608  -2.165  1.00 17.09 ? 85  THR A O   1 
ATOM   587  C CB  . THR A 1 85  ? 25.546  -4.772  -0.667  1.00 18.34 ? 85  THR A CB  1 
ATOM   588  O OG1 . THR A 1 85  ? 26.491  -4.153  -1.548  1.00 23.28 ? 85  THR A OG1 1 
ATOM   589  C CG2 . THR A 1 85  ? 26.279  -5.618  0.374   1.00 20.79 ? 85  THR A CG2 1 
ATOM   590  N N   . SER A 1 86  ? 25.418  -6.000  -3.722  1.00 21.02 ? 86  SER A N   1 
ATOM   591  C CA  . SER A 1 86  ? 25.913  -6.810  -4.842  1.00 23.86 ? 86  SER A CA  1 
ATOM   592  C C   . SER A 1 86  ? 27.305  -6.449  -5.371  1.00 26.31 ? 86  SER A C   1 
ATOM   593  O O   . SER A 1 86  ? 27.947  -7.278  -6.021  1.00 27.54 ? 86  SER A O   1 
ATOM   594  C CB  . SER A 1 86  ? 24.899  -6.795  -5.996  1.00 22.99 ? 86  SER A CB  1 
ATOM   595  O OG  . SER A 1 86  ? 23.935  -7.825  -5.839  1.00 26.57 ? 86  SER A OG  1 
ATOM   596  N N   . SER A 1 87  ? 27.764  -5.227  -5.109  1.00 27.26 ? 87  SER A N   1 
ATOM   597  C CA  . SER A 1 87  ? 29.119  -4.816  -5.473  1.00 29.73 ? 87  SER A CA  1 
ATOM   598  C C   . SER A 1 87  ? 29.857  -4.382  -4.212  1.00 30.95 ? 87  SER A C   1 
ATOM   599  O O   . SER A 1 87  ? 29.641  -3.276  -3.709  1.00 27.92 ? 87  SER A O   1 
ATOM   600  C CB  . SER A 1 87  ? 29.082  -3.679  -6.495  1.00 31.22 ? 87  SER A CB  1 
ATOM   601  O OG  . SER A 1 87  ? 30.380  -3.412  -7.005  1.00 33.82 ? 87  SER A OG  1 
ATOM   602  N N   . ARG A 1 88  ? 30.725  -5.254  -3.701  1.00 31.96 ? 88  ARG A N   1 
ATOM   603  C CA  . ARG A 1 88  ? 31.418  -4.981  -2.445  1.00 32.71 ? 88  ARG A CA  1 
ATOM   604  C C   . ARG A 1 88  ? 32.730  -4.236  -2.622  1.00 32.61 ? 88  ARG A C   1 
ATOM   605  O O   . ARG A 1 88  ? 33.802  -4.836  -2.745  1.00 35.37 ? 88  ARG A O   1 
ATOM   606  C CB  . ARG A 1 88  ? 31.665  -6.263  -1.638  1.00 34.25 ? 88  ARG A CB  1 
ATOM   607  C CG  . ARG A 1 88  ? 32.280  -5.988  -0.254  1.00 35.07 ? 88  ARG A CG  1 
ATOM   608  C CD  . ARG A 1 88  ? 33.469  -6.886  0.036   1.00 38.72 ? 88  ARG A CD  1 
ATOM   609  N NE  . ARG A 1 88  ? 34.282  -6.388  1.144   1.00 39.80 ? 88  ARG A NE  1 
ATOM   610  C CZ  . ARG A 1 88  ? 35.381  -6.988  1.599   1.00 41.90 ? 88  ARG A CZ  1 
ATOM   611  N NH1 . ARG A 1 88  ? 36.055  -6.455  2.611   1.00 41.90 ? 88  ARG A NH1 1 
ATOM   612  N NH2 . ARG A 1 88  ? 35.811  -8.121  1.048   1.00 43.83 ? 88  ARG A NH2 1 
ATOM   613  N N   . ARG A 1 89  ? 32.624  -2.913  -2.646  1.00 31.19 ? 89  ARG A N   1 
ATOM   614  C CA  . ARG A 1 89  ? 33.709  -2.070  -2.180  1.00 30.34 ? 89  ARG A CA  1 
ATOM   615  C C   . ARG A 1 89  ? 33.772  -2.241  -0.660  1.00 29.32 ? 89  ARG A C   1 
ATOM   616  O O   . ARG A 1 89  ? 34.858  -2.285  -0.080  1.00 29.58 ? 89  ARG A O   1 
ATOM   617  C CB  . ARG A 1 89  ? 33.457  -0.602  -2.518  1.00 30.90 ? 89  ARG A CB  1 
ATOM   618  C CG  . ARG A 1 89  ? 33.928  -0.169  -3.897  1.00 31.36 ? 89  ARG A CG  1 
ATOM   619  C CD  . ARG A 1 89  ? 33.485  1.258   -4.231  1.00 32.12 ? 89  ARG A CD  1 
ATOM   620  N NE  . ARG A 1 89  ? 33.861  2.231   -3.199  1.00 33.19 ? 89  ARG A NE  1 
ATOM   621  C CZ  . ARG A 1 89  ? 33.096  2.606   -2.171  1.00 34.00 ? 89  ARG A CZ  1 
ATOM   622  N NH1 . ARG A 1 89  ? 31.877  2.100   -1.996  1.00 34.03 ? 89  ARG A NH1 1 
ATOM   623  N NH2 . ARG A 1 89  ? 33.559  3.499   -1.303  1.00 33.45 ? 89  ARG A NH2 1 
ATOM   624  N N   . THR A 1 90  ? 32.598  -2.336  -0.028  1.00 28.26 ? 90  THR A N   1 
ATOM   625  C CA  . THR A 1 90  ? 32.495  -2.415  1.430   1.00 26.27 ? 90  THR A CA  1 
ATOM   626  C C   . THR A 1 90  ? 31.395  -3.367  1.908   1.00 24.74 ? 90  THR A C   1 
ATOM   627  O O   . THR A 1 90  ? 30.514  -3.764  1.142   1.00 25.81 ? 90  THR A O   1 
ATOM   628  C CB  . THR A 1 90  ? 32.196  -1.025  2.054   1.00 26.68 ? 90  THR A CB  1 
ATOM   629  O OG1 . THR A 1 90  ? 30.778  -0.820  2.135   1.00 23.86 ? 90  THR A OG1 1 
ATOM   630  C CG2 . THR A 1 90  ? 32.824  0.105   1.241   1.00 26.79 ? 90  THR A CG2 1 
ATOM   631  N N   . ASP A 1 91  ? 31.470  -3.710  3.193   1.00 22.36 ? 91  ASP A N   1 
ATOM   632  C CA  . ASP A 1 91  ? 30.402  -4.422  3.903   1.00 21.70 ? 91  ASP A CA  1 
ATOM   633  C C   . ASP A 1 91  ? 29.797  -3.501  4.969   1.00 20.41 ? 91  ASP A C   1 
ATOM   634  O O   . ASP A 1 91  ? 29.237  -3.966  5.965   1.00 20.13 ? 91  ASP A O   1 
ATOM   635  C CB  . ASP A 1 91  ? 30.945  -5.711  4.544   1.00 21.63 ? 91  ASP A CB  1 
ATOM   636  C CG  . ASP A 1 91  ? 32.080  -5.456  5.531   1.00 22.46 ? 91  ASP A CG  1 
ATOM   637  O OD1 . ASP A 1 91  ? 32.711  -4.377  5.472   1.00 20.10 ? 91  ASP A OD1 1 
ATOM   638  O OD2 . ASP A 1 91  ? 32.350  -6.347  6.366   1.00 24.84 ? 91  ASP A OD2 1 
ATOM   639  N N   . SER A 1 92  ? 29.905  -2.193  4.739   1.00 19.03 ? 92  SER A N   1 
ATOM   640  C CA  . SER A 1 92  ? 29.509  -1.186  5.720   1.00 19.05 ? 92  SER A CA  1 
ATOM   641  C C   . SER A 1 92  ? 28.021  -0.864  5.616   1.00 18.10 ? 92  SER A C   1 
ATOM   642  O O   . SER A 1 92  ? 27.466  -0.778  4.520   1.00 17.17 ? 92  SER A O   1 
ATOM   643  C CB  A SER A 1 92  ? 30.330  0.093   5.532   0.65 19.55 ? 92  SER A CB  1 
ATOM   644  C CB  B SER A 1 92  ? 30.328  0.094   5.534   0.35 19.12 ? 92  SER A CB  1 
ATOM   645  O OG  A SER A 1 92  ? 30.047  1.038   6.549   0.65 21.28 ? 92  SER A OG  1 
ATOM   646  O OG  B SER A 1 92  ? 31.711  -0.154  5.731   0.35 19.00 ? 92  SER A OG  1 
ATOM   647  N N   . LEU A 1 93  ? 27.390  -0.698  6.775   1.00 16.70 ? 93  LEU A N   1 
ATOM   648  C CA  . LEU A 1 93  ? 26.017  -0.213  6.870   1.00 16.30 ? 93  LEU A CA  1 
ATOM   649  C C   . LEU A 1 93  ? 25.980  0.796   8.016   1.00 16.46 ? 93  LEU A C   1 
ATOM   650  O O   . LEU A 1 93  ? 25.978  0.413   9.188   1.00 16.39 ? 93  LEU A O   1 
ATOM   651  C CB  . LEU A 1 93  ? 25.051  -1.373  7.128   1.00 16.23 ? 93  LEU A CB  1 
ATOM   652  C CG  . LEU A 1 93  ? 23.561  -1.036  7.242   1.00 16.03 ? 93  LEU A CG  1 
ATOM   653  C CD1 . LEU A 1 93  ? 23.011  -0.517  5.921   1.00 16.84 ? 93  LEU A CD1 1 
ATOM   654  C CD2 . LEU A 1 93  ? 22.779  -2.255  7.703   1.00 16.24 ? 93  LEU A CD2 1 
ATOM   655  N N   . SER A 1 94  ? 25.964  2.082   7.666   1.00 15.88 ? 94  SER A N   1 
ATOM   656  C CA  . SER A 1 94  ? 26.178  3.162   8.636   1.00 16.98 ? 94  SER A CA  1 
ATOM   657  C C   . SER A 1 94  ? 24.971  4.078   8.868   1.00 17.32 ? 94  SER A C   1 
ATOM   658  O O   . SER A 1 94  ? 24.948  4.817   9.855   1.00 18.25 ? 94  SER A O   1 
ATOM   659  C CB  . SER A 1 94  ? 27.381  4.001   8.203   1.00 17.24 ? 94  SER A CB  1 
ATOM   660  O OG  . SER A 1 94  ? 28.582  3.254   8.295   1.00 19.72 ? 94  SER A OG  1 
ATOM   661  N N   . SER A 1 95  ? 23.987  4.048   7.971   1.00 16.55 ? 95  SER A N   1 
ATOM   662  C CA  . SER A 1 95  ? 22.749  4.805   8.170   1.00 16.33 ? 95  SER A CA  1 
ATOM   663  C C   . SER A 1 95  ? 21.551  4.114   7.521   1.00 16.20 ? 95  SER A C   1 
ATOM   664  O O   . SER A 1 95  ? 21.696  3.402   6.528   1.00 16.12 ? 95  SER A O   1 
ATOM   665  C CB  . SER A 1 95  ? 22.889  6.234   7.636   1.00 16.95 ? 95  SER A CB  1 
ATOM   666  O OG  . SER A 1 95  ? 23.336  6.246   6.295   1.00 17.92 ? 95  SER A OG  1 
ATOM   667  N N   . LEU A 1 96  ? 20.374  4.334   8.103   1.00 15.75 ? 96  LEU A N   1 
ATOM   668  C CA  . LEU A 1 96  ? 19.127  3.733   7.634   1.00 15.97 ? 96  LEU A CA  1 
ATOM   669  C C   . LEU A 1 96  ? 17.985  4.738   7.736   1.00 16.54 ? 96  LEU A C   1 
ATOM   670  O O   . LEU A 1 96  ? 17.987  5.601   8.615   1.00 17.07 ? 96  LEU A O   1 
ATOM   671  C CB  . LEU A 1 96  ? 18.788  2.498   8.477   1.00 15.62 ? 96  LEU A CB  1 
ATOM   672  C CG  . LEU A 1 96  ? 19.368  1.157   8.020   1.00 15.67 ? 96  LEU A CG  1 
ATOM   673  C CD1 . LEU A 1 96  ? 19.393  0.160   9.172   1.00 15.96 ? 96  LEU A CD1 1 
ATOM   674  C CD2 . LEU A 1 96  ? 18.572  0.603   6.848   1.00 15.23 ? 96  LEU A CD2 1 
ATOM   675  N N   . ARG A 1 97  ? 17.018  4.626   6.827   1.00 16.16 ? 97  ARG A N   1 
ATOM   676  C CA  . ARG A 1 97  ? 15.796  5.428   6.900   1.00 16.13 ? 97  ARG A CA  1 
ATOM   677  C C   . ARG A 1 97  ? 14.624  4.717   6.219   1.00 16.20 ? 97  ARG A C   1 
ATOM   678  O O   . ARG A 1 97  ? 14.830  3.967   5.263   1.00 15.06 ? 97  ARG A O   1 
ATOM   679  C CB  . ARG A 1 97  ? 16.011  6.814   6.279   1.00 16.41 ? 97  ARG A CB  1 
ATOM   680  C CG  . ARG A 1 97  ? 16.202  6.827   4.766   1.00 16.52 ? 97  ARG A CG  1 
ATOM   681  C CD  . ARG A 1 97  ? 16.341  8.249   4.244   1.00 17.13 ? 97  ARG A CD  1 
ATOM   682  N NE  . ARG A 1 97  ? 16.441  8.294   2.787   1.00 16.62 ? 97  ARG A NE  1 
ATOM   683  C CZ  . ARG A 1 97  ? 15.413  8.167   1.945   1.00 17.78 ? 97  ARG A CZ  1 
ATOM   684  N NH1 . ARG A 1 97  ? 15.630  8.222   0.636   1.00 18.06 ? 97  ARG A NH1 1 
ATOM   685  N NH2 . ARG A 1 97  ? 14.172  7.987   2.394   1.00 18.64 ? 97  ARG A NH2 1 
ATOM   686  N N   . PRO A 1 98  ? 13.391  4.946   6.712   1.00 15.59 ? 98  PRO A N   1 
ATOM   687  C CA  . PRO A 1 98  ? 12.220  4.384   6.037   1.00 15.74 ? 98  PRO A CA  1 
ATOM   688  C C   . PRO A 1 98  ? 11.917  5.115   4.732   1.00 16.16 ? 98  PRO A C   1 
ATOM   689  O O   . PRO A 1 98  ? 12.006  6.344   4.679   1.00 17.84 ? 98  PRO A O   1 
ATOM   690  C CB  . PRO A 1 98  ? 11.077  4.597   7.044   1.00 16.57 ? 98  PRO A CB  1 
ATOM   691  C CG  . PRO A 1 98  ? 11.688  5.180   8.273   1.00 16.63 ? 98  PRO A CG  1 
ATOM   692  C CD  . PRO A 1 98  ? 13.017  5.730   7.903   1.00 15.83 ? 98  PRO A CD  1 
ATOM   693  N N   . ILE A 1 99  ? 11.559  4.363   3.694   1.00 15.42 ? 99  ILE A N   1 
ATOM   694  C CA  . ILE A 1 99  ? 11.221  4.947   2.399   1.00 15.84 ? 99  ILE A CA  1 
ATOM   695  C C   . ILE A 1 99  ? 9.762   5.391   2.403   1.00 16.61 ? 99  ILE A C   1 
ATOM   696  O O   . ILE A 1 99  ? 8.861   4.576   2.595   1.00 16.99 ? 99  ILE A O   1 
ATOM   697  C CB  . ILE A 1 99  ? 11.433  3.943   1.241   1.00 15.45 ? 99  ILE A CB  1 
ATOM   698  C CG1 . ILE A 1 99  ? 12.893  3.481   1.191   1.00 14.52 ? 99  ILE A CG1 1 
ATOM   699  C CG2 . ILE A 1 99  ? 11.034  4.572   -0.097  1.00 15.30 ? 99  ILE A CG2 1 
ATOM   700  C CD1 . ILE A 1 99  ? 13.137  2.303   0.266   1.00 15.06 ? 99  ILE A CD1 1 
ATOM   701  N N   . LYS A 1 100 ? 9.533   6.683   2.182   1.00 17.91 ? 100 LYS A N   1 
ATOM   702  C CA  . LYS A 1 100 ? 8.178   7.203   2.041   1.00 19.12 ? 100 LYS A CA  1 
ATOM   703  C C   . LYS A 1 100 ? 7.680   6.880   0.633   1.00 17.89 ? 100 LYS A C   1 
ATOM   704  O O   . LYS A 1 100 ? 7.840   7.672   -0.298  1.00 17.42 ? 100 LYS A O   1 
ATOM   705  C CB  . LYS A 1 100 ? 8.141   8.707   2.330   1.00 20.39 ? 100 LYS A CB  1 
ATOM   706  C CG  . LYS A 1 100 ? 8.596   9.049   3.745   1.00 24.00 ? 100 LYS A CG  1 
ATOM   707  C CD  . LYS A 1 100 ? 8.273   10.485  4.131   1.00 26.13 ? 100 LYS A CD  1 
ATOM   708  C CE  . LYS A 1 100 ? 9.224   11.473  3.476   1.00 30.69 ? 100 LYS A CE  1 
ATOM   709  N NZ  . LYS A 1 100 ? 8.957   12.875  3.907   1.00 33.39 ? 100 LYS A NZ  1 
ATOM   710  N N   . VAL A 1 101 ? 7.083   5.697   0.496   1.00 17.02 ? 101 VAL A N   1 
ATOM   711  C CA  . VAL A 1 101 ? 6.702   5.149   -0.806  1.00 18.11 ? 101 VAL A CA  1 
ATOM   712  C C   . VAL A 1 101 ? 5.523   5.910   -1.409  1.00 18.38 ? 101 VAL A C   1 
ATOM   713  O O   . VAL A 1 101 ? 4.493   6.089   -0.757  1.00 19.89 ? 101 VAL A O   1 
ATOM   714  C CB  . VAL A 1 101 ? 6.331   3.643   -0.701  1.00 17.99 ? 101 VAL A CB  1 
ATOM   715  C CG1 . VAL A 1 101 ? 5.843   3.103   -2.046  1.00 18.83 ? 101 VAL A CG1 1 
ATOM   716  C CG2 . VAL A 1 101 ? 7.521   2.828   -0.203  1.00 17.83 ? 101 VAL A CG2 1 
ATOM   717  N N   . ASP A 1 102 ? 5.688   6.348   -2.655  1.00 18.76 ? 102 ASP A N   1 
ATOM   718  C CA  . ASP A 1 102 ? 4.608   6.969   -3.416  1.00 19.50 ? 102 ASP A CA  1 
ATOM   719  C C   . ASP A 1 102 ? 3.955   5.900   -4.292  1.00 19.77 ? 102 ASP A C   1 
ATOM   720  O O   . ASP A 1 102 ? 4.422   5.617   -5.394  1.00 17.44 ? 102 ASP A O   1 
ATOM   721  C CB  . ASP A 1 102 ? 5.151   8.119   -4.274  1.00 19.55 ? 102 ASP A CB  1 
ATOM   722  C CG  . ASP A 1 102 ? 4.066   8.822   -5.079  1.00 20.42 ? 102 ASP A CG  1 
ATOM   723  O OD1 . ASP A 1 102 ? 4.361   9.263   -6.210  1.00 21.00 ? 102 ASP A OD1 1 
ATOM   724  O OD2 . ASP A 1 102 ? 2.922   8.933   -4.587  1.00 23.93 ? 102 ASP A OD2 1 
ATOM   725  N N   . SER A 1 103 ? 2.884   5.296   -3.779  1.00 21.67 ? 103 SER A N   1 
ATOM   726  C CA  . SER A 1 103 ? 2.178   4.224   -4.482  1.00 23.06 ? 103 SER A CA  1 
ATOM   727  C C   . SER A 1 103 ? 0.681   4.520   -4.549  1.00 24.15 ? 103 SER A C   1 
ATOM   728  O O   . SER A 1 103 ? -0.091  4.105   -3.681  1.00 25.90 ? 103 SER A O   1 
ATOM   729  C CB  . SER A 1 103 ? 2.435   2.879   -3.796  1.00 24.15 ? 103 SER A CB  1 
ATOM   730  O OG  . SER A 1 103 ? 1.770   1.823   -4.470  1.00 27.40 ? 103 SER A OG  1 
ATOM   731  N N   . GLN A 1 104 ? 0.286   5.247   -5.590  1.00 24.27 ? 104 GLN A N   1 
ATOM   732  C CA  . GLN A 1 104 ? -1.110  5.607   -5.821  1.00 24.92 ? 104 GLN A CA  1 
ATOM   733  C C   . GLN A 1 104 ? -1.944  4.405   -6.253  1.00 24.31 ? 104 GLN A C   1 
ATOM   734  O O   . GLN A 1 104 ? -1.468  3.532   -6.982  1.00 24.05 ? 104 GLN A O   1 
ATOM   735  C CB  . GLN A 1 104 ? -1.214  6.691   -6.902  1.00 25.93 ? 104 GLN A CB  1 
ATOM   736  C CG  . GLN A 1 104 ? -0.455  7.978   -6.600  1.00 31.21 ? 104 GLN A CG  1 
ATOM   737  C CD  . GLN A 1 104 ? -0.964  8.684   -5.359  1.00 36.04 ? 104 GLN A CD  1 
ATOM   738  O OE1 . GLN A 1 104 ? -2.166  8.913   -5.210  1.00 39.38 ? 104 GLN A OE1 1 
ATOM   739  N NE2 . GLN A 1 104 ? -0.049  9.037   -4.462  1.00 39.75 ? 104 GLN A NE2 1 
ATOM   740  N N   . GLU A 1 105 ? -3.190  4.373   -5.788  1.00 23.80 ? 105 GLU A N   1 
ATOM   741  C CA  . GLU A 1 105 ? -4.179  3.399   -6.236  1.00 22.90 ? 105 GLU A CA  1 
ATOM   742  C C   . GLU A 1 105 ? -5.539  4.078   -6.349  1.00 21.94 ? 105 GLU A C   1 
ATOM   743  O O   . GLU A 1 105 ? -5.845  5.001   -5.590  1.00 21.82 ? 105 GLU A O   1 
ATOM   744  C CB  A GLU A 1 105 ? -4.263  2.223   -5.259  0.65 23.69 ? 105 GLU A CB  1 
ATOM   745  C CB  B GLU A 1 105 ? -4.256  2.218   -5.263  0.35 22.97 ? 105 GLU A CB  1 
ATOM   746  C CG  A GLU A 1 105 ? -3.085  1.260   -5.332  0.65 26.04 ? 105 GLU A CG  1 
ATOM   747  C CG  B GLU A 1 105 ? -4.699  2.589   -3.847  0.35 22.41 ? 105 GLU A CG  1 
ATOM   748  C CD  A GLU A 1 105 ? -3.189  0.113   -4.337  0.65 26.60 ? 105 GLU A CD  1 
ATOM   749  C CD  B GLU A 1 105 ? -4.703  1.403   -2.896  0.35 22.74 ? 105 GLU A CD  1 
ATOM   750  O OE1 A GLU A 1 105 ? -4.070  0.155   -3.451  0.65 30.53 ? 105 GLU A OE1 1 
ATOM   751  O OE1 B GLU A 1 105 ? -3.819  0.529   -3.014  0.35 22.45 ? 105 GLU A OE1 1 
ATOM   752  O OE2 A GLU A 1 105 ? -2.381  -0.834  -4.440  0.65 32.32 ? 105 GLU A OE2 1 
ATOM   753  O OE2 B GLU A 1 105 ? -5.592  1.351   -2.019  0.35 21.75 ? 105 GLU A OE2 1 
ATOM   754  N N   . HIS A 1 106 ? -6.348  3.617   -7.297  1.00 19.52 ? 106 HIS A N   1 
ATOM   755  C CA  . HIS A 1 106 ? -7.691  4.150   -7.496  1.00 18.70 ? 106 HIS A CA  1 
ATOM   756  C C   . HIS A 1 106 ? -8.674  3.285   -6.729  1.00 17.30 ? 106 HIS A C   1 
ATOM   757  O O   . HIS A 1 106 ? -8.884  2.123   -7.076  1.00 16.62 ? 106 HIS A O   1 
ATOM   758  C CB  . HIS A 1 106 ? -8.042  4.173   -8.981  1.00 18.06 ? 106 HIS A CB  1 
ATOM   759  C CG  . HIS A 1 106 ? -7.013  4.856   -9.822  1.00 18.15 ? 106 HIS A CG  1 
ATOM   760  N ND1 . HIS A 1 106 ? -5.923  4.195   -10.343 1.00 20.33 ? 106 HIS A ND1 1 
ATOM   761  C CD2 . HIS A 1 106 ? -6.895  6.146   -10.214 1.00 18.67 ? 106 HIS A CD2 1 
ATOM   762  C CE1 . HIS A 1 106 ? -5.182  5.045   -11.030 1.00 18.81 ? 106 HIS A CE1 1 
ATOM   763  N NE2 . HIS A 1 106 ? -5.751  6.235   -10.967 1.00 21.21 ? 106 HIS A NE2 1 
ATOM   764  N N   . LYS A 1 107 ? -9.272  3.853   -5.684  1.00 17.72 ? 107 LYS A N   1 
ATOM   765  C CA  . LYS A 1 107 ? -10.124 3.093   -4.779  1.00 17.48 ? 107 LYS A CA  1 
ATOM   766  C C   . LYS A 1 107 ? -11.551 3.631   -4.750  1.00 16.13 ? 107 LYS A C   1 
ATOM   767  O O   . LYS A 1 107 ? -11.771 4.839   -4.633  1.00 16.16 ? 107 LYS A O   1 
ATOM   768  C CB  . LYS A 1 107 ? -9.533  3.106   -3.370  1.00 17.76 ? 107 LYS A CB  1 
ATOM   769  C CG  . LYS A 1 107 ? -10.136 2.072   -2.435  1.00 19.60 ? 107 LYS A CG  1 
ATOM   770  C CD  . LYS A 1 107 ? -9.451  2.085   -1.080  1.00 21.84 ? 107 LYS A CD  1 
ATOM   771  C CE  . LYS A 1 107 ? -9.740  0.818   -0.297  1.00 26.82 ? 107 LYS A CE  1 
ATOM   772  N NZ  . LYS A 1 107 ? -9.032  0.795   1.012   1.00 27.13 ? 107 LYS A NZ  1 
ATOM   773  N N   . ILE A 1 108 ? -12.510 2.715   -4.863  1.00 15.57 ? 108 ILE A N   1 
ATOM   774  C CA  . ILE A 1 108 ? -13.928 3.022   -4.699  1.00 15.93 ? 108 ILE A CA  1 
ATOM   775  C C   . ILE A 1 108 ? -14.531 1.980   -3.758  1.00 15.48 ? 108 ILE A C   1 
ATOM   776  O O   . ILE A 1 108 ? -14.294 0.780   -3.917  1.00 14.93 ? 108 ILE A O   1 
ATOM   777  C CB  . ILE A 1 108 ? -14.686 3.053   -6.059  1.00 15.50 ? 108 ILE A CB  1 
ATOM   778  C CG1 . ILE A 1 108 ? -16.161 3.417   -5.849  1.00 14.20 ? 108 ILE A CG1 1 
ATOM   779  C CG2 . ILE A 1 108 ? -14.573 1.719   -6.801  1.00 15.97 ? 108 ILE A CG2 1 
ATOM   780  C CD1 . ILE A 1 108 ? -16.902 3.721   -7.135  1.00 15.28 ? 108 ILE A CD1 1 
ATOM   781  N N   . ILE A 1 109 ? -15.294 2.444   -2.772  1.00 16.24 ? 109 ILE A N   1 
ATOM   782  C CA  . ILE A 1 109 ? -15.896 1.562   -1.775  1.00 17.02 ? 109 ILE A CA  1 
ATOM   783  C C   . ILE A 1 109 ? -17.414 1.693   -1.839  1.00 16.59 ? 109 ILE A C   1 
ATOM   784  O O   . ILE A 1 109 ? -17.956 2.779   -1.630  1.00 16.78 ? 109 ILE A O   1 
ATOM   785  C CB  . ILE A 1 109 ? -15.410 1.893   -0.343  1.00 16.35 ? 109 ILE A CB  1 
ATOM   786  C CG1 . ILE A 1 109 ? -13.889 2.102   -0.322  1.00 18.71 ? 109 ILE A CG1 1 
ATOM   787  C CG2 . ILE A 1 109 ? -15.815 0.777   0.621   1.00 17.88 ? 109 ILE A CG2 1 
ATOM   788  C CD1 . ILE A 1 109 ? -13.348 2.609   1.004   1.00 21.53 ? 109 ILE A CD1 1 
ATOM   789  N N   . LEU A 1 110 ? -18.090 0.581   -2.126  1.00 16.77 ? 110 LEU A N   1 
ATOM   790  C CA  . LEU A 1 110 ? -19.545 0.560   -2.251  1.00 17.28 ? 110 LEU A CA  1 
ATOM   791  C C   . LEU A 1 110 ? -20.152 -0.166  -1.057  1.00 17.75 ? 110 LEU A C   1 
ATOM   792  O O   . LEU A 1 110 ? -19.678 -1.234  -0.671  1.00 17.83 ? 110 LEU A O   1 
ATOM   793  C CB  . LEU A 1 110 ? -19.962 -0.123  -3.554  1.00 18.12 ? 110 LEU A CB  1 
ATOM   794  C CG  . LEU A 1 110 ? -19.347 0.482   -4.823  1.00 17.97 ? 110 LEU A CG  1 
ATOM   795  C CD1 . LEU A 1 110 ? -18.082 -0.267  -5.241  1.00 20.15 ? 110 LEU A CD1 1 
ATOM   796  C CD2 . LEU A 1 110 ? -20.351 0.486   -5.965  1.00 18.25 ? 110 LEU A CD2 1 
ATOM   797  N N   . TYR A 1 111 ? -21.205 0.416   -0.485  1.00 17.39 ? 111 TYR A N   1 
ATOM   798  C CA  . TYR A 1 111 ? -21.784 -0.068  0.766   1.00 17.75 ? 111 TYR A CA  1 
ATOM   799  C C   . TYR A 1 111 ? -23.213 -0.567  0.596   1.00 17.48 ? 111 TYR A C   1 
ATOM   800  O O   . TYR A 1 111 ? -23.936 -0.126  -0.297  1.00 16.61 ? 111 TYR A O   1 
ATOM   801  C CB  . TYR A 1 111 ? -21.759 1.046   1.811   1.00 18.27 ? 111 TYR A CB  1 
ATOM   802  C CG  . TYR A 1 111 ? -20.367 1.479   2.196   1.00 18.55 ? 111 TYR A CG  1 
ATOM   803  C CD1 . TYR A 1 111 ? -19.672 2.413   1.433   1.00 18.63 ? 111 TYR A CD1 1 
ATOM   804  C CD2 . TYR A 1 111 ? -19.744 0.960   3.326   1.00 19.05 ? 111 TYR A CD2 1 
ATOM   805  C CE1 . TYR A 1 111 ? -18.391 2.816   1.783   1.00 20.22 ? 111 TYR A CE1 1 
ATOM   806  C CE2 . TYR A 1 111 ? -18.463 1.354   3.685   1.00 20.65 ? 111 TYR A CE2 1 
ATOM   807  C CZ  . TYR A 1 111 ? -17.792 2.282   2.910   1.00 20.29 ? 111 TYR A CZ  1 
ATOM   808  O OH  . TYR A 1 111 ? -16.523 2.674   3.263   1.00 23.49 ? 111 TYR A OH  1 
ATOM   809  N N   . GLU A 1 112 ? -23.608 -1.482  1.478   1.00 17.90 ? 112 GLU A N   1 
ATOM   810  C CA  . GLU A 1 112 ? -24.947 -2.065  1.474   1.00 18.47 ? 112 GLU A CA  1 
ATOM   811  C C   . GLU A 1 112 ? -26.008 -1.029  1.835   1.00 18.26 ? 112 GLU A C   1 
ATOM   812  O O   . GLU A 1 112 ? -26.990 -0.859  1.112   1.00 17.97 ? 112 GLU A O   1 
ATOM   813  C CB  . GLU A 1 112 ? -25.008 -3.237  2.461   1.00 18.27 ? 112 GLU A CB  1 
ATOM   814  C CG  . GLU A 1 112 ? -26.368 -3.929  2.560   1.00 19.37 ? 112 GLU A CG  1 
ATOM   815  C CD  . GLU A 1 112 ? -26.363 -5.111  3.519   1.00 21.00 ? 112 GLU A CD  1 
ATOM   816  O OE1 . GLU A 1 112 ? -27.389 -5.822  3.586   1.00 27.02 ? 112 GLU A OE1 1 
ATOM   817  O OE2 . GLU A 1 112 ? -25.343 -5.333  4.206   1.00 22.72 ? 112 GLU A OE2 1 
ATOM   818  N N   . ASN A 1 113 ? -25.793 -0.344  2.954   1.00 18.43 ? 113 ASN A N   1 
ATOM   819  C CA  . ASN A 1 113 ? -26.753 0.619   3.487   1.00 18.22 ? 113 ASN A CA  1 
ATOM   820  C C   . ASN A 1 113 ? -26.241 2.055   3.362   1.00 17.99 ? 113 ASN A C   1 
ATOM   821  O O   . ASN A 1 113 ? -25.042 2.264   3.164   1.00 18.76 ? 113 ASN A O   1 
ATOM   822  C CB  . ASN A 1 113 ? -27.042 0.287   4.953   1.00 18.13 ? 113 ASN A CB  1 
ATOM   823  C CG  . ASN A 1 113 ? -27.738 -1.054  5.124   1.00 17.32 ? 113 ASN A CG  1 
ATOM   824  O OD1 . ASN A 1 113 ? -28.517 -1.479  4.268   1.00 20.19 ? 113 ASN A OD1 1 
ATOM   825  N ND2 . ASN A 1 113 ? -27.463 -1.723  6.236   1.00 20.95 ? 113 ASN A ND2 1 
ATOM   826  N N   . PRO A 1 114 ? -27.145 3.053   3.467   1.00 17.94 ? 114 PRO A N   1 
ATOM   827  C CA  . PRO A 1 114 ? -26.725 4.453   3.338   1.00 17.89 ? 114 PRO A CA  1 
ATOM   828  C C   . PRO A 1 114 ? -25.733 4.901   4.413   1.00 17.44 ? 114 PRO A C   1 
ATOM   829  O O   . PRO A 1 114 ? -25.621 4.262   5.463   1.00 17.60 ? 114 PRO A O   1 
ATOM   830  C CB  . PRO A 1 114 ? -28.038 5.236   3.479   1.00 17.96 ? 114 PRO A CB  1 
ATOM   831  C CG  . PRO A 1 114 ? -29.118 4.256   3.227   1.00 17.54 ? 114 PRO A CG  1 
ATOM   832  C CD  . PRO A 1 114 ? -28.597 2.944   3.698   1.00 18.28 ? 114 PRO A CD  1 
ATOM   833  N N   . ASN A 1 115 ? -25.028 5.995   4.133   1.00 17.77 ? 115 ASN A N   1 
ATOM   834  C CA  . ASN A 1 115 ? -24.074 6.595   5.071   1.00 17.82 ? 115 ASN A CA  1 
ATOM   835  C C   . ASN A 1 115 ? -22.875 5.693   5.386   1.00 18.33 ? 115 ASN A C   1 
ATOM   836  O O   . ASN A 1 115 ? -22.316 5.746   6.484   1.00 18.75 ? 115 ASN A O   1 
ATOM   837  C CB  . ASN A 1 115 ? -24.793 7.010   6.362   1.00 17.77 ? 115 ASN A CB  1 
ATOM   838  C CG  . ASN A 1 115 ? -24.060 8.105   7.124   1.00 18.99 ? 115 ASN A CG  1 
ATOM   839  O OD1 . ASN A 1 115 ? -23.329 8.909   6.543   1.00 20.38 ? 115 ASN A OD1 1 
ATOM   840  N ND2 . ASN A 1 115 ? -24.259 8.139   8.435   1.00 21.06 ? 115 ASN A ND2 1 
ATOM   841  N N   . PHE A 1 116 ? -22.486 4.873   4.410   1.00 18.51 ? 116 PHE A N   1 
ATOM   842  C CA  . PHE A 1 116 ? -21.292 4.028   4.503   1.00 19.16 ? 116 PHE A CA  1 
ATOM   843  C C   . PHE A 1 116 ? -21.382 3.015   5.646   1.00 19.57 ? 116 PHE A C   1 
ATOM   844  O O   . PHE A 1 116 ? -20.475 2.905   6.475   1.00 20.07 ? 116 PHE A O   1 
ATOM   845  C CB  . PHE A 1 116 ? -20.030 4.897   4.617   1.00 19.60 ? 116 PHE A CB  1 
ATOM   846  C CG  . PHE A 1 116 ? -20.040 6.087   3.699   1.00 20.01 ? 116 PHE A CG  1 
ATOM   847  C CD1 . PHE A 1 116 ? -20.331 5.930   2.350   1.00 19.59 ? 116 PHE A CD1 1 
ATOM   848  C CD2 . PHE A 1 116 ? -19.776 7.364   4.181   1.00 23.18 ? 116 PHE A CD2 1 
ATOM   849  C CE1 . PHE A 1 116 ? -20.355 7.016   1.498   1.00 20.82 ? 116 PHE A CE1 1 
ATOM   850  C CE2 . PHE A 1 116 ? -19.796 8.459   3.329   1.00 24.46 ? 116 PHE A CE2 1 
ATOM   851  C CZ  . PHE A 1 116 ? -20.086 8.281   1.983   1.00 22.88 ? 116 PHE A CZ  1 
ATOM   852  N N   . THR A 1 117 ? -22.490 2.277   5.668   1.00 19.66 ? 117 THR A N   1 
ATOM   853  C CA  . THR A 1 117 ? -22.745 1.257   6.685   1.00 19.94 ? 117 THR A CA  1 
ATOM   854  C C   . THR A 1 117 ? -23.162 -0.062  6.033   1.00 20.26 ? 117 THR A C   1 
ATOM   855  O O   . THR A 1 117 ? -23.441 -0.112  4.832   1.00 19.91 ? 117 THR A O   1 
ATOM   856  C CB  . THR A 1 117 ? -23.849 1.709   7.662   1.00 19.53 ? 117 THR A CB  1 
ATOM   857  O OG1 . THR A 1 117 ? -25.048 2.007   6.936   1.00 19.76 ? 117 THR A OG1 1 
ATOM   858  C CG2 . THR A 1 117 ? -23.410 2.947   8.428   1.00 21.30 ? 117 THR A CG2 1 
ATOM   859  N N   . GLY A 1 118 ? -23.202 -1.125  6.833   1.00 20.63 ? 118 GLY A N   1 
ATOM   860  C CA  . GLY A 1 118 ? -23.540 -2.460  6.342   1.00 21.27 ? 118 GLY A CA  1 
ATOM   861  C C   . GLY A 1 118 ? -22.355 -3.134  5.679   1.00 21.81 ? 118 GLY A C   1 
ATOM   862  O O   . GLY A 1 118 ? -21.204 -2.762  5.922   1.00 22.18 ? 118 GLY A O   1 
ATOM   863  N N   . LYS A 1 119 ? -22.636 -4.135  4.846   1.00 22.79 ? 119 LYS A N   1 
ATOM   864  C CA  . LYS A 1 119 ? -21.595 -4.832  4.089   1.00 23.45 ? 119 LYS A CA  1 
ATOM   865  C C   . LYS A 1 119 ? -20.987 -3.889  3.056   1.00 23.67 ? 119 LYS A C   1 
ATOM   866  O O   . LYS A 1 119 ? -21.687 -3.042  2.499   1.00 21.59 ? 119 LYS A O   1 
ATOM   867  C CB  . LYS A 1 119 ? -22.174 -6.064  3.385   1.00 23.66 ? 119 LYS A CB  1 
ATOM   868  C CG  . LYS A 1 119 ? -21.134 -6.957  2.714   1.00 24.98 ? 119 LYS A CG  1 
ATOM   869  C CD  . LYS A 1 119 ? -21.792 -8.055  1.899   1.00 25.87 ? 119 LYS A CD  1 
ATOM   870  C CE  . LYS A 1 119 ? -20.760 -8.938  1.217   1.00 27.04 ? 119 LYS A CE  1 
ATOM   871  N NZ  . LYS A 1 119 ? -21.393 -10.031 0.428   1.00 29.36 ? 119 LYS A NZ  1 
ATOM   872  N N   . LYS A 1 120 ? -19.689 -4.040  2.806   1.00 24.72 ? 120 LYS A N   1 
ATOM   873  C CA  . LYS A 1 120 ? -18.994 -3.214  1.822   1.00 25.75 ? 120 LYS A CA  1 
ATOM   874  C C   . LYS A 1 120 ? -18.139 -4.045  0.871   1.00 25.98 ? 120 LYS A C   1 
ATOM   875  O O   . LYS A 1 120 ? -17.858 -5.218  1.129   1.00 26.23 ? 120 LYS A O   1 
ATOM   876  C CB  . LYS A 1 120 ? -18.120 -2.165  2.516   1.00 26.28 ? 120 LYS A CB  1 
ATOM   877  C CG  . LYS A 1 120 ? -17.025 -2.732  3.414   1.00 28.17 ? 120 LYS A CG  1 
ATOM   878  C CD  . LYS A 1 120 ? -15.970 -1.679  3.723   1.00 29.30 ? 120 LYS A CD  1 
ATOM   879  C CE  . LYS A 1 120 ? -14.912 -2.207  4.679   1.00 31.96 ? 120 LYS A CE  1 
ATOM   880  N NZ  . LYS A 1 120 ? -14.156 -3.357  4.111   1.00 35.68 ? 120 LYS A NZ  1 
ATOM   881  N N   . MET A 1 121 ? -17.737 -3.420  -0.231  1.00 25.96 ? 121 MET A N   1 
ATOM   882  C CA  . MET A 1 121 ? -16.798 -4.016  -1.174  1.00 26.16 ? 121 MET A CA  1 
ATOM   883  C C   . MET A 1 121 ? -15.845 -2.945  -1.695  1.00 24.98 ? 121 MET A C   1 
ATOM   884  O O   . MET A 1 121 ? -16.275 -1.970  -2.313  1.00 23.67 ? 121 MET A O   1 
ATOM   885  C CB  . MET A 1 121 ? -17.542 -4.658  -2.345  1.00 26.28 ? 121 MET A CB  1 
ATOM   886  C CG  . MET A 1 121 ? -16.636 -5.419  -3.308  1.00 27.40 ? 121 MET A CG  1 
ATOM   887  S SD  . MET A 1 121 ? -17.555 -6.272  -4.597  1.00 30.10 ? 121 MET A SD  1 
ATOM   888  C CE  . MET A 1 121 ? -18.281 -4.876  -5.448  1.00 30.18 ? 121 MET A CE  1 
ATOM   889  N N   . GLU A 1 122 ? -14.555 -3.137  -1.435  1.00 23.90 ? 122 GLU A N   1 
ATOM   890  C CA  . GLU A 1 122 ? -13.520 -2.228  -1.917  1.00 23.81 ? 122 GLU A CA  1 
ATOM   891  C C   . GLU A 1 122 ? -12.999 -2.705  -3.268  1.00 22.24 ? 122 GLU A C   1 
ATOM   892  O O   . GLU A 1 122 ? -12.530 -3.840  -3.390  1.00 22.79 ? 122 GLU A O   1 
ATOM   893  C CB  . GLU A 1 122 ? -12.360 -2.161  -0.923  1.00 24.39 ? 122 GLU A CB  1 
ATOM   894  C CG  . GLU A 1 122 ? -12.759 -1.709  0.476   1.00 28.35 ? 122 GLU A CG  1 
ATOM   895  C CD  . GLU A 1 122 ? -11.568 -1.519  1.403   1.00 28.33 ? 122 GLU A CD  1 
ATOM   896  O OE1 . GLU A 1 122 ? -10.460 -1.995  1.073   1.00 35.32 ? 122 GLU A OE1 1 
ATOM   897  O OE2 . GLU A 1 122 ? -11.742 -0.892  2.468   1.00 35.83 ? 122 GLU A OE2 1 
ATOM   898  N N   . ILE A 1 123 ? -13.090 -1.840  -4.276  1.00 19.74 ? 123 ILE A N   1 
ATOM   899  C CA  . ILE A 1 123 ? -12.527 -2.113  -5.596  1.00 19.43 ? 123 ILE A CA  1 
ATOM   900  C C   . ILE A 1 123 ? -11.312 -1.218  -5.797  1.00 17.72 ? 123 ILE A C   1 
ATOM   901  O O   . ILE A 1 123 ? -11.412 0.003   -5.670  1.00 16.72 ? 123 ILE A O   1 
ATOM   902  C CB  . ILE A 1 123 ? -13.552 -1.849  -6.721  1.00 19.10 ? 123 ILE A CB  1 
ATOM   903  C CG1 . ILE A 1 123 ? -14.738 -2.810  -6.597  1.00 19.86 ? 123 ILE A CG1 1 
ATOM   904  C CG2 . ILE A 1 123 ? -12.888 -1.986  -8.101  1.00 19.06 ? 123 ILE A CG2 1 
ATOM   905  C CD1 . ILE A 1 123 ? -15.906 -2.481  -7.513  1.00 21.37 ? 123 ILE A CD1 1 
ATOM   906  N N   . ILE A 1 124 ? -10.172 -1.829  -6.112  1.00 17.47 ? 124 ILE A N   1 
ATOM   907  C CA  . ILE A 1 124 ? -8.932  -1.092  -6.341  1.00 17.68 ? 124 ILE A CA  1 
ATOM   908  C C   . ILE A 1 124 ? -8.466  -1.266  -7.787  1.00 16.12 ? 124 ILE A C   1 
ATOM   909  O O   . ILE A 1 124 ? -8.160  -2.380  -8.215  1.00 16.67 ? 124 ILE A O   1 
ATOM   910  C CB  . ILE A 1 124 ? -7.817  -1.541  -5.369  1.00 18.36 ? 124 ILE A CB  1 
ATOM   911  C CG1 . ILE A 1 124 ? -8.225  -1.228  -3.924  1.00 20.30 ? 124 ILE A CG1 1 
ATOM   912  C CG2 . ILE A 1 124 ? -6.500  -0.844  -5.705  1.00 18.79 ? 124 ILE A CG2 1 
ATOM   913  C CD1 . ILE A 1 124 ? -7.299  -1.802  -2.866  1.00 21.43 ? 124 ILE A CD1 1 
ATOM   914  N N   . ASP A 1 125 ? -8.439  -0.158  -8.530  1.00 16.24 ? 125 ASP A N   1 
ATOM   915  C CA  . ASP A 1 125 ? -7.886  -0.091  -9.894  1.00 16.99 ? 125 ASP A CA  1 
ATOM   916  C C   . ASP A 1 125 ? -8.691  -0.830  -10.976 1.00 16.60 ? 125 ASP A C   1 
ATOM   917  O O   . ASP A 1 125 ? -9.027  -0.243  -12.003 1.00 17.06 ? 125 ASP A O   1 
ATOM   918  C CB  . ASP A 1 125 ? -6.419  -0.560  -9.921  1.00 17.21 ? 125 ASP A CB  1 
ATOM   919  C CG  . ASP A 1 125 ? -5.508  0.299   -9.056  1.00 17.98 ? 125 ASP A CG  1 
ATOM   920  O OD1 . ASP A 1 125 ? -5.776  1.511   -8.911  1.00 16.47 ? 125 ASP A OD1 1 
ATOM   921  O OD2 . ASP A 1 125 ? -4.515  -0.241  -8.525  1.00 21.99 ? 125 ASP A OD2 1 
ATOM   922  N N   . ASP A 1 126 ? -9.000  -2.104  -10.749 1.00 17.51 ? 126 ASP A N   1 
ATOM   923  C CA  . ASP A 1 126 ? -9.564  -2.955  -11.801 1.00 18.46 ? 126 ASP A CA  1 
ATOM   924  C C   . ASP A 1 126 ? -11.051 -2.717  -12.053 1.00 18.28 ? 126 ASP A C   1 
ATOM   925  O O   . ASP A 1 126 ? -11.767 -2.200  -11.194 1.00 20.12 ? 126 ASP A O   1 
ATOM   926  C CB  . ASP A 1 126 ? -9.353  -4.434  -11.456 1.00 20.50 ? 126 ASP A CB  1 
ATOM   927  C CG  . ASP A 1 126 ? -7.889  -4.790  -11.248 1.00 23.53 ? 126 ASP A CG  1 
ATOM   928  O OD1 . ASP A 1 126 ? -7.008  -4.035  -11.714 1.00 28.16 ? 126 ASP A OD1 1 
ATOM   929  O OD2 . ASP A 1 126 ? -7.619  -5.832  -10.616 1.00 32.47 ? 126 ASP A OD2 1 
ATOM   930  N N   . ASP A 1 127 ? -11.497 -3.102  -13.248 1.00 17.44 ? 127 ASP A N   1 
ATOM   931  C CA  . ASP A 1 127 ? -12.921 -3.162  -13.568 1.00 16.30 ? 127 ASP A CA  1 
ATOM   932  C C   . ASP A 1 127 ? -13.530 -4.397  -12.920 1.00 15.86 ? 127 ASP A C   1 
ATOM   933  O O   . ASP A 1 127 ? -12.849 -5.409  -12.731 1.00 16.27 ? 127 ASP A O   1 
ATOM   934  C CB  . ASP A 1 127 ? -13.144 -3.238  -15.081 1.00 16.00 ? 127 ASP A CB  1 
ATOM   935  C CG  . ASP A 1 127 ? -12.775 -1.957  -15.799 1.00 17.52 ? 127 ASP A CG  1 
ATOM   936  O OD1 . ASP A 1 127 ? -12.604 -0.914  -15.135 1.00 19.08 ? 127 ASP A OD1 1 
ATOM   937  O OD2 . ASP A 1 127 ? -12.668 -1.993  -17.043 1.00 23.59 ? 127 ASP A OD2 1 
ATOM   938  N N   . VAL A 1 128 ? -14.815 -4.310  -12.586 1.00 13.49 ? 128 VAL A N   1 
ATOM   939  C CA  . VAL A 1 128 ? -15.549 -5.426  -11.996 1.00 13.39 ? 128 VAL A CA  1 
ATOM   940  C C   . VAL A 1 128 ? -16.869 -5.608  -12.753 1.00 12.77 ? 128 VAL A C   1 
ATOM   941  O O   . VAL A 1 128 ? -17.843 -4.909  -12.472 1.00 12.05 ? 128 VAL A O   1 
ATOM   942  C CB  . VAL A 1 128 ? -15.818 -5.190  -10.490 1.00 14.06 ? 128 VAL A CB  1 
ATOM   943  C CG1 . VAL A 1 128 ? -16.599 -6.356  -9.887  1.00 14.99 ? 128 VAL A CG1 1 
ATOM   944  C CG2 . VAL A 1 128 ? -14.504 -4.990  -9.743  1.00 15.22 ? 128 VAL A CG2 1 
ATOM   945  N N   . PRO A 1 129 ? -16.902 -6.540  -13.725 1.00 12.34 ? 129 PRO A N   1 
ATOM   946  C CA  . PRO A 1 129 ? -18.112 -6.757  -14.523 1.00 12.10 ? 129 PRO A CA  1 
ATOM   947  C C   . PRO A 1 129 ? -19.227 -7.522  -13.801 1.00 12.13 ? 129 PRO A C   1 
ATOM   948  O O   . PRO A 1 129 ? -20.347 -7.588  -14.312 1.00 11.29 ? 129 PRO A O   1 
ATOM   949  C CB  . PRO A 1 129 ? -17.598 -7.571  -15.713 1.00 12.18 ? 129 PRO A CB  1 
ATOM   950  C CG  . PRO A 1 129 ? -16.447 -8.326  -15.173 1.00 13.21 ? 129 PRO A CG  1 
ATOM   951  C CD  . PRO A 1 129 ? -15.807 -7.439  -14.141 1.00 12.80 ? 129 PRO A CD  1 
ATOM   952  N N   . SER A 1 130 ? -18.923 -8.101  -12.640 1.00 12.42 ? 130 SER A N   1 
ATOM   953  C CA  . SER A 1 130 ? -19.912 -8.845  -11.861 1.00 12.80 ? 130 SER A CA  1 
ATOM   954  C C   . SER A 1 130 ? -19.635 -8.736  -10.360 1.00 13.75 ? 130 SER A C   1 
ATOM   955  O O   . SER A 1 130 ? -18.611 -9.221  -9.873  1.00 13.85 ? 130 SER A O   1 
ATOM   956  C CB  . SER A 1 130 ? -19.919 -10.315 -12.287 1.00 12.87 ? 130 SER A CB  1 
ATOM   957  O OG  . SER A 1 130 ? -20.704 -11.104 -11.410 1.00 13.77 ? 130 SER A OG  1 
ATOM   958  N N   . PHE A 1 131 ? -20.552 -8.093  -9.641  1.00 13.80 ? 131 PHE A N   1 
ATOM   959  C CA  . PHE A 1 131 ? -20.469 -7.978  -8.182  1.00 14.59 ? 131 PHE A CA  1 
ATOM   960  C C   . PHE A 1 131 ? -20.729 -9.326  -7.505  1.00 14.80 ? 131 PHE A C   1 
ATOM   961  O O   . PHE A 1 131 ? -20.108 -9.644  -6.489  1.00 16.41 ? 131 PHE A O   1 
ATOM   962  C CB  . PHE A 1 131 ? -21.473 -6.934  -7.670  1.00 14.61 ? 131 PHE A CB  1 
ATOM   963  C CG  . PHE A 1 131 ? -20.964 -5.512  -7.705  1.00 13.75 ? 131 PHE A CG  1 
ATOM   964  C CD1 . PHE A 1 131 ? -21.417 -4.590  -6.770  1.00 15.60 ? 131 PHE A CD1 1 
ATOM   965  C CD2 . PHE A 1 131 ? -20.029 -5.093  -8.652  1.00 12.21 ? 131 PHE A CD2 1 
ATOM   966  C CE1 . PHE A 1 131 ? -20.965 -3.279  -6.782  1.00 15.95 ? 131 PHE A CE1 1 
ATOM   967  C CE2 . PHE A 1 131 ? -19.569 -3.782  -8.665  1.00 13.61 ? 131 PHE A CE2 1 
ATOM   968  C CZ  . PHE A 1 131 ? -20.040 -2.875  -7.728  1.00 14.83 ? 131 PHE A CZ  1 
ATOM   969  N N   . HIS A 1 132 ? -21.652 -10.104 -8.069  1.00 15.90 ? 132 HIS A N   1 
ATOM   970  C CA  . HIS A 1 132 ? -21.963 -11.447 -7.565  1.00 16.78 ? 132 HIS A CA  1 
ATOM   971  C C   . HIS A 1 132 ? -20.769 -12.399 -7.653  1.00 18.20 ? 132 HIS A C   1 
ATOM   972  O O   . HIS A 1 132 ? -20.633 -13.301 -6.825  1.00 18.42 ? 132 HIS A O   1 
ATOM   973  C CB  . HIS A 1 132 ? -23.144 -12.051 -8.330  1.00 16.76 ? 132 HIS A CB  1 
ATOM   974  C CG  . HIS A 1 132 ? -24.476 -11.507 -7.922  1.00 17.50 ? 132 HIS A CG  1 
ATOM   975  N ND1 . HIS A 1 132 ? -25.588 -12.307 -7.768  1.00 17.38 ? 132 HIS A ND1 1 
ATOM   976  C CD2 . HIS A 1 132 ? -24.874 -10.246 -7.626  1.00 17.35 ? 132 HIS A CD2 1 
ATOM   977  C CE1 . HIS A 1 132 ? -26.617 -11.562 -7.405  1.00 19.08 ? 132 HIS A CE1 1 
ATOM   978  N NE2 . HIS A 1 132 ? -26.210 -10.308 -7.309  1.00 18.69 ? 132 HIS A NE2 1 
ATOM   979  N N   . ALA A 1 133 ? -19.912 -12.197 -8.654  1.00 18.67 ? 133 ALA A N   1 
ATOM   980  C CA  . ALA A 1 133 ? -18.696 -13.003 -8.811  1.00 20.11 ? 133 ALA A CA  1 
ATOM   981  C C   . ALA A 1 133 ? -17.718 -12.826 -7.644  1.00 22.52 ? 133 ALA A C   1 
ATOM   982  O O   . ALA A 1 133 ? -16.869 -13.689 -7.410  1.00 22.84 ? 133 ALA A O   1 
ATOM   983  C CB  . ALA A 1 133 ? -18.010 -12.673 -10.135 1.00 20.37 ? 133 ALA A CB  1 
ATOM   984  N N   . HIS A 1 134 ? -17.841 -11.712 -6.921  1.00 24.15 ? 134 HIS A N   1 
ATOM   985  C CA  . HIS A 1 134 ? -17.058 -11.470 -5.705  1.00 25.24 ? 134 HIS A CA  1 
ATOM   986  C C   . HIS A 1 134 ? -17.865 -11.716 -4.424  1.00 25.73 ? 134 HIS A C   1 
ATOM   987  O O   . HIS A 1 134 ? -17.456 -11.301 -3.338  1.00 27.53 ? 134 HIS A O   1 
ATOM   988  C CB  . HIS A 1 134 ? -16.510 -10.039 -5.713  1.00 26.98 ? 134 HIS A CB  1 
ATOM   989  C CG  . HIS A 1 134 ? -15.424 -9.819  -6.717  1.00 29.48 ? 134 HIS A CG  1 
ATOM   990  N ND1 . HIS A 1 134 ? -15.615 -9.103  -7.878  1.00 33.84 ? 134 HIS A ND1 1 
ATOM   991  C CD2 . HIS A 1 134 ? -14.134 -10.230 -6.735  1.00 32.04 ? 134 HIS A CD2 1 
ATOM   992  C CE1 . HIS A 1 134 ? -14.487 -9.078  -8.567  1.00 33.29 ? 134 HIS A CE1 1 
ATOM   993  N NE2 . HIS A 1 134 ? -13.573 -9.754  -7.895  1.00 35.04 ? 134 HIS A NE2 1 
ATOM   994  N N   . GLY A 1 135 ? -19.003 -12.395 -4.551  1.00 25.84 ? 135 GLY A N   1 
ATOM   995  C CA  . GLY A 1 135 ? -19.856 -12.703 -3.406  1.00 25.39 ? 135 GLY A CA  1 
ATOM   996  C C   . GLY A 1 135 ? -20.672 -11.537 -2.869  1.00 25.68 ? 135 GLY A C   1 
ATOM   997  O O   . GLY A 1 135 ? -21.275 -11.650 -1.801  1.00 26.81 ? 135 GLY A O   1 
ATOM   998  N N   . TYR A 1 136 ? -20.698 -10.422 -3.600  1.00 23.79 ? 136 TYR A N   1 
ATOM   999  C CA  . TYR A 1 136 ? -21.498 -9.262  -3.209  1.00 23.32 ? 136 TYR A CA  1 
ATOM   1000 C C   . TYR A 1 136 ? -22.819 -9.272  -3.977  1.00 23.60 ? 136 TYR A C   1 
ATOM   1001 O O   . TYR A 1 136 ? -22.883 -8.847  -5.132  1.00 22.62 ? 136 TYR A O   1 
ATOM   1002 C CB  . TYR A 1 136 ? -20.735 -7.956  -3.460  1.00 22.40 ? 136 TYR A CB  1 
ATOM   1003 C CG  . TYR A 1 136 ? -21.361 -6.751  -2.786  1.00 21.09 ? 136 TYR A CG  1 
ATOM   1004 C CD1 . TYR A 1 136 ? -22.407 -6.054  -3.389  1.00 21.09 ? 136 TYR A CD1 1 
ATOM   1005 C CD2 . TYR A 1 136 ? -20.912 -6.313  -1.543  1.00 21.67 ? 136 TYR A CD2 1 
ATOM   1006 C CE1 . TYR A 1 136 ? -22.987 -4.952  -2.770  1.00 19.91 ? 136 TYR A CE1 1 
ATOM   1007 C CE2 . TYR A 1 136 ? -21.483 -5.211  -0.917  1.00 20.05 ? 136 TYR A CE2 1 
ATOM   1008 C CZ  . TYR A 1 136 ? -22.520 -4.536  -1.536  1.00 21.31 ? 136 TYR A CZ  1 
ATOM   1009 O OH  . TYR A 1 136 ? -23.090 -3.444  -0.921  1.00 20.91 ? 136 TYR A OH  1 
ATOM   1010 N N   . GLN A 1 137 ? -23.866 -9.775  -3.325  1.00 23.51 ? 137 GLN A N   1 
ATOM   1011 C CA  . GLN A 1 137 ? -25.204 -9.835  -3.913  1.00 24.62 ? 137 GLN A CA  1 
ATOM   1012 C C   . GLN A 1 137 ? -26.154 -8.838  -3.246  1.00 24.41 ? 137 GLN A C   1 
ATOM   1013 O O   . GLN A 1 137 ? -27.363 -8.869  -3.484  1.00 25.50 ? 137 GLN A O   1 
ATOM   1014 C CB  . GLN A 1 137 ? -25.774 -11.249 -3.779  1.00 25.43 ? 137 GLN A CB  1 
ATOM   1015 C CG  . GLN A 1 137 ? -24.842 -12.348 -4.276  1.00 27.28 ? 137 GLN A CG  1 
ATOM   1016 C CD  . GLN A 1 137 ? -25.519 -13.705 -4.379  1.00 28.37 ? 137 GLN A CD  1 
ATOM   1017 O OE1 . GLN A 1 137 ? -26.716 -13.843 -4.122  1.00 34.21 ? 137 GLN A OE1 1 
ATOM   1018 N NE2 . GLN A 1 137 ? -24.748 -14.718 -4.758  1.00 32.07 ? 137 GLN A NE2 1 
ATOM   1019 N N   . GLU A 1 138 ? -25.600 -7.950  -2.423  1.00 24.04 ? 138 GLU A N   1 
ATOM   1020 C CA  . GLU A 1 138 ? -26.395 -6.987  -1.668  1.00 23.53 ? 138 GLU A CA  1 
ATOM   1021 C C   . GLU A 1 138 ? -26.716 -5.766  -2.521  1.00 22.87 ? 138 GLU A C   1 
ATOM   1022 O O   . GLU A 1 138 ? -26.137 -5.570  -3.591  1.00 21.40 ? 138 GLU A O   1 
ATOM   1023 C CB  . GLU A 1 138 ? -25.654 -6.548  -0.398  1.00 24.04 ? 138 GLU A CB  1 
ATOM   1024 C CG  . GLU A 1 138 ? -25.658 -7.577  0.733   1.00 26.95 ? 138 GLU A CG  1 
ATOM   1025 C CD  . GLU A 1 138 ? -24.879 -8.844  0.410   1.00 31.11 ? 138 GLU A CD  1 
ATOM   1026 O OE1 . GLU A 1 138 ? -24.005 -8.812  -0.482  1.00 32.80 ? 138 GLU A OE1 1 
ATOM   1027 O OE2 . GLU A 1 138 ? -25.143 -9.879  1.058   1.00 33.27 ? 138 GLU A OE2 1 
ATOM   1028 N N   . LYS A 1 139 ? -27.649 -4.953  -2.034  1.00 22.14 ? 139 LYS A N   1 
ATOM   1029 C CA  . LYS A 1 139 ? -27.951 -3.662  -2.644  1.00 21.47 ? 139 LYS A CA  1 
ATOM   1030 C C   . LYS A 1 139 ? -26.792 -2.694  -2.404  1.00 19.67 ? 139 LYS A C   1 
ATOM   1031 O O   . LYS A 1 139 ? -25.970 -2.918  -1.516  1.00 18.73 ? 139 LYS A O   1 
ATOM   1032 C CB  . LYS A 1 139 ? -29.261 -3.092  -2.077  1.00 22.91 ? 139 LYS A CB  1 
ATOM   1033 C CG  . LYS A 1 139 ? -29.224 -2.695  -0.605  1.00 24.65 ? 139 LYS A CG  1 
ATOM   1034 C CD  . LYS A 1 139 ? -30.605 -2.286  -0.118  1.00 24.65 ? 139 LYS A CD  1 
ATOM   1035 C CE  . LYS A 1 139 ? -30.566 -1.788  1.318   1.00 28.57 ? 139 LYS A CE  1 
ATOM   1036 N NZ  . LYS A 1 139 ? -30.186 -2.865  2.275   1.00 33.31 ? 139 LYS A NZ  1 
ATOM   1037 N N   . VAL A 1 140 ? -26.720 -1.634  -3.206  1.00 18.55 ? 140 VAL A N   1 
ATOM   1038 C CA  . VAL A 1 140 ? -25.696 -0.599  -3.036  1.00 17.89 ? 140 VAL A CA  1 
ATOM   1039 C C   . VAL A 1 140 ? -26.370 0.742   -2.765  1.00 17.56 ? 140 VAL A C   1 
ATOM   1040 O O   . VAL A 1 140 ? -26.899 1.375   -3.681  1.00 17.98 ? 140 VAL A O   1 
ATOM   1041 C CB  . VAL A 1 140 ? -24.768 -0.503  -4.268  1.00 17.94 ? 140 VAL A CB  1 
ATOM   1042 C CG1 . VAL A 1 140 ? -23.797 0.672   -4.131  1.00 17.11 ? 140 VAL A CG1 1 
ATOM   1043 C CG2 . VAL A 1 140 ? -24.000 -1.806  -4.448  1.00 16.79 ? 140 VAL A CG2 1 
ATOM   1044 N N   . SER A 1 141 ? -26.342 1.168   -1.503  1.00 16.92 ? 141 SER A N   1 
ATOM   1045 C CA  . SER A 1 141 ? -27.044 2.375   -1.067  1.00 17.08 ? 141 SER A CA  1 
ATOM   1046 C C   . SER A 1 141 ? -26.131 3.591   -0.878  1.00 16.34 ? 141 SER A C   1 
ATOM   1047 O O   . SER A 1 141 ? -26.621 4.716   -0.819  1.00 17.63 ? 141 SER A O   1 
ATOM   1048 C CB  . SER A 1 141 ? -27.804 2.099   0.231   1.00 16.66 ? 141 SER A CB  1 
ATOM   1049 O OG  . SER A 1 141 ? -28.805 1.115   0.035   1.00 19.07 ? 141 SER A OG  1 
ATOM   1050 N N   . SER A 1 142 ? -24.821 3.373   -0.772  1.00 15.62 ? 142 SER A N   1 
ATOM   1051 C CA  . SER A 1 142 ? -23.867 4.482   -0.652  1.00 15.09 ? 142 SER A CA  1 
ATOM   1052 C C   . SER A 1 142 ? -22.489 4.120   -1.203  1.00 15.34 ? 142 SER A C   1 
ATOM   1053 O O   . SER A 1 142 ? -22.096 2.952   -1.201  1.00 15.36 ? 142 SER A O   1 
ATOM   1054 C CB  . SER A 1 142 ? -23.753 4.940   0.804   1.00 15.42 ? 142 SER A CB  1 
ATOM   1055 O OG  . SER A 1 142 ? -23.462 3.859   1.668   1.00 14.63 ? 142 SER A OG  1 
ATOM   1056 N N   . VAL A 1 143 ? -21.768 5.137   -1.675  1.00 15.60 ? 143 VAL A N   1 
ATOM   1057 C CA  . VAL A 1 143 ? -20.470 4.954   -2.324  1.00 16.38 ? 143 VAL A CA  1 
ATOM   1058 C C   . VAL A 1 143 ? -19.478 6.030   -1.888  1.00 17.00 ? 143 VAL A C   1 
ATOM   1059 O O   . VAL A 1 143 ? -19.810 7.216   -1.872  1.00 17.40 ? 143 VAL A O   1 
ATOM   1060 C CB  . VAL A 1 143 ? -20.605 5.010   -3.866  1.00 16.37 ? 143 VAL A CB  1 
ATOM   1061 C CG1 . VAL A 1 143 ? -19.235 4.934   -4.542  1.00 17.18 ? 143 VAL A CG1 1 
ATOM   1062 C CG2 . VAL A 1 143 ? -21.508 3.889   -4.368  1.00 15.63 ? 143 VAL A CG2 1 
ATOM   1063 N N   . ARG A 1 144 ? -18.262 5.606   -1.544  1.00 18.05 ? 144 ARG A N   1 
ATOM   1064 C CA  . ARG A 1 144 ? -17.164 6.528   -1.262  1.00 18.36 ? 144 ARG A CA  1 
ATOM   1065 C C   . ARG A 1 144 ? -16.058 6.345   -2.296  1.00 17.34 ? 144 ARG A C   1 
ATOM   1066 O O   . ARG A 1 144 ? -15.386 5.311   -2.321  1.00 15.77 ? 144 ARG A O   1 
ATOM   1067 C CB  . ARG A 1 144 ? -16.615 6.305   0.148   1.00 19.46 ? 144 ARG A CB  1 
ATOM   1068 C CG  . ARG A 1 144 ? -15.311 7.056   0.441   1.00 22.11 ? 144 ARG A CG  1 
ATOM   1069 C CD  . ARG A 1 144 ? -15.223 7.494   1.895   1.00 25.73 ? 144 ARG A CD  1 
ATOM   1070 N NE  . ARG A 1 144 ? -15.604 6.429   2.823   1.00 31.74 ? 144 ARG A NE  1 
ATOM   1071 C CZ  . ARG A 1 144 ? -16.020 6.624   4.075   1.00 33.74 ? 144 ARG A CZ  1 
ATOM   1072 N NH1 . ARG A 1 144 ? -16.344 5.579   4.830   1.00 34.47 ? 144 ARG A NH1 1 
ATOM   1073 N NH2 . ARG A 1 144 ? -16.123 7.849   4.583   1.00 36.27 ? 144 ARG A NH2 1 
ATOM   1074 N N   . VAL A 1 145 ? -15.886 7.365   -3.134  1.00 16.79 ? 145 VAL A N   1 
ATOM   1075 C CA  . VAL A 1 145 ? -14.832 7.395   -4.163  1.00 16.86 ? 145 VAL A CA  1 
ATOM   1076 C C   . VAL A 1 145 ? -13.634 8.154   -3.592  1.00 16.69 ? 145 VAL A C   1 
ATOM   1077 O O   . VAL A 1 145 ? -13.602 9.378   -3.439  1.00 16.31 ? 145 VAL A O   1 
ATOM   1078 C CB  . VAL A 1 145 ? -15.289 7.975   -5.494  1.00 16.20 ? 145 VAL A CB  1 
ATOM   1079 C CG1 . VAL A 1 145 ? -14.184 7.939   -6.560  1.00 15.99 ? 145 VAL A CG1 1 
ATOM   1080 C CG2 . VAL A 1 145 ? -16.541 7.378   -6.066  1.00 17.15 ? 145 VAL A CG2 1 
ATOM   1081 N N   . GLN A 1 146 ? -12.632 7.354   -3.187  1.00 15.00 ? 146 GLN A N   1 
ATOM   1082 C CA  . GLN A 1 146 ? -11.422 7.991   -2.625  1.00 15.00 ? 146 GLN A CA  1 
ATOM   1083 C C   . GLN A 1 146 ? -10.494 8.438   -3.711  1.00 15.00 ? 146 GLN A C   1 
ATOM   1084 O O   . GLN A 1 146 ? -9.920  9.540   -3.625  1.00 18.08 ? 146 GLN A O   1 
ATOM   1085 C CB  . GLN A 1 146 ? -10.841 7.230   -1.483  1.00 15.00 ? 146 GLN A CB  1 
ATOM   1086 C CG  . GLN A 1 146 ? -9.402  7.345   -1.107  1.00 15.00 ? 146 GLN A CG  1 
ATOM   1087 C CD  . GLN A 1 146 ? -8.822  6.038   -0.582  1.00 15.00 ? 146 GLN A CD  1 
ATOM   1088 O OE1 . GLN A 1 146 ? -7.691  5.694   -0.965  1.00 15.00 ? 146 GLN A OE1 1 
ATOM   1089 N NE2 . GLN A 1 146 ? -9.551  5.277   0.196   1.00 15.00 ? 146 GLN A NE2 1 
ATOM   1090 N N   . SER A 1 147 ? -10.443 7.677   -4.827  1.00 16.55 ? 147 SER A N   1 
ATOM   1091 C CA  . SER A 1 147 ? -9.651  8.236   -5.969  1.00 16.59 ? 147 SER A CA  1 
ATOM   1092 C C   . SER A 1 147 ? -10.043 7.495   -7.265  1.00 15.78 ? 147 SER A C   1 
ATOM   1093 O O   . SER A 1 147 ? -10.288 6.274   -7.130  1.00 14.98 ? 147 SER A O   1 
ATOM   1094 C CB  . SER A 1 147 ? -8.165  8.061   -5.703  1.00 17.21 ? 147 SER A CB  1 
ATOM   1095 O OG  . SER A 1 147 ? -7.853  6.777   -5.211  1.00 18.23 ? 147 SER A OG  1 
ATOM   1096 N N   . GLY A 1 148 ? -9.950  8.156   -8.428  1.00 15.75 ? 148 GLY A N   1 
ATOM   1097 C CA  . GLY A 1 148 ? -10.324 7.547   -9.702  1.00 14.69 ? 148 GLY A CA  1 
ATOM   1098 C C   . GLY A 1 148 ? -11.651 8.060   -10.227 1.00 14.68 ? 148 GLY A C   1 
ATOM   1099 O O   . GLY A 1 148 ? -12.397 8.733   -9.513  1.00 14.05 ? 148 GLY A O   1 
ATOM   1100 N N   . THR A 1 149 ? -11.934 7.738   -11.487 1.00 13.74 ? 149 THR A N   1 
ATOM   1101 C CA  . THR A 1 149 ? -13.190 8.095   -12.140 1.00 13.67 ? 149 THR A CA  1 
ATOM   1102 C C   . THR A 1 149 ? -13.880 6.811   -12.584 1.00 13.65 ? 149 THR A C   1 
ATOM   1103 O O   . THR A 1 149 ? -13.352 6.078   -13.420 1.00 12.93 ? 149 THR A O   1 
ATOM   1104 C CB  . THR A 1 149 ? -12.938 9.001   -13.363 1.00 14.08 ? 149 THR A CB  1 
ATOM   1105 O OG1 . THR A 1 149 ? -12.275 10.199  -12.939 1.00 13.85 ? 149 THR A OG1 1 
ATOM   1106 C CG2 . THR A 1 149 ? -14.247 9.368   -14.059 1.00 13.57 ? 149 THR A CG2 1 
ATOM   1107 N N   . TRP A 1 150 ? -15.058 6.548   -12.021 1.00 12.51 ? 150 TRP A N   1 
ATOM   1108 C CA  . TRP A 1 150 ? -15.742 5.269   -12.205 1.00 12.51 ? 150 TRP A CA  1 
ATOM   1109 C C   . TRP A 1 150 ? -17.139 5.448   -12.784 1.00 12.83 ? 150 TRP A C   1 
ATOM   1110 O O   . TRP A 1 150 ? -17.748 6.510   -12.643 1.00 12.45 ? 150 TRP A O   1 
ATOM   1111 C CB  . TRP A 1 150 ? -15.863 4.539   -10.865 1.00 13.46 ? 150 TRP A CB  1 
ATOM   1112 C CG  . TRP A 1 150 ? -14.593 4.468   -10.078 1.00 12.65 ? 150 TRP A CG  1 
ATOM   1113 C CD1 . TRP A 1 150 ? -14.054 5.452   -9.302  1.00 14.35 ? 150 TRP A CD1 1 
ATOM   1114 C CD2 . TRP A 1 150 ? -13.712 3.344   -9.970  1.00 12.01 ? 150 TRP A CD2 1 
ATOM   1115 N NE1 . TRP A 1 150 ? -12.887 5.016   -8.727  1.00 14.81 ? 150 TRP A NE1 1 
ATOM   1116 C CE2 . TRP A 1 150 ? -12.654 3.724   -9.118  1.00 12.69 ? 150 TRP A CE2 1 
ATOM   1117 C CE3 . TRP A 1 150 ? -13.712 2.054   -10.513 1.00 12.59 ? 150 TRP A CE3 1 
ATOM   1118 C CZ2 . TRP A 1 150 ? -11.603 2.861   -8.799  1.00 14.73 ? 150 TRP A CZ2 1 
ATOM   1119 C CZ3 . TRP A 1 150 ? -12.670 1.195   -10.193 1.00 13.78 ? 150 TRP A CZ3 1 
ATOM   1120 C CH2 . TRP A 1 150 ? -11.631 1.604   -9.343  1.00 14.10 ? 150 TRP A CH2 1 
ATOM   1121 N N   . VAL A 1 151 ? -17.638 4.397   -13.433 1.00 12.15 ? 151 VAL A N   1 
ATOM   1122 C CA  . VAL A 1 151 ? -19.033 4.336   -13.868 1.00 11.70 ? 151 VAL A CA  1 
ATOM   1123 C C   . VAL A 1 151 ? -19.675 3.080   -13.288 1.00 11.93 ? 151 VAL A C   1 
ATOM   1124 O O   . VAL A 1 151 ? -19.243 1.967   -13.587 1.00 11.91 ? 151 VAL A O   1 
ATOM   1125 C CB  . VAL A 1 151 ? -19.168 4.308   -15.407 1.00 11.84 ? 151 VAL A CB  1 
ATOM   1126 C CG1 . VAL A 1 151 ? -20.637 4.436   -15.812 1.00 13.20 ? 151 VAL A CG1 1 
ATOM   1127 C CG2 . VAL A 1 151 ? -18.349 5.422   -16.043 1.00 13.30 ? 151 VAL A CG2 1 
ATOM   1128 N N   . GLY A 1 152 ? -20.696 3.265   -12.455 1.00 11.03 ? 152 GLY A N   1 
ATOM   1129 C CA  . GLY A 1 152 ? -21.456 2.153   -11.889 1.00 10.57 ? 152 GLY A CA  1 
ATOM   1130 C C   . GLY A 1 152 ? -22.664 1.831   -12.747 1.00 11.34 ? 152 GLY A C   1 
ATOM   1131 O O   . GLY A 1 152 ? -23.258 2.727   -13.351 1.00 11.56 ? 152 GLY A O   1 
ATOM   1132 N N   . TYR A 1 153 ? -23.028 0.551   -12.799 1.00 11.55 ? 153 TYR A N   1 
ATOM   1133 C CA  . TYR A 1 153 ? -24.144 0.086   -13.622 1.00 11.29 ? 153 TYR A CA  1 
ATOM   1134 C C   . TYR A 1 153 ? -25.088 -0.797  -12.817 1.00 11.76 ? 153 TYR A C   1 
ATOM   1135 O O   . TYR A 1 153 ? -24.665 -1.478  -11.883 1.00 10.97 ? 153 TYR A O   1 
ATOM   1136 C CB  . TYR A 1 153 ? -23.627 -0.699  -14.825 1.00 11.78 ? 153 TYR A CB  1 
ATOM   1137 C CG  . TYR A 1 153 ? -22.689 0.076   -15.717 1.00 10.56 ? 153 TYR A CG  1 
ATOM   1138 C CD1 . TYR A 1 153 ? -23.153 0.698   -16.870 1.00 11.76 ? 153 TYR A CD1 1 
ATOM   1139 C CD2 . TYR A 1 153 ? -21.335 0.181   -15.414 1.00 11.30 ? 153 TYR A CD2 1 
ATOM   1140 C CE1 . TYR A 1 153 ? -22.297 1.406   -17.695 1.00 11.68 ? 153 TYR A CE1 1 
ATOM   1141 C CE2 . TYR A 1 153 ? -20.469 0.891   -16.233 1.00 10.74 ? 153 TYR A CE2 1 
ATOM   1142 C CZ  . TYR A 1 153 ? -20.958 1.500   -17.373 1.00 12.87 ? 153 TYR A CZ  1 
ATOM   1143 O OH  . TYR A 1 153 ? -20.118 2.210   -18.194 1.00 14.17 ? 153 TYR A OH  1 
ATOM   1144 N N   . GLN A 1 154 ? -26.363 -0.792  -13.200 1.00 11.57 ? 154 GLN A N   1 
ATOM   1145 C CA  . GLN A 1 154 ? -27.387 -1.582  -12.516 1.00 11.77 ? 154 GLN A CA  1 
ATOM   1146 C C   . GLN A 1 154 ? -27.138 -3.085  -12.611 1.00 12.19 ? 154 GLN A C   1 
ATOM   1147 O O   . GLN A 1 154 ? -27.320 -3.808  -11.632 1.00 12.36 ? 154 GLN A O   1 
ATOM   1148 C CB  . GLN A 1 154 ? -28.773 -1.277  -13.090 1.00 12.07 ? 154 GLN A CB  1 
ATOM   1149 C CG  . GLN A 1 154 ? -29.294 0.112   -12.780 1.00 12.78 ? 154 GLN A CG  1 
ATOM   1150 C CD  . GLN A 1 154 ? -30.681 0.346   -13.349 1.00 12.91 ? 154 GLN A CD  1 
ATOM   1151 O OE1 . GLN A 1 154 ? -30.903 0.195   -14.551 1.00 12.31 ? 154 GLN A OE1 1 
ATOM   1152 N NE2 . GLN A 1 154 ? -31.620 0.717   -12.486 1.00 17.84 ? 154 GLN A NE2 1 
ATOM   1153 N N   . TYR A 1 155 ? -26.727 -3.544  -13.792 1.00 11.97 ? 155 TYR A N   1 
ATOM   1154 C CA  . TYR A 1 155 ? -26.650 -4.975  -14.089 1.00 12.00 ? 155 TYR A CA  1 
ATOM   1155 C C   . TYR A 1 155 ? -25.229 -5.397  -14.470 1.00 11.40 ? 155 TYR A C   1 
ATOM   1156 O O   . TYR A 1 155 ? -24.397 -4.546  -14.787 1.00 10.92 ? 155 TYR A O   1 
ATOM   1157 C CB  . TYR A 1 155 ? -27.634 -5.309  -15.213 1.00 12.74 ? 155 TYR A CB  1 
ATOM   1158 C CG  . TYR A 1 155 ? -28.976 -4.645  -15.019 1.00 12.54 ? 155 TYR A CG  1 
ATOM   1159 C CD1 . TYR A 1 155 ? -29.728 -4.887  -13.874 1.00 13.55 ? 155 TYR A CD1 1 
ATOM   1160 C CD2 . TYR A 1 155 ? -29.486 -3.759  -15.966 1.00 13.23 ? 155 TYR A CD2 1 
ATOM   1161 C CE1 . TYR A 1 155 ? -30.953 -4.274  -13.676 1.00 14.75 ? 155 TYR A CE1 1 
ATOM   1162 C CE2 . TYR A 1 155 ? -30.714 -3.142  -15.779 1.00 12.81 ? 155 TYR A CE2 1 
ATOM   1163 C CZ  . TYR A 1 155 ? -31.442 -3.405  -14.632 1.00 16.15 ? 155 TYR A CZ  1 
ATOM   1164 O OH  . TYR A 1 155 ? -32.656 -2.798  -14.439 1.00 17.47 ? 155 TYR A OH  1 
ATOM   1165 N N   . PRO A 1 156 ? -24.946 -6.717  -14.436 1.00 11.85 ? 156 PRO A N   1 
ATOM   1166 C CA  . PRO A 1 156 ? -23.597 -7.187  -14.766 1.00 12.08 ? 156 PRO A CA  1 
ATOM   1167 C C   . PRO A 1 156 ? -23.234 -6.977  -16.234 1.00 12.10 ? 156 PRO A C   1 
ATOM   1168 O O   . PRO A 1 156 ? -24.112 -6.989  -17.098 1.00 12.10 ? 156 PRO A O   1 
ATOM   1169 C CB  . PRO A 1 156 ? -23.647 -8.690  -14.441 1.00 12.11 ? 156 PRO A CB  1 
ATOM   1170 C CG  . PRO A 1 156 ? -24.903 -8.906  -13.674 1.00 12.53 ? 156 PRO A CG  1 
ATOM   1171 C CD  . PRO A 1 156 ? -25.843 -7.834  -14.095 1.00 12.34 ? 156 PRO A CD  1 
ATOM   1172 N N   . GLY A 1 157 ? -21.945 -6.792  -16.500 1.00 12.07 ? 157 GLY A N   1 
ATOM   1173 C CA  . GLY A 1 157 ? -21.457 -6.535  -17.852 1.00 11.43 ? 157 GLY A CA  1 
ATOM   1174 C C   . GLY A 1 157 ? -21.713 -5.112  -18.317 1.00 11.14 ? 157 GLY A C   1 
ATOM   1175 O O   . GLY A 1 157 ? -21.854 -4.863  -19.516 1.00 9.75  ? 157 GLY A O   1 
ATOM   1176 N N   . TYR A 1 158 ? -21.769 -4.183  -17.362 1.00 9.99  ? 158 TYR A N   1 
ATOM   1177 C CA  . TYR A 1 158 ? -21.903 -2.750  -17.642 1.00 10.80 ? 158 TYR A CA  1 
ATOM   1178 C C   . TYR A 1 158 ? -23.187 -2.424  -18.411 1.00 11.34 ? 158 TYR A C   1 
ATOM   1179 O O   . TYR A 1 158 ? -23.159 -1.715  -19.421 1.00 11.97 ? 158 TYR A O   1 
ATOM   1180 C CB  . TYR A 1 158 ? -20.659 -2.236  -18.383 1.00 11.04 ? 158 TYR A CB  1 
ATOM   1181 C CG  . TYR A 1 158 ? -19.372 -2.825  -17.848 1.00 10.94 ? 158 TYR A CG  1 
ATOM   1182 C CD1 . TYR A 1 158 ? -19.032 -2.693  -16.505 1.00 11.44 ? 158 TYR A CD1 1 
ATOM   1183 C CD2 . TYR A 1 158 ? -18.506 -3.531  -18.680 1.00 11.93 ? 158 TYR A CD2 1 
ATOM   1184 C CE1 . TYR A 1 158 ? -17.859 -3.243  -16.004 1.00 11.63 ? 158 TYR A CE1 1 
ATOM   1185 C CE2 . TYR A 1 158 ? -17.330 -4.081  -18.190 1.00 13.04 ? 158 TYR A CE2 1 
ATOM   1186 C CZ  . TYR A 1 158 ? -17.013 -3.934  -16.853 1.00 13.43 ? 158 TYR A CZ  1 
ATOM   1187 O OH  . TYR A 1 158 ? -15.850 -4.482  -16.371 1.00 14.38 ? 158 TYR A OH  1 
ATOM   1188 N N   . ARG A 1 159 ? -24.310 -2.940  -17.913 1.00 11.74 ? 159 ARG A N   1 
ATOM   1189 C CA  . ARG A 1 159 ? -25.613 -2.760  -18.554 1.00 11.85 ? 159 ARG A CA  1 
ATOM   1190 C C   . ARG A 1 159 ? -26.584 -1.994  -17.655 1.00 11.62 ? 159 ARG A C   1 
ATOM   1191 O O   . ARG A 1 159 ? -26.433 -1.976  -16.433 1.00 11.44 ? 159 ARG A O   1 
ATOM   1192 C CB  . ARG A 1 159 ? -26.223 -4.117  -18.907 1.00 12.17 ? 159 ARG A CB  1 
ATOM   1193 C CG  . ARG A 1 159 ? -25.304 -5.035  -19.698 1.00 11.89 ? 159 ARG A CG  1 
ATOM   1194 C CD  . ARG A 1 159 ? -26.101 -6.098  -20.435 1.00 12.27 ? 159 ARG A CD  1 
ATOM   1195 N NE  . ARG A 1 159 ? -26.770 -5.548  -21.613 1.00 12.27 ? 159 ARG A NE  1 
ATOM   1196 C CZ  . ARG A 1 159 ? -26.168 -5.278  -22.772 1.00 14.26 ? 159 ARG A CZ  1 
ATOM   1197 N NH1 . ARG A 1 159 ? -24.866 -5.499  -22.936 1.00 14.93 ? 159 ARG A NH1 1 
ATOM   1198 N NH2 . ARG A 1 159 ? -26.877 -4.778  -23.777 1.00 14.63 ? 159 ARG A NH2 1 
ATOM   1199 N N   . GLY A 1 160 ? -27.586 -1.374  -18.276 1.00 11.75 ? 160 GLY A N   1 
ATOM   1200 C CA  . GLY A 1 160 ? -28.615 -0.624  -17.556 1.00 11.70 ? 160 GLY A CA  1 
ATOM   1201 C C   . GLY A 1 160 ? -28.263 0.843   -17.392 1.00 11.67 ? 160 GLY A C   1 
ATOM   1202 O O   . GLY A 1 160 ? -27.496 1.397   -18.182 1.00 12.95 ? 160 GLY A O   1 
ATOM   1203 N N   . LEU A 1 161 ? -28.835 1.473   -16.368 1.00 12.02 ? 161 LEU A N   1 
ATOM   1204 C CA  . LEU A 1 161 ? -28.566 2.881   -16.071 1.00 12.29 ? 161 LEU A CA  1 
ATOM   1205 C C   . LEU A 1 161 ? -27.125 3.079   -15.610 1.00 11.90 ? 161 LEU A C   1 
ATOM   1206 O O   . LEU A 1 161 ? -26.570 2.236   -14.906 1.00 10.89 ? 161 LEU A O   1 
ATOM   1207 C CB  . LEU A 1 161 ? -29.524 3.403   -14.995 1.00 13.20 ? 161 LEU A CB  1 
ATOM   1208 C CG  . LEU A 1 161 ? -31.007 3.482   -15.369 1.00 14.69 ? 161 LEU A CG  1 
ATOM   1209 C CD1 . LEU A 1 161 ? -31.848 3.823   -14.150 1.00 18.58 ? 161 LEU A CD1 1 
ATOM   1210 C CD2 . LEU A 1 161 ? -31.231 4.504   -16.464 1.00 17.69 ? 161 LEU A CD2 1 
ATOM   1211 N N   . GLN A 1 162 ? -26.536 4.204   -16.010 1.00 12.07 ? 162 GLN A N   1 
ATOM   1212 C CA  . GLN A 1 162 ? -25.138 4.511   -15.714 1.00 12.78 ? 162 GLN A CA  1 
ATOM   1213 C C   . GLN A 1 162 ? -25.048 5.563   -14.617 1.00 12.67 ? 162 GLN A C   1 
ATOM   1214 O O   . GLN A 1 162 ? -25.842 6.507   -14.590 1.00 12.79 ? 162 GLN A O   1 
ATOM   1215 C CB  . GLN A 1 162 ? -24.434 5.027   -16.970 1.00 13.87 ? 162 GLN A CB  1 
ATOM   1216 C CG  . GLN A 1 162 ? -24.672 4.178   -18.211 1.00 17.09 ? 162 GLN A CG  1 
ATOM   1217 C CD  . GLN A 1 162 ? -24.089 4.796   -19.465 1.00 14.75 ? 162 GLN A CD  1 
ATOM   1218 O OE1 . GLN A 1 162 ? -24.775 4.936   -20.478 1.00 17.91 ? 162 GLN A OE1 1 
ATOM   1219 N NE2 . GLN A 1 162 ? -22.816 5.171   -19.405 1.00 11.24 ? 162 GLN A NE2 1 
ATOM   1220 N N   . TYR A 1 163 ? -24.077 5.400   -13.720 1.00 11.70 ? 163 TYR A N   1 
ATOM   1221 C CA  . TYR A 1 163 ? -23.842 6.356   -12.639 1.00 12.19 ? 163 TYR A CA  1 
ATOM   1222 C C   . TYR A 1 163 ? -22.368 6.748   -12.608 1.00 12.21 ? 163 TYR A C   1 
ATOM   1223 O O   . TYR A 1 163 ? -21.515 5.940   -12.237 1.00 11.89 ? 163 TYR A O   1 
ATOM   1224 C CB  . TYR A 1 163 ? -24.263 5.762   -11.291 1.00 13.32 ? 163 TYR A CB  1 
ATOM   1225 C CG  . TYR A 1 163 ? -25.611 5.076   -11.325 1.00 13.06 ? 163 TYR A CG  1 
ATOM   1226 C CD1 . TYR A 1 163 ? -26.756 5.768   -11.709 1.00 13.05 ? 163 TYR A CD1 1 
ATOM   1227 C CD2 . TYR A 1 163 ? -25.743 3.734   -10.974 1.00 14.05 ? 163 TYR A CD2 1 
ATOM   1228 C CE1 . TYR A 1 163 ? -27.994 5.145   -11.749 1.00 13.74 ? 163 TYR A CE1 1 
ATOM   1229 C CE2 . TYR A 1 163 ? -26.977 3.102   -11.007 1.00 14.42 ? 163 TYR A CE2 1 
ATOM   1230 C CZ  . TYR A 1 163 ? -28.099 3.811   -11.394 1.00 14.17 ? 163 TYR A CZ  1 
ATOM   1231 O OH  . TYR A 1 163 ? -29.322 3.185   -11.427 1.00 15.26 ? 163 TYR A OH  1 
ATOM   1232 N N   . LEU A 1 164 ? -22.072 7.981   -13.015 1.00 12.38 ? 164 LEU A N   1 
ATOM   1233 C CA  . LEU A 1 164 ? -20.705 8.498   -12.990 1.00 12.81 ? 164 LEU A CA  1 
ATOM   1234 C C   . LEU A 1 164 ? -20.305 8.810   -11.550 1.00 13.31 ? 164 LEU A C   1 
ATOM   1235 O O   . LEU A 1 164 ? -20.854 9.722   -10.929 1.00 14.81 ? 164 LEU A O   1 
ATOM   1236 C CB  . LEU A 1 164 ? -20.581 9.752   -13.863 1.00 12.88 ? 164 LEU A CB  1 
ATOM   1237 C CG  . LEU A 1 164 ? -19.187 10.380  -13.984 1.00 12.76 ? 164 LEU A CG  1 
ATOM   1238 C CD1 . LEU A 1 164 ? -18.194 9.419   -14.623 1.00 12.09 ? 164 LEU A CD1 1 
ATOM   1239 C CD2 . LEU A 1 164 ? -19.258 11.671  -14.781 1.00 13.45 ? 164 LEU A CD2 1 
ATOM   1240 N N   . LEU A 1 165 ? -19.345 8.046   -11.033 1.00 12.98 ? 165 LEU A N   1 
ATOM   1241 C CA  . LEU A 1 165 ? -18.911 8.156   -9.644  1.00 13.13 ? 165 LEU A CA  1 
ATOM   1242 C C   . LEU A 1 165 ? -17.506 8.745   -9.583  1.00 13.60 ? 165 LEU A C   1 
ATOM   1243 O O   . LEU A 1 165 ? -16.542 8.120   -10.032 1.00 12.57 ? 165 LEU A O   1 
ATOM   1244 C CB  . LEU A 1 165 ? -18.948 6.779   -8.979  1.00 12.93 ? 165 LEU A CB  1 
ATOM   1245 C CG  . LEU A 1 165 ? -20.326 6.106   -8.988  1.00 13.48 ? 165 LEU A CG  1 
ATOM   1246 C CD1 . LEU A 1 165 ? -20.224 4.617   -8.695  1.00 14.72 ? 165 LEU A CD1 1 
ATOM   1247 C CD2 . LEU A 1 165 ? -21.268 6.789   -8.009  1.00 16.27 ? 165 LEU A CD2 1 
ATOM   1248 N N   . GLU A 1 166 ? -17.402 9.948   -9.024  1.00 14.34 ? 166 GLU A N   1 
ATOM   1249 C CA  . GLU A 1 166 ? -16.146 10.695  -8.974  1.00 14.92 ? 166 GLU A CA  1 
ATOM   1250 C C   . GLU A 1 166 ? -15.764 10.981  -7.527  1.00 15.30 ? 166 GLU A C   1 
ATOM   1251 O O   . GLU A 1 166 ? -16.572 10.778  -6.620  1.00 14.43 ? 166 GLU A O   1 
ATOM   1252 C CB  . GLU A 1 166 ? -16.292 12.001  -9.753  1.00 15.08 ? 166 GLU A CB  1 
ATOM   1253 C CG  . GLU A 1 166 ? -16.703 11.801  -11.205 1.00 15.45 ? 166 GLU A CG  1 
ATOM   1254 C CD  . GLU A 1 166 ? -16.947 13.109  -11.926 1.00 15.70 ? 166 GLU A CD  1 
ATOM   1255 O OE1 . GLU A 1 166 ? -17.761 13.922  -11.422 1.00 16.64 ? 166 GLU A OE1 1 
ATOM   1256 O OE2 . GLU A 1 166 ? -16.332 13.325  -12.998 1.00 17.17 ? 166 GLU A OE2 1 
ATOM   1257 N N   . LYS A 1 167 ? -14.538 11.461  -7.318  1.00 16.83 ? 167 LYS A N   1 
ATOM   1258 C CA  . LYS A 1 167 ? -13.997 11.644  -5.967  1.00 17.82 ? 167 LYS A CA  1 
ATOM   1259 C C   . LYS A 1 167 ? -14.966 12.401  -5.063  1.00 17.44 ? 167 LYS A C   1 
ATOM   1260 O O   . LYS A 1 167 ? -15.375 13.521  -5.376  1.00 17.07 ? 167 LYS A O   1 
ATOM   1261 C CB  . LYS A 1 167 ? -12.648 12.370  -5.993  1.00 18.50 ? 167 LYS A CB  1 
ATOM   1262 C CG  . LYS A 1 167 ? -11.957 12.406  -4.630  1.00 20.70 ? 167 LYS A CG  1 
ATOM   1263 C CD  . LYS A 1 167 ? -10.602 13.086  -4.684  1.00 22.84 ? 167 LYS A CD  1 
ATOM   1264 C CE  . LYS A 1 167 ? -10.023 13.257  -3.286  1.00 26.64 ? 167 LYS A CE  1 
ATOM   1265 N NZ  . LYS A 1 167 ? -8.644  13.818  -3.314  1.00 29.92 ? 167 LYS A NZ  1 
ATOM   1266 N N   . GLY A 1 168 ? -15.321 11.779  -3.942  1.00 17.59 ? 168 GLY A N   1 
ATOM   1267 C CA  . GLY A 1 168 ? -16.251 12.365  -2.985  1.00 17.95 ? 168 GLY A CA  1 
ATOM   1268 C C   . GLY A 1 168 ? -17.098 11.322  -2.283  1.00 18.51 ? 168 GLY A C   1 
ATOM   1269 O O   . GLY A 1 168 ? -16.848 10.119  -2.394  1.00 17.95 ? 168 GLY A O   1 
ATOM   1270 N N   . ASP A 1 169 ? -18.110 11.800  -1.563  1.00 19.12 ? 169 ASP A N   1 
ATOM   1271 C CA  . ASP A 1 169 ? -18.988 10.952  -0.766  1.00 19.81 ? 169 ASP A CA  1 
ATOM   1272 C C   . ASP A 1 169 ? -20.404 10.947  -1.335  1.00 20.00 ? 169 ASP A C   1 
ATOM   1273 O O   . ASP A 1 169 ? -20.992 12.006  -1.559  1.00 22.09 ? 169 ASP A O   1 
ATOM   1274 C CB  . ASP A 1 169 ? -19.018 11.459  0.679   1.00 21.26 ? 169 ASP A CB  1 
ATOM   1275 C CG  . ASP A 1 169 ? -17.726 11.178  1.432   1.00 23.99 ? 169 ASP A CG  1 
ATOM   1276 O OD1 . ASP A 1 169 ? -17.596 11.658  2.577   1.00 31.67 ? 169 ASP A OD1 1 
ATOM   1277 O OD2 . ASP A 1 169 ? -16.840 10.482  0.888   1.00 27.28 ? 169 ASP A OD2 1 
ATOM   1278 N N   . TYR A 1 170 ? -20.937 9.749   -1.573  1.00 18.46 ? 170 TYR A N   1 
ATOM   1279 C CA  . TYR A 1 170 ? -22.332 9.572   -1.963  1.00 17.76 ? 170 TYR A CA  1 
ATOM   1280 C C   . TYR A 1 170 ? -23.045 8.806   -0.851  1.00 17.59 ? 170 TYR A C   1 
ATOM   1281 O O   . TYR A 1 170 ? -23.087 7.577   -0.861  1.00 16.17 ? 170 TYR A O   1 
ATOM   1282 C CB  . TYR A 1 170 ? -22.433 8.811   -3.288  1.00 16.70 ? 170 TYR A CB  1 
ATOM   1283 C CG  . TYR A 1 170 ? -21.734 9.484   -4.448  1.00 15.68 ? 170 TYR A CG  1 
ATOM   1284 C CD1 . TYR A 1 170 ? -22.419 10.353  -5.293  1.00 15.55 ? 170 TYR A CD1 1 
ATOM   1285 C CD2 . TYR A 1 170 ? -20.387 9.246   -4.705  1.00 17.26 ? 170 TYR A CD2 1 
ATOM   1286 C CE1 . TYR A 1 170 ? -21.780 10.971  -6.363  1.00 15.62 ? 170 TYR A CE1 1 
ATOM   1287 C CE2 . TYR A 1 170 ? -19.738 9.858   -5.771  1.00 16.30 ? 170 TYR A CE2 1 
ATOM   1288 C CZ  . TYR A 1 170 ? -20.440 10.720  -6.596  1.00 15.06 ? 170 TYR A CZ  1 
ATOM   1289 O OH  . TYR A 1 170 ? -19.802 11.328  -7.652  1.00 14.10 ? 170 TYR A OH  1 
ATOM   1290 N N   . LYS A 1 171 ? -23.596 9.544   0.111   1.00 18.03 ? 171 LYS A N   1 
ATOM   1291 C CA  . LYS A 1 171 ? -24.195 8.943   1.310   1.00 18.81 ? 171 LYS A CA  1 
ATOM   1292 C C   . LYS A 1 171 ? -25.523 8.224   1.049   1.00 17.47 ? 171 LYS A C   1 
ATOM   1293 O O   . LYS A 1 171 ? -25.963 7.420   1.871   1.00 16.37 ? 171 LYS A O   1 
ATOM   1294 C CB  . LYS A 1 171 ? -24.379 10.001  2.401   1.00 19.32 ? 171 LYS A CB  1 
ATOM   1295 C CG  . LYS A 1 171 ? -23.068 10.546  2.946   1.00 22.68 ? 171 LYS A CG  1 
ATOM   1296 C CD  . LYS A 1 171 ? -23.299 11.529  4.081   1.00 23.31 ? 171 LYS A CD  1 
ATOM   1297 C CE  . LYS A 1 171 ? -21.998 12.173  4.529   1.00 26.84 ? 171 LYS A CE  1 
ATOM   1298 N NZ  . LYS A 1 171 ? -22.212 13.178  5.607   1.00 28.56 ? 171 LYS A NZ  1 
ATOM   1299 N N   . ASP A 1 172 ? -26.161 8.527   -0.081  1.00 17.56 ? 172 ASP A N   1 
ATOM   1300 C CA  . ASP A 1 172 ? -27.358 7.810   -0.519  1.00 17.89 ? 172 ASP A CA  1 
ATOM   1301 C C   . ASP A 1 172 ? -27.244 7.498   -2.011  1.00 17.54 ? 172 ASP A C   1 
ATOM   1302 O O   . ASP A 1 172 ? -26.533 8.192   -2.740  1.00 16.90 ? 172 ASP A O   1 
ATOM   1303 C CB  . ASP A 1 172 ? -28.613 8.642   -0.242  1.00 18.00 ? 172 ASP A CB  1 
ATOM   1304 C CG  . ASP A 1 172 ? -29.894 7.831   -0.358  1.00 20.29 ? 172 ASP A CG  1 
ATOM   1305 O OD1 . ASP A 1 172 ? -30.003 6.785   0.319   1.00 25.32 ? 172 ASP A OD1 1 
ATOM   1306 O OD2 . ASP A 1 172 ? -30.796 8.244   -1.119  1.00 22.41 ? 172 ASP A OD2 1 
ATOM   1307 N N   . SER A 1 173 ? -27.936 6.453   -2.457  1.00 18.47 ? 173 SER A N   1 
ATOM   1308 C CA  . SER A 1 173 ? -27.912 6.057   -3.868  1.00 18.55 ? 173 SER A CA  1 
ATOM   1309 C C   . SER A 1 173 ? -28.554 7.102   -4.784  1.00 18.66 ? 173 SER A C   1 
ATOM   1310 O O   . SER A 1 173 ? -28.245 7.161   -5.975  1.00 18.48 ? 173 SER A O   1 
ATOM   1311 C CB  . SER A 1 173 ? -28.592 4.700   -4.063  1.00 19.72 ? 173 SER A CB  1 
ATOM   1312 O OG  . SER A 1 173 ? -29.930 4.726   -3.594  1.00 20.57 ? 173 SER A OG  1 
ATOM   1313 N N   . SER A 1 174 ? -29.442 7.922   -4.224  1.00 18.59 ? 174 SER A N   1 
ATOM   1314 C CA  . SER A 1 174 ? -30.041 9.039   -4.955  1.00 18.65 ? 174 SER A CA  1 
ATOM   1315 C C   . SER A 1 174 ? -29.020 10.129  -5.297  1.00 18.08 ? 174 SER A C   1 
ATOM   1316 O O   . SER A 1 174 ? -29.226 10.894  -6.240  1.00 18.93 ? 174 SER A O   1 
ATOM   1317 C CB  . SER A 1 174 ? -31.191 9.649   -4.147  1.00 19.13 ? 174 SER A CB  1 
ATOM   1318 O OG  . SER A 1 174 ? -30.725 10.204  -2.929  1.00 22.01 ? 174 SER A OG  1 
ATOM   1319 N N   . ASP A 1 175 ? -27.929 10.198  -4.531  1.00 17.12 ? 175 ASP A N   1 
ATOM   1320 C CA  . ASP A 1 175 ? -26.873 11.185  -4.776  1.00 17.32 ? 175 ASP A CA  1 
ATOM   1321 C C   . ASP A 1 175 ? -26.122 10.931  -6.087  1.00 16.68 ? 175 ASP A C   1 
ATOM   1322 O O   . ASP A 1 175 ? -25.670 11.883  -6.725  1.00 17.52 ? 175 ASP A O   1 
ATOM   1323 C CB  . ASP A 1 175 ? -25.882 11.238  -3.604  1.00 17.00 ? 175 ASP A CB  1 
ATOM   1324 C CG  . ASP A 1 175 ? -26.527 11.706  -2.307  1.00 20.55 ? 175 ASP A CG  1 
ATOM   1325 O OD1 . ASP A 1 175 ? -26.126 11.209  -1.233  1.00 21.41 ? 175 ASP A OD1 1 
ATOM   1326 O OD2 . ASP A 1 175 ? -27.433 12.566  -2.356  1.00 22.46 ? 175 ASP A OD2 1 
ATOM   1327 N N   . PHE A 1 176 ? -25.986 9.664   -6.486  1.00 17.27 ? 176 PHE A N   1 
ATOM   1328 C CA  . PHE A 1 176 ? -25.435 9.340   -7.814  1.00 17.49 ? 176 PHE A CA  1 
ATOM   1329 C C   . PHE A 1 176 ? -26.521 8.989   -8.847  1.00 18.10 ? 176 PHE A C   1 
ATOM   1330 O O   . PHE A 1 176 ? -26.257 8.298   -9.833  1.00 16.69 ? 176 PHE A O   1 
ATOM   1331 C CB  . PHE A 1 176 ? -24.318 8.274   -7.749  1.00 17.42 ? 176 PHE A CB  1 
ATOM   1332 C CG  . PHE A 1 176 ? -24.712 6.973   -7.089  1.00 17.14 ? 176 PHE A CG  1 
ATOM   1333 C CD1 . PHE A 1 176 ? -24.327 6.704   -5.781  1.00 15.96 ? 176 PHE A CD1 1 
ATOM   1334 C CD2 . PHE A 1 176 ? -25.413 5.998   -7.788  1.00 15.97 ? 176 PHE A CD2 1 
ATOM   1335 C CE1 . PHE A 1 176 ? -24.659 5.499   -5.172  1.00 16.27 ? 176 PHE A CE1 1 
ATOM   1336 C CE2 . PHE A 1 176 ? -25.753 4.790   -7.184  1.00 16.45 ? 176 PHE A CE2 1 
ATOM   1337 C CZ  . PHE A 1 176 ? -25.375 4.543   -5.875  1.00 17.96 ? 176 PHE A CZ  1 
ATOM   1338 N N   . GLY A 1 177 ? -27.734 9.491   -8.620  1.00 18.33 ? 177 GLY A N   1 
ATOM   1339 C CA  . GLY A 1 177 ? -28.802 9.451   -9.619  1.00 19.41 ? 177 GLY A CA  1 
ATOM   1340 C C   . GLY A 1 177 ? -29.470 8.107   -9.848  1.00 19.91 ? 177 GLY A C   1 
ATOM   1341 O O   . GLY A 1 177 ? -30.071 7.889   -10.902 1.00 21.48 ? 177 GLY A O   1 
ATOM   1342 N N   . ALA A 1 178 ? -29.377 7.208   -8.870  1.00 20.09 ? 178 ALA A N   1 
ATOM   1343 C CA  . ALA A 1 178 ? -30.000 5.890   -8.978  1.00 20.75 ? 178 ALA A CA  1 
ATOM   1344 C C   . ALA A 1 178 ? -31.437 5.936   -8.454  1.00 22.20 ? 178 ALA A C   1 
ATOM   1345 O O   . ALA A 1 178 ? -31.686 6.509   -7.392  1.00 22.64 ? 178 ALA A O   1 
ATOM   1346 C CB  . ALA A 1 178 ? -29.190 4.856   -8.215  1.00 20.72 ? 178 ALA A CB  1 
ATOM   1347 N N   . PRO A 1 179 ? -32.387 5.333   -9.196  1.00 22.67 ? 179 PRO A N   1 
ATOM   1348 C CA  . PRO A 1 179 ? -33.779 5.296   -8.743  1.00 22.82 ? 179 PRO A CA  1 
ATOM   1349 C C   . PRO A 1 179 ? -33.978 4.336   -7.569  1.00 23.20 ? 179 PRO A C   1 
ATOM   1350 O O   . PRO A 1 179 ? -34.853 4.560   -6.729  1.00 24.00 ? 179 PRO A O   1 
ATOM   1351 C CB  . PRO A 1 179 ? -34.537 4.808   -9.981  1.00 23.35 ? 179 PRO A CB  1 
ATOM   1352 C CG  . PRO A 1 179 ? -33.551 4.005   -10.732 1.00 23.51 ? 179 PRO A CG  1 
ATOM   1353 C CD  . PRO A 1 179 ? -32.214 4.640   -10.487 1.00 22.49 ? 179 PRO A CD  1 
ATOM   1354 N N   . HIS A 1 180 ? -33.171 3.278   -7.526  1.00 21.75 ? 180 HIS A N   1 
ATOM   1355 C CA  . HIS A 1 180 ? -33.148 2.343   -6.405  1.00 21.79 ? 180 HIS A CA  1 
ATOM   1356 C C   . HIS A 1 180 ? -31.711 1.854   -6.196  1.00 20.82 ? 180 HIS A C   1 
ATOM   1357 O O   . HIS A 1 180 ? -30.905 1.892   -7.128  1.00 18.50 ? 180 HIS A O   1 
ATOM   1358 C CB  . HIS A 1 180 ? -34.102 1.173   -6.666  1.00 23.55 ? 180 HIS A CB  1 
ATOM   1359 C CG  . HIS A 1 180 ? -33.801 0.410   -7.918  1.00 25.35 ? 180 HIS A CG  1 
ATOM   1360 N ND1 . HIS A 1 180 ? -34.336 0.747   -9.143  1.00 29.04 ? 180 HIS A ND1 1 
ATOM   1361 C CD2 . HIS A 1 180 ? -33.024 -0.677  -8.133  1.00 27.68 ? 180 HIS A CD2 1 
ATOM   1362 C CE1 . HIS A 1 180 ? -33.899 -0.099  -10.059 1.00 29.44 ? 180 HIS A CE1 1 
ATOM   1363 N NE2 . HIS A 1 180 ? -33.102 -0.973  -9.472  1.00 28.91 ? 180 HIS A NE2 1 
ATOM   1364 N N   . PRO A 1 181 ? -31.384 1.392   -4.974  1.00 19.59 ? 181 PRO A N   1 
ATOM   1365 C CA  . PRO A 1 181 ? -29.994 1.076   -4.654  1.00 19.36 ? 181 PRO A CA  1 
ATOM   1366 C C   . PRO A 1 181 ? -29.538 -0.250  -5.268  1.00 18.66 ? 181 PRO A C   1 
ATOM   1367 O O   . PRO A 1 181 ? -29.486 -1.269  -4.583  1.00 19.41 ? 181 PRO A O   1 
ATOM   1368 C CB  . PRO A 1 181 ? -30.006 1.012   -3.123  1.00 19.68 ? 181 PRO A CB  1 
ATOM   1369 C CG  . PRO A 1 181 ? -31.365 0.519   -2.795  1.00 20.28 ? 181 PRO A CG  1 
ATOM   1370 C CD  . PRO A 1 181 ? -32.281 1.113   -3.836  1.00 20.87 ? 181 PRO A CD  1 
ATOM   1371 N N   . GLN A 1 182 ? -29.221 -0.229  -6.562  1.00 18.05 ? 182 GLN A N   1 
ATOM   1372 C CA  . GLN A 1 182 ? -28.733 -1.422  -7.254  1.00 17.33 ? 182 GLN A CA  1 
ATOM   1373 C C   . GLN A 1 182 ? -27.547 -1.094  -8.156  1.00 16.16 ? 182 GLN A C   1 
ATOM   1374 O O   . GLN A 1 182 ? -27.674 -0.324  -9.109  1.00 16.47 ? 182 GLN A O   1 
ATOM   1375 C CB  . GLN A 1 182 ? -29.852 -2.067  -8.078  1.00 17.50 ? 182 GLN A CB  1 
ATOM   1376 C CG  . GLN A 1 182 ? -29.432 -3.346  -8.803  1.00 18.14 ? 182 GLN A CG  1 
ATOM   1377 C CD  . GLN A 1 182 ? -30.587 -4.037  -9.505  1.00 18.41 ? 182 GLN A CD  1 
ATOM   1378 O OE1 . GLN A 1 182 ? -31.529 -3.389  -9.966  1.00 21.64 ? 182 GLN A OE1 1 
ATOM   1379 N NE2 . GLN A 1 182 ? -30.515 -5.359  -9.596  1.00 20.16 ? 182 GLN A NE2 1 
ATOM   1380 N N   . VAL A 1 183 ? -26.396 -1.680  -7.834  1.00 14.70 ? 183 VAL A N   1 
ATOM   1381 C CA  . VAL A 1 183 ? -25.206 -1.613  -8.680  1.00 13.56 ? 183 VAL A CA  1 
ATOM   1382 C C   . VAL A 1 183 ? -24.569 -3.001  -8.710  1.00 13.61 ? 183 VAL A C   1 
ATOM   1383 O O   . VAL A 1 183 ? -24.273 -3.569  -7.657  1.00 12.26 ? 183 VAL A O   1 
ATOM   1384 C CB  . VAL A 1 183 ? -24.179 -0.584  -8.152  1.00 14.05 ? 183 VAL A CB  1 
ATOM   1385 C CG1 . VAL A 1 183 ? -22.938 -0.545  -9.044  1.00 14.07 ? 183 VAL A CG1 1 
ATOM   1386 C CG2 . VAL A 1 183 ? -24.805 0.803   -8.058  1.00 14.90 ? 183 VAL A CG2 1 
ATOM   1387 N N   . GLN A 1 184 ? -24.368 -3.542  -9.911  1.00 12.44 ? 184 GLN A N   1 
ATOM   1388 C CA  . GLN A 1 184 ? -23.798 -4.884  -10.075 1.00 12.45 ? 184 GLN A CA  1 
ATOM   1389 C C   . GLN A 1 184 ? -22.509 -4.938  -10.901 1.00 11.92 ? 184 GLN A C   1 
ATOM   1390 O O   . GLN A 1 184 ? -21.893 -6.001  -11.006 1.00 12.67 ? 184 GLN A O   1 
ATOM   1391 C CB  . GLN A 1 184 ? -24.839 -5.819  -10.690 1.00 12.77 ? 184 GLN A CB  1 
ATOM   1392 C CG  . GLN A 1 184 ? -26.016 -6.090  -9.775  1.00 13.73 ? 184 GLN A CG  1 
ATOM   1393 C CD  . GLN A 1 184 ? -26.878 -7.227  -10.269 1.00 13.02 ? 184 GLN A CD  1 
ATOM   1394 O OE1 . GLN A 1 184 ? -28.003 -7.019  -10.723 1.00 15.55 ? 184 GLN A OE1 1 
ATOM   1395 N NE2 . GLN A 1 184 ? -26.349 -8.441  -10.190 1.00 11.58 ? 184 GLN A NE2 1 
ATOM   1396 N N   . SER A 1 185 ? -22.105 -3.813  -11.486 1.00 11.72 ? 185 SER A N   1 
ATOM   1397 C CA  . SER A 1 185 ? -20.828 -3.741  -12.193 1.00 11.33 ? 185 SER A CA  1 
ATOM   1398 C C   . SER A 1 185 ? -20.276 -2.320  -12.205 1.00 12.15 ? 185 SER A C   1 
ATOM   1399 O O   . SER A 1 185 ? -21.032 -1.347  -12.262 1.00 11.62 ? 185 SER A O   1 
ATOM   1400 C CB  . SER A 1 185 ? -20.964 -4.272  -13.622 1.00 11.98 ? 185 SER A CB  1 
ATOM   1401 O OG  . SER A 1 185 ? -21.934 -3.547  -14.353 1.00 11.59 ? 185 SER A OG  1 
ATOM   1402 N N   . VAL A 1 186 ? -18.951 -2.219  -12.140 1.00 12.18 ? 186 VAL A N   1 
ATOM   1403 C CA  . VAL A 1 186 ? -18.255 -0.937  -12.118 1.00 12.86 ? 186 VAL A CA  1 
ATOM   1404 C C   . VAL A 1 186 ? -17.007 -1.027  -12.993 1.00 13.07 ? 186 VAL A C   1 
ATOM   1405 O O   . VAL A 1 186 ? -16.290 -2.028  -12.951 1.00 12.83 ? 186 VAL A O   1 
ATOM   1406 C CB  . VAL A 1 186 ? -17.841 -0.549  -10.675 1.00 14.23 ? 186 VAL A CB  1 
ATOM   1407 C CG1 . VAL A 1 186 ? -16.904 0.652   -10.675 1.00 17.55 ? 186 VAL A CG1 1 
ATOM   1408 C CG2 . VAL A 1 186 ? -19.065 -0.255  -9.821  1.00 15.74 ? 186 VAL A CG2 1 
ATOM   1409 N N   . ARG A 1 187 ? -16.755 0.015   -13.784 1.00 12.04 ? 187 ARG A N   1 
ATOM   1410 C CA  . ARG A 1 187 ? -15.511 0.119   -14.547 1.00 13.39 ? 187 ARG A CA  1 
ATOM   1411 C C   . ARG A 1 187 ? -14.871 1.491   -14.360 1.00 13.53 ? 187 ARG A C   1 
ATOM   1412 O O   . ARG A 1 187 ? -15.570 2.493   -14.195 1.00 12.65 ? 187 ARG A O   1 
ATOM   1413 C CB  . ARG A 1 187 ? -15.744 -0.171  -16.035 1.00 15.09 ? 187 ARG A CB  1 
ATOM   1414 C CG  . ARG A 1 187 ? -16.399 0.947   -16.829 1.00 14.89 ? 187 ARG A CG  1 
ATOM   1415 C CD  . ARG A 1 187 ? -16.628 0.513   -18.266 1.00 13.93 ? 187 ARG A CD  1 
ATOM   1416 N NE  . ARG A 1 187 ? -17.430 1.490   -19.000 1.00 12.62 ? 187 ARG A NE  1 
ATOM   1417 C CZ  . ARG A 1 187 ? -16.954 2.394   -19.858 1.00 12.83 ? 187 ARG A CZ  1 
ATOM   1418 N NH1 . ARG A 1 187 ? -17.801 3.232   -20.445 1.00 14.52 ? 187 ARG A NH1 1 
ATOM   1419 N NH2 . ARG A 1 187 ? -15.657 2.462   -20.151 1.00 14.11 ? 187 ARG A NH2 1 
ATOM   1420 N N   . ARG A 1 188 ? -13.542 1.524   -14.394 1.00 13.16 ? 188 ARG A N   1 
ATOM   1421 C CA  . ARG A 1 188 ? -12.790 2.761   -14.212 1.00 13.83 ? 188 ARG A CA  1 
ATOM   1422 C C   . ARG A 1 188 ? -12.489 3.419   -15.553 1.00 14.09 ? 188 ARG A C   1 
ATOM   1423 O O   . ARG A 1 188 ? -12.090 2.749   -16.508 1.00 13.81 ? 188 ARG A O   1 
ATOM   1424 C CB  . ARG A 1 188 ? -11.480 2.492   -13.465 1.00 14.16 ? 188 ARG A CB  1 
ATOM   1425 C CG  . ARG A 1 188 ? -10.739 3.760   -13.053 1.00 14.89 ? 188 ARG A CG  1 
ATOM   1426 C CD  . ARG A 1 188 ? -9.700  3.496   -11.974 1.00 14.71 ? 188 ARG A CD  1 
ATOM   1427 N NE  . ARG A 1 188 ? -8.535  2.770   -12.480 1.00 16.29 ? 188 ARG A NE  1 
ATOM   1428 C CZ  . ARG A 1 188 ? -7.508  3.317   -13.128 1.00 17.08 ? 188 ARG A CZ  1 
ATOM   1429 N NH1 . ARG A 1 188 ? -7.471  4.623   -13.383 1.00 16.88 ? 188 ARG A NH1 1 
ATOM   1430 N NH2 . ARG A 1 188 ? -6.506  2.545   -13.535 1.00 17.79 ? 188 ARG A NH2 1 
ATOM   1431 N N   . ILE A 1 189 ? -12.683 4.734   -15.611 1.00 14.34 ? 189 ILE A N   1 
ATOM   1432 C CA  . ILE A 1 189 ? -12.336 5.526   -16.786 1.00 15.45 ? 189 ILE A CA  1 
ATOM   1433 C C   . ILE A 1 189 ? -10.867 5.926   -16.668 1.00 16.62 ? 189 ILE A C   1 
ATOM   1434 O O   . ILE A 1 189 ? -10.502 6.730   -15.808 1.00 15.89 ? 189 ILE A O   1 
ATOM   1435 C CB  . ILE A 1 189 ? -13.226 6.787   -16.905 1.00 15.22 ? 189 ILE A CB  1 
ATOM   1436 C CG1 . ILE A 1 189 ? -14.716 6.408   -16.910 1.00 16.13 ? 189 ILE A CG1 1 
ATOM   1437 C CG2 . ILE A 1 189 ? -12.871 7.586   -18.154 1.00 15.11 ? 189 ILE A CG2 1 
ATOM   1438 C CD1 . ILE A 1 189 ? -15.129 5.435   -18.011 1.00 18.87 ? 189 ILE A CD1 1 
ATOM   1439 N N   . ARG A 1 190 ? -10.035 5.359   -17.537 1.00 16.95 ? 190 ARG A N   1 
ATOM   1440 C CA  . ARG A 1 190 ? -8.580  5.488   -17.433 1.00 18.51 ? 190 ARG A CA  1 
ATOM   1441 C C   . ARG A 1 190 ? -7.984  6.517   -18.392 1.00 20.15 ? 190 ARG A C   1 
ATOM   1442 O O   . ARG A 1 190 ? -6.894  7.037   -18.140 1.00 21.41 ? 190 ARG A O   1 
ATOM   1443 C CB  . ARG A 1 190 ? -7.927  4.128   -17.691 1.00 18.63 ? 190 ARG A CB  1 
ATOM   1444 C CG  . ARG A 1 190 ? -8.397  3.043   -16.745 1.00 18.71 ? 190 ARG A CG  1 
ATOM   1445 C CD  . ARG A 1 190 ? -7.742  1.710   -17.044 1.00 19.30 ? 190 ARG A CD  1 
ATOM   1446 N NE  . ARG A 1 190 ? -8.106  0.702   -16.050 1.00 18.74 ? 190 ARG A NE  1 
ATOM   1447 C CZ  . ARG A 1 190 ? -9.278  0.071   -15.997 1.00 19.46 ? 190 ARG A CZ  1 
ATOM   1448 N NH1 . ARG A 1 190 ? -10.236 0.331   -16.885 1.00 17.55 ? 190 ARG A NH1 1 
ATOM   1449 N NH2 . ARG A 1 190 ? -9.491  -0.827  -15.042 1.00 18.55 ? 190 ARG A NH2 1 
ATOM   1450 N N   . ASP A 1 191 ? -8.695  6.810   -19.479 1.00 20.31 ? 191 ASP A N   1 
ATOM   1451 C CA  . ASP A 1 191 ? -8.156  7.631   -20.561 1.00 21.73 ? 191 ASP A CA  1 
ATOM   1452 C C   . ASP A 1 191 ? -8.860  8.981   -20.681 1.00 22.12 ? 191 ASP A C   1 
ATOM   1453 O O   . ASP A 1 191 ? -10.023 9.128   -20.301 1.00 19.21 ? 191 ASP A O   1 
ATOM   1454 C CB  . ASP A 1 191 ? -8.262  6.875   -21.887 1.00 21.88 ? 191 ASP A CB  1 
ATOM   1455 C CG  . ASP A 1 191 ? -7.591  5.510   -21.842 1.00 26.32 ? 191 ASP A CG  1 
ATOM   1456 O OD1 . ASP A 1 191 ? -8.086  4.583   -22.520 1.00 27.95 ? 191 ASP A OD1 1 
ATOM   1457 O OD2 . ASP A 1 191 ? -6.573  5.362   -21.131 1.00 27.10 ? 191 ASP A OD2 1 
ATOM   1458 N N   . MET A 1 192 ? -8.132  9.957   -21.216 1.00 23.86 ? 192 MET A N   1 
ATOM   1459 C CA  . MET A 1 192 ? -8.646  11.305  -21.439 1.00 25.70 ? 192 MET A CA  1 
ATOM   1460 C C   . MET A 1 192 ? -7.817  11.960  -22.543 1.00 26.71 ? 192 MET A C   1 
ATOM   1461 O O   . MET A 1 192 ? -6.590  12.020  -22.445 1.00 27.21 ? 192 MET A O   1 
ATOM   1462 C CB  . MET A 1 192 ? -8.555  12.119  -20.149 1.00 26.24 ? 192 MET A CB  1 
ATOM   1463 C CG  . MET A 1 192 ? -9.156  13.516  -20.226 1.00 26.44 ? 192 MET A CG  1 
ATOM   1464 S SD  . MET A 1 192 ? -9.272  14.310  -18.607 1.00 29.96 ? 192 MET A SD  1 
ATOM   1465 C CE  . MET A 1 192 ? -7.631  14.014  -17.948 1.00 29.67 ? 192 MET A CE  1 
ATOM   1466 N N   . GLN A 1 193 ? -8.486  12.453  -23.583 1.00 27.28 ? 193 GLN A N   1 
ATOM   1467 C CA  . GLN A 1 193 ? -7.805  12.932  -24.794 1.00 29.00 ? 193 GLN A CA  1 
ATOM   1468 C C   . GLN A 1 193 ? -7.509  14.441  -24.799 1.00 30.60 ? 193 GLN A C   1 
ATOM   1469 O O   . GLN A 1 193 ? -7.407  15.051  -25.867 1.00 32.39 ? 193 GLN A O   1 
ATOM   1470 C CB  . GLN A 1 193 ? -8.619  12.552  -26.042 1.00 28.57 ? 193 GLN A CB  1 
ATOM   1471 C CG  . GLN A 1 193 ? -8.572  11.066  -26.402 1.00 26.99 ? 193 GLN A CG  1 
ATOM   1472 C CD  . GLN A 1 193 ? -9.561  10.215  -25.617 1.00 24.35 ? 193 GLN A CD  1 
ATOM   1473 O OE1 . GLN A 1 193 ? -9.185  9.213   -25.010 1.00 28.28 ? 193 GLN A OE1 1 
ATOM   1474 N NE2 . GLN A 1 193 ? -10.827 10.608  -25.634 1.00 16.50 ? 193 GLN A NE2 1 
ATOM   1475 N N   . TRP A 1 194 ? -7.353  15.038  -23.618 1.00 32.38 ? 194 TRP A N   1 
ATOM   1476 C CA  . TRP A 1 194 ? -7.014  16.459  -23.514 1.00 33.06 ? 194 TRP A CA  1 
ATOM   1477 C C   . TRP A 1 194 ? -6.463  16.810  -22.133 1.00 34.03 ? 194 TRP A C   1 
ATOM   1478 O O   . TRP A 1 194 ? -6.797  16.167  -21.136 1.00 34.17 ? 194 TRP A O   1 
ATOM   1479 C CB  . TRP A 1 194 ? -8.236  17.329  -23.829 1.00 34.28 ? 194 TRP A CB  1 
ATOM   1480 C CG  . TRP A 1 194 ? -9.343  17.167  -22.850 1.00 34.86 ? 194 TRP A CG  1 
ATOM   1481 C CD1 . TRP A 1 194 ? -10.211 16.121  -22.763 1.00 36.17 ? 194 TRP A CD1 1 
ATOM   1482 C CD2 . TRP A 1 194 ? -9.704  18.080  -21.810 1.00 36.44 ? 194 TRP A CD2 1 
ATOM   1483 N NE1 . TRP A 1 194 ? -11.092 16.324  -21.730 1.00 35.34 ? 194 TRP A NE1 1 
ATOM   1484 C CE2 . TRP A 1 194 ? -10.804 17.521  -21.128 1.00 35.57 ? 194 TRP A CE2 1 
ATOM   1485 C CE3 . TRP A 1 194 ? -9.204  19.318  -21.387 1.00 36.45 ? 194 TRP A CE3 1 
ATOM   1486 C CZ2 . TRP A 1 194 ? -11.418 18.157  -20.046 1.00 36.04 ? 194 TRP A CZ2 1 
ATOM   1487 C CZ3 . TRP A 1 194 ? -9.813  19.951  -20.310 1.00 36.03 ? 194 TRP A CZ3 1 
ATOM   1488 C CH2 . TRP A 1 194 ? -10.909 19.367  -19.653 1.00 36.07 ? 194 TRP A CH2 1 
HETATM 1489 O O   . HOH B 2 .   ? -22.507 -0.155  -21.578 1.00 14.30 ? 205 HOH A O   1 
HETATM 1490 O O   . HOH B 2 .   ? 10.077  -11.735 2.588   1.00 13.56 ? 206 HOH A O   1 
HETATM 1491 O O   . HOH B 2 .   ? -24.693 -1.524  -22.503 0.50 13.43 ? 207 HOH A O   1 
HETATM 1492 O O   . HOH B 2 .   ? 15.774  -5.817  -1.276  1.00 14.09 ? 208 HOH A O   1 
HETATM 1493 O O   . HOH B 2 .   ? -25.014 0.721   -19.815 1.00 13.61 ? 209 HOH A O   1 
HETATM 1494 O O   . HOH B 2 .   ? -27.573 3.677   -19.997 1.00 16.94 ? 210 HOH A O   1 
HETATM 1495 O O   . HOH B 2 .   ? 25.397  -1.390  11.133  1.00 16.26 ? 211 HOH A O   1 
HETATM 1496 O O   . HOH B 2 .   ? 19.224  -4.624  -1.029  1.00 14.78 ? 212 HOH A O   1 
HETATM 1497 O O   . HOH B 2 .   ? -29.286 -3.557  -22.118 1.00 16.27 ? 213 HOH A O   1 
HETATM 1498 O O   . HOH B 2 .   ? -15.673 15.588  -13.868 1.00 18.17 ? 214 HOH A O   1 
HETATM 1499 O O   . HOH B 2 .   ? -16.364 -9.710  -11.429 1.00 15.93 ? 215 HOH A O   1 
HETATM 1500 O O   . HOH B 2 .   ? -30.113 1.362   -9.604  1.00 15.41 ? 216 HOH A O   1 
HETATM 1501 O O   . HOH B 2 .   ? -13.470 12.522  -12.048 1.00 15.91 ? 217 HOH A O   1 
HETATM 1502 O O   . HOH B 2 .   ? -23.179 10.562  -10.146 1.00 16.16 ? 218 HOH A O   1 
HETATM 1503 O O   . HOH B 2 .   ? -14.299 -6.071  -17.688 1.00 20.62 ? 219 HOH A O   1 
HETATM 1504 O O   . HOH B 2 .   ? -13.107 1.927   -19.057 1.00 17.90 ? 220 HOH A O   1 
HETATM 1505 O O   . HOH B 2 .   ? -12.186 8.209   -22.172 1.00 16.46 ? 221 HOH A O   1 
HETATM 1506 O O   . HOH B 2 .   ? -20.878 3.846   -19.744 1.00 13.64 ? 222 HOH A O   1 
HETATM 1507 O O   . HOH B 2 .   ? -13.055 9.823   -24.470 1.00 15.92 ? 223 HOH A O   1 
HETATM 1508 O O   . HOH B 2 .   ? 5.643   3.436   -6.499  1.00 14.63 ? 224 HOH A O   1 
HETATM 1509 O O   . HOH B 2 .   ? -23.028 -6.978  -21.018 1.00 14.48 ? 225 HOH A O   1 
HETATM 1510 O O   . HOH B 2 .   ? 22.984  -8.238  -8.011  1.00 13.66 ? 226 HOH A O   1 
HETATM 1511 O O   . HOH B 2 .   ? 24.018  -0.730  -4.181  1.00 16.46 ? 227 HOH A O   1 
HETATM 1512 O O   . HOH B 2 .   ? 18.614  7.267   -1.425  1.00 18.74 ? 228 HOH A O   1 
HETATM 1513 O O   . HOH B 2 .   ? -10.406 4.774   -23.964 1.00 19.39 ? 229 HOH A O   1 
HETATM 1514 O O   . HOH B 2 .   ? -20.411 12.613  -11.418 1.00 15.00 ? 230 HOH A O   1 
HETATM 1515 O O   . HOH B 2 .   ? 26.997  -3.314  3.197   1.00 17.88 ? 231 HOH A O   1 
HETATM 1516 O O   . HOH B 2 .   ? -11.101 4.141   -19.804 1.00 17.82 ? 232 HOH A O   1 
HETATM 1517 O O   . HOH B 2 .   ? 24.806  5.096   -4.360  1.00 22.71 ? 233 HOH A O   1 
HETATM 1518 O O   . HOH B 2 .   ? 29.194  -0.115  9.038   1.00 21.34 ? 234 HOH A O   1 
HETATM 1519 O O   . HOH B 2 .   ? -25.848 -15.108 -8.583  1.00 20.06 ? 235 HOH A O   1 
HETATM 1520 O O   . HOH B 2 .   ? 8.230   -4.143  -2.117  1.00 17.42 ? 236 HOH A O   1 
HETATM 1521 O O   . HOH B 2 .   ? -6.066  -0.489  -13.991 1.00 22.39 ? 237 HOH A O   1 
HETATM 1522 O O   . HOH B 2 .   ? 28.217  -9.796  -6.705  1.00 21.78 ? 238 HOH A O   1 
HETATM 1523 O O   . HOH B 2 .   ? -12.742 11.674  -9.546  1.00 17.76 ? 239 HOH A O   1 
HETATM 1524 O O   . HOH B 2 .   ? -33.563 -3.098  -11.788 1.00 25.94 ? 240 HOH A O   1 
HETATM 1525 O O   . HOH B 2 .   ? 27.765  3.960   20.340  1.00 21.75 ? 241 HOH A O   1 
HETATM 1526 O O   . HOH B 2 .   ? 28.464  -6.146  7.433   1.00 24.33 ? 242 HOH A O   1 
HETATM 1527 O O   . HOH B 2 .   ? 17.410  -15.861 6.605   1.00 28.29 ? 243 HOH A O   1 
HETATM 1528 O O   . HOH B 2 .   ? -26.663 -4.182  -6.058  1.00 20.45 ? 244 HOH A O   1 
HETATM 1529 O O   . HOH B 2 .   ? -33.187 0.121   -16.406 1.00 27.46 ? 245 HOH A O   1 
HETATM 1530 O O   . HOH B 2 .   ? 19.718  -1.756  21.374  1.00 22.19 ? 246 HOH A O   1 
HETATM 1531 O O   . HOH B 2 .   ? -21.289 13.358  -8.754  1.00 21.43 ? 247 HOH A O   1 
HETATM 1532 O O   . HOH B 2 .   ? 28.333  2.830   11.426  1.00 29.47 ? 248 HOH A O   1 
HETATM 1533 O O   . HOH B 2 .   ? -30.193 4.231   -1.129  1.00 28.35 ? 249 HOH A O   1 
HETATM 1534 O O   . HOH B 2 .   ? -24.994 -6.860  -6.015  1.00 25.40 ? 250 HOH A O   1 
HETATM 1535 O O   . HOH B 2 .   ? 21.624  5.381   21.024  1.00 29.53 ? 251 HOH A O   1 
HETATM 1536 O O   . HOH B 2 .   ? -18.116 13.408  -6.313  1.00 26.19 ? 252 HOH A O   1 
HETATM 1537 O O   . HOH B 2 .   ? 30.460  6.950   7.395   1.00 28.75 ? 253 HOH A O   1 
HETATM 1538 O O   . HOH B 2 .   ? -9.419  -4.508  -14.846 1.00 24.93 ? 254 HOH A O   1 
HETATM 1539 O O   . HOH B 2 .   ? -11.281 7.236   -24.799 1.00 30.12 ? 255 HOH A O   1 
HETATM 1540 O O   . HOH B 2 .   ? -2.211  1.650   -8.871  1.00 34.73 ? 256 HOH A O   1 
HETATM 1541 O O   . HOH B 2 .   ? -10.063 -4.914  -6.160  1.00 28.59 ? 257 HOH A O   1 
HETATM 1542 O O   . HOH B 2 .   ? 12.419  8.879   4.779   1.00 34.65 ? 258 HOH A O   1 
HETATM 1543 O O   . HOH B 2 .   ? 29.202  10.357  5.478   1.00 33.32 ? 259 HOH A O   1 
HETATM 1544 O O   . HOH B 2 .   ? -18.087 14.523  -1.098  1.00 29.17 ? 260 HOH A O   1 
HETATM 1545 O O   . HOH B 2 .   ? 20.347  -12.103 18.469  1.00 35.01 ? 261 HOH A O   1 
HETATM 1546 O O   . HOH B 2 .   ? -28.557 -6.553  -7.485  1.00 27.08 ? 262 HOH A O   1 
HETATM 1547 O O   . HOH B 2 .   ? 2.902   11.472  -7.026  1.00 31.83 ? 263 HOH A O   1 
HETATM 1548 O O   . HOH B 2 .   ? 31.014  -1.166  -5.505  1.00 29.93 ? 264 HOH A O   1 
HETATM 1549 O O   . HOH B 2 .   ? -28.732 -6.102  0.475   1.00 32.98 ? 265 HOH A O   1 
HETATM 1550 O O   . HOH B 2 .   ? -34.869 0.703   -13.506 1.00 35.50 ? 266 HOH A O   1 
HETATM 1551 O O   . HOH B 2 .   ? 14.169  4.552   16.123  1.00 30.70 ? 267 HOH A O   1 
HETATM 1552 O O   . HOH B 2 .   ? 30.487  4.998   -2.003  1.00 33.85 ? 268 HOH A O   1 
HETATM 1553 O O   . HOH B 2 .   ? 17.948  -4.049  21.867  1.00 35.45 ? 269 HOH A O   1 
HETATM 1554 O O   . HOH B 2 .   ? 26.341  9.755   -1.617  1.00 35.90 ? 270 HOH A O   1 
HETATM 1555 O O   . HOH B 2 .   ? 28.991  -12.696 11.865  1.00 33.01 ? 271 HOH A O   1 
HETATM 1556 O O   . HOH B 2 .   ? 28.995  -1.819  17.159  1.00 36.38 ? 272 HOH A O   1 
HETATM 1557 O O   . HOH B 2 .   ? 1.734   5.962   -1.213  1.00 32.97 ? 273 HOH A O   1 
HETATM 1558 O O   . HOH B 2 .   ? -23.726 12.462  -0.177  1.00 29.77 ? 274 HOH A O   1 
HETATM 1559 O O   . HOH B 2 .   ? -20.855 6.476   8.685   1.00 43.91 ? 275 HOH A O   1 
HETATM 1560 O O   . HOH B 2 .   ? -20.000 13.880  -4.170  1.00 38.95 ? 276 HOH A O   1 
HETATM 1561 O O   . HOH B 2 .   ? -27.774 11.921  0.836   1.00 35.27 ? 277 HOH A O   1 
HETATM 1562 O O   . HOH B 2 .   ? 23.714  7.882   -1.865  1.00 37.42 ? 278 HOH A O   1 
HETATM 1563 O O   . HOH B 2 .   ? -12.048 -7.768  -11.592 1.00 33.98 ? 279 HOH A O   1 
HETATM 1564 O O   . HOH B 2 .   ? 18.147  10.424  0.041   1.00 35.35 ? 280 HOH A O   1 
HETATM 1565 O O   . HOH B 2 .   ? -3.800  -2.874  -8.262  1.00 35.23 ? 281 HOH A O   1 
HETATM 1566 O O   . HOH B 2 .   ? 2.727   -7.143  5.364   1.00 41.10 ? 282 HOH A O   1 
HETATM 1567 O O   . HOH B 2 .   ? -31.859 -3.179  -4.889  1.00 32.51 ? 283 HOH A O   1 
HETATM 1568 O O   . HOH B 2 .   ? -5.575  2.786   -20.312 1.00 44.13 ? 284 HOH A O   1 
HETATM 1569 O O   . HOH B 2 .   ? -18.305 -6.048  4.665   1.00 33.19 ? 285 HOH A O   1 
HETATM 1570 O O   . HOH B 2 .   ? 26.082  -16.094 13.708  1.00 37.80 ? 286 HOH A O   1 
HETATM 1571 O O   . HOH B 2 .   ? 28.435  -4.130  14.639  1.00 30.66 ? 287 HOH A O   1 
HETATM 1572 O O   . HOH B 2 .   ? 31.363  2.380   19.307  1.00 39.10 ? 288 HOH A O   1 
HETATM 1573 O O   . HOH B 2 .   ? 29.803  -7.403  11.178  1.00 47.85 ? 289 HOH A O   1 
HETATM 1574 O O   . HOH B 2 .   ? 12.193  11.491  1.167   1.00 38.66 ? 290 HOH A O   1 
HETATM 1575 O O   . HOH B 2 .   ? 32.105  -9.065  6.998   1.00 43.12 ? 291 HOH A O   1 
HETATM 1576 O O   . HOH B 2 .   ? -3.678  6.358   -3.438  1.00 36.54 ? 292 HOH A O   1 
HETATM 1577 O O   . HOH B 2 .   ? -19.520 15.623  -10.383 1.00 36.54 ? 293 HOH A O   1 
HETATM 1578 O O   . HOH B 2 .   ? -10.918 14.435  -8.721  1.00 42.76 ? 294 HOH A O   1 
HETATM 1579 O O   . HOH B 2 .   ? 23.414  11.181  15.283  1.00 40.55 ? 295 HOH A O   1 
HETATM 1580 O O   . HOH B 2 .   ? -21.960 -0.672  9.375   1.00 37.84 ? 296 HOH A O   1 
HETATM 1581 O O   . HOH B 2 .   ? 32.061  2.082   -7.652  1.00 37.87 ? 297 HOH A O   1 
HETATM 1582 O O   . HOH B 2 .   ? 28.911  0.035   0.330   1.00 31.61 ? 298 HOH A O   1 
HETATM 1583 O O   . HOH B 2 .   ? 24.819  13.140  11.928  1.00 45.84 ? 299 HOH A O   1 
HETATM 1584 O O   . HOH B 2 .   ? -29.871 -3.694  4.900   1.00 39.85 ? 300 HOH A O   1 
HETATM 1585 O O   . HOH B 2 .   ? 30.175  2.882   -5.755  1.00 36.80 ? 301 HOH A O   1 
HETATM 1586 O O   . HOH B 2 .   ? -13.717 -5.695  -0.175  1.00 45.13 ? 302 HOH A O   1 
HETATM 1587 O O   . HOH B 2 .   ? 30.741  -13.771 1.165   1.00 37.49 ? 303 HOH A O   1 
HETATM 1588 O O   . HOH B 2 .   ? 29.742  -15.814 3.733   1.00 36.65 ? 304 HOH A O   1 
HETATM 1589 O O   . HOH B 2 .   ? -25.474 -5.720  7.037   1.00 44.52 ? 305 HOH A O   1 
HETATM 1590 O O   . HOH B 2 .   ? -22.138 11.276  7.620   1.00 27.49 ? 306 HOH A O   1 
HETATM 1591 O O   . HOH B 2 .   ? 25.875  -9.913  -5.308  0.50 26.75 ? 307 HOH A O   1 
HETATM 1592 O O   . HOH B 2 .   ? 27.787  -6.335  -9.291  1.00 25.60 ? 308 HOH A O   1 
HETATM 1593 O O   . HOH B 2 .   ? 29.259  -4.545  17.297  1.00 36.40 ? 309 HOH A O   1 
HETATM 1594 O O   . HOH B 2 .   ? -23.950 12.745  -8.675  1.00 28.36 ? 310 HOH A O   1 
HETATM 1595 O O   . HOH B 2 .   ? 28.726  0.878   18.240  1.00 31.62 ? 311 HOH A O   1 
HETATM 1596 O O   . HOH B 2 .   ? 27.819  -2.771  0.777   1.00 24.21 ? 312 HOH A O   1 
HETATM 1597 O O   . HOH B 2 .   ? -10.152 -0.136  -20.022 1.00 28.67 ? 313 HOH A O   1 
HETATM 1598 O O   . HOH B 2 .   ? -10.373 -3.506  -17.770 0.50 19.87 ? 314 HOH A O   1 
HETATM 1599 O O   . HOH B 2 .   ? -13.480 -10.083 -11.528 1.00 33.70 ? 315 HOH A O   1 
HETATM 1600 O O   . HOH B 2 .   ? 0.812   1.407   -6.990  1.00 32.93 ? 316 HOH A O   1 
HETATM 1601 O O   . HOH B 2 .   ? 27.437  -10.739 7.642   1.00 26.79 ? 317 HOH A O   1 
HETATM 1602 O O   . HOH B 2 .   ? 16.199  3.599   17.859  1.00 45.07 ? 318 HOH A O   1 
HETATM 1603 O O   . HOH B 2 .   ? 29.281  -6.577  13.741  1.00 44.12 ? 319 HOH A O   1 
HETATM 1604 O O   . HOH B 2 .   ? -28.189 -8.883  -6.090  1.00 35.38 ? 320 HOH A O   1 
HETATM 1605 O O   . HOH B 2 .   ? 13.126  9.359   7.301   1.00 33.13 ? 321 HOH A O   1 
HETATM 1606 O O   . HOH B 2 .   ? -11.072 -6.631  -14.321 1.00 33.74 ? 322 HOH A O   1 
HETATM 1607 O O   . HOH B 2 .   ? 18.314  11.610  10.441  1.00 31.95 ? 323 HOH A O   1 
HETATM 1608 O O   . HOH B 2 .   ? -9.449  2.484   -21.156 1.00 37.34 ? 324 HOH A O   1 
HETATM 1609 O O   . HOH B 2 .   ? -32.011 5.167   -4.919  1.00 27.30 ? 325 HOH A O   1 
HETATM 1610 O O   . HOH B 2 .   ? 29.701  -7.968  8.158   1.00 37.54 ? 326 HOH A O   1 
HETATM 1611 O O   . HOH B 2 .   ? -4.112  2.917   -15.335 1.00 38.07 ? 327 HOH A O   1 
HETATM 1612 O O   . HOH B 2 .   ? 16.422  12.410  8.614   1.00 33.28 ? 328 HOH A O   1 
HETATM 1613 O O   . HOH B 2 .   ? 4.221   -5.297  8.654   1.00 34.01 ? 329 HOH A O   1 
HETATM 1614 O O   . HOH B 2 .   ? 20.190  13.544  9.867   1.00 35.46 ? 330 HOH A O   1 
HETATM 1615 O O   . HOH B 2 .   ? -31.192 11.855  -10.687 1.00 36.98 ? 331 HOH A O   1 
HETATM 1616 O O   . HOH B 2 .   ? -32.881 9.078   -7.450  1.00 42.49 ? 332 HOH A O   1 
HETATM 1617 O O   . HOH B 2 .   ? 4.465   -9.768  9.964   1.00 37.50 ? 333 HOH A O   1 
HETATM 1618 O O   . HOH B 2 .   ? 33.290  -10.141 -1.616  1.00 37.36 ? 334 HOH A O   1 
HETATM 1619 O O   . HOH B 2 .   ? 21.326  7.767   19.698  1.00 36.68 ? 335 HOH A O   1 
HETATM 1620 O O   . HOH B 2 .   ? 28.759  13.013  5.982   1.00 43.83 ? 336 HOH A O   1 
HETATM 1621 O O   . HOH B 2 .   ? 18.280  10.965  2.596   1.00 38.69 ? 337 HOH A O   1 
HETATM 1622 O O   . HOH B 2 .   ? -6.794  -4.598  -7.385  1.00 37.33 ? 338 HOH A O   1 
HETATM 1623 O O   . HOH B 2 .   ? -6.620  8.393   -24.919 1.00 44.82 ? 339 HOH A O   1 
HETATM 1624 O O   . HOH B 2 .   ? -27.567 -8.300  4.165   1.00 44.38 ? 340 HOH A O   1 
HETATM 1625 O O   . HOH B 2 .   ? 6.333   10.048  -1.017  1.00 40.48 ? 341 HOH A O   1 
HETATM 1626 O O   . HOH B 2 .   ? -28.426 7.333   -14.925 1.00 14.02 ? 342 HOH A O   1 
HETATM 1627 O O   . HOH B 2 .   ? 27.190  -5.489  4.258   1.00 28.20 ? 343 HOH A O   1 
HETATM 1628 O O   . HOH B 2 .   ? 15.928  -2.214  20.250  1.00 33.29 ? 344 HOH A O   1 
HETATM 1629 O O   . HOH B 2 .   ? -7.121  -3.298  -14.348 1.00 39.05 ? 345 HOH A O   1 
HETATM 1630 O O   . HOH B 2 .   ? -12.771 14.871  -20.479 1.00 35.81 ? 346 HOH A O   1 
HETATM 1631 O O   . HOH B 2 .   ? -22.002 -14.746 -4.850  1.00 44.49 ? 347 HOH A O   1 
HETATM 1632 O O   . HOH B 2 .   ? 30.996  4.264   7.484   1.00 42.53 ? 348 HOH A O   1 
HETATM 1633 O O   . HOH B 2 .   ? 20.732  -7.350  22.544  1.00 42.23 ? 349 HOH A O   1 
HETATM 1634 O O   . HOH B 2 .   ? 28.282  -7.772  -2.582  1.00 15.00 ? 350 HOH A O   1 
HETATM 1635 O O   . HOH B 2 .   ? -31.389 11.338  -7.866  1.00 33.53 ? 351 HOH A O   1 
HETATM 1636 O O   . HOH B 2 .   ? -30.158 -5.131  -5.473  1.00 42.02 ? 352 HOH A O   1 
HETATM 1637 O O   . HOH B 2 .   ? -6.233  -0.123  0.186   1.00 48.68 ? 353 HOH A O   1 
HETATM 1638 O O   . HOH B 2 .   ? 23.606  -17.096 6.045   1.00 46.43 ? 354 HOH A O   1 
HETATM 1639 O O   . HOH B 2 .   ? 25.943  -17.565 7.184   1.00 55.12 ? 355 HOH A O   1 
HETATM 1640 O O   . HOH B 2 .   ? 31.818  0.710   9.059   1.00 49.09 ? 356 HOH A O   1 
HETATM 1641 O O   . HOH B 2 .   ? 29.318  -4.888  -1.237  1.00 28.42 ? 357 HOH A O   1 
HETATM 1642 O O   . HOH B 2 .   ? 15.528  10.583  6.772   1.00 39.76 ? 358 HOH A O   1 
HETATM 1643 O O   . HOH B 2 .   ? -5.895  19.599  -20.437 1.00 57.70 ? 359 HOH A O   1 
HETATM 1644 O O   . HOH B 2 .   ? -31.291 1.415   1.006   1.00 42.73 ? 360 HOH A O   1 
HETATM 1645 O O   . HOH B 2 .   ? -29.393 -2.707  -19.889 1.00 33.54 ? 361 HOH A O   1 
HETATM 1646 O O   . HOH B 2 .   ? 30.869  7.646   10.049  1.00 43.29 ? 362 HOH A O   1 
HETATM 1647 O O   . HOH B 2 .   ? -24.697 14.723  4.677   1.00 52.59 ? 363 HOH A O   1 
HETATM 1648 O O   . HOH B 2 .   ? -15.811 1.495   6.087   1.00 50.37 ? 364 HOH A O   1 
HETATM 1649 O O   . HOH B 2 .   ? -36.836 2.034   -10.041 1.00 47.74 ? 365 HOH A O   1 
HETATM 1650 O O   . HOH B 2 .   ? 9.517   -5.727  16.830  1.00 38.57 ? 366 HOH A O   1 
HETATM 1651 O O   . HOH B 2 .   ? -13.919 10.243  -0.518  0.50 50.11 ? 367 HOH A O   1 
HETATM 1652 O O   . HOH B 2 .   ? 33.004  -12.414 0.283   1.00 43.59 ? 368 HOH A O   1 
HETATM 1653 O O   . HOH B 2 .   ? -30.148 12.934  -2.441  1.00 51.67 ? 369 HOH A O   1 
HETATM 1654 O O   . HOH B 2 .   ? -11.848 -6.211  -4.483  1.00 38.31 ? 370 HOH A O   1 
HETATM 1655 O O   . HOH B 2 .   ? -4.377  6.862   -20.368 1.00 43.60 ? 371 HOH A O   1 
HETATM 1656 O O   . HOH B 2 .   ? 30.059  5.428   20.218  1.00 43.25 ? 372 HOH A O   1 
HETATM 1657 O O   . HOH B 2 .   ? 9.786   11.265  -0.903  1.00 56.06 ? 373 HOH A O   1 
HETATM 1658 O O   . HOH B 2 .   ? -5.060  9.465   -20.894 1.00 41.46 ? 374 HOH A O   1 
HETATM 1659 O O   . HOH B 2 .   ? -30.399 7.752   -13.245 0.50 36.11 ? 375 HOH A O   1 
HETATM 1660 O O   . HOH B 2 .   ? 11.474  -13.844 10.584  1.00 48.05 ? 376 HOH A O   1 
HETATM 1661 O O   . HOH B 2 .   ? 28.547  6.089   -3.947  1.00 46.15 ? 377 HOH A O   1 
HETATM 1662 O O   . HOH B 2 .   ? -29.936 -7.291  -3.621  1.00 46.07 ? 378 HOH A O   1 
HETATM 1663 O O   . HOH B 2 .   ? -12.888 -15.433 -7.710  1.00 55.75 ? 379 HOH A O   1 
HETATM 1664 O O   . HOH B 2 .   ? 28.272  11.991  11.239  1.00 53.02 ? 380 HOH A O   1 
HETATM 1665 O O   . HOH B 2 .   ? 30.540  10.582  2.903   1.00 49.05 ? 381 HOH A O   1 
HETATM 1666 O O   . HOH B 2 .   ? 4.435   7.608   1.784   1.00 40.87 ? 382 HOH A O   1 
HETATM 1667 O O   . HOH B 2 .   ? 20.569  9.993   -1.802  1.00 49.85 ? 383 HOH A O   1 
HETATM 1668 O O   . HOH B 2 .   ? 17.435  10.596  13.267  1.00 47.77 ? 384 HOH A O   1 
HETATM 1669 O O   . HOH B 2 .   ? -19.487 -0.586  6.624   1.00 47.25 ? 385 HOH A O   1 
HETATM 1670 O O   . HOH B 2 .   ? 31.001  3.459   11.581  1.00 43.48 ? 386 HOH A O   1 
HETATM 1671 O O   . HOH B 2 .   ? -22.392 -5.045  8.474   1.00 51.85 ? 387 HOH A O   1 
HETATM 1672 O O   . HOH B 2 .   ? -32.623 5.824   0.654   1.00 50.23 ? 388 HOH A O   1 
HETATM 1673 O O   . HOH B 2 .   ? 34.502  -2.689  4.262   1.00 51.80 ? 389 HOH A O   1 
HETATM 1674 O O   . HOH B 2 .   ? -13.753 -7.074  -6.154  1.00 52.63 ? 390 HOH A O   1 
HETATM 1675 O O   . HOH B 2 .   ? 15.245  0.442   20.170  1.00 51.70 ? 391 HOH A O   1 
HETATM 1676 O O   . HOH B 2 .   ? -17.711 3.584   6.965   1.00 42.34 ? 392 HOH A O   1 
HETATM 1677 O O   . HOH B 2 .   ? -23.675 -11.652 -0.805  1.00 48.47 ? 393 HOH A O   1 
HETATM 1678 O O   . HOH B 2 .   ? -19.208 15.535  -8.047  1.00 45.41 ? 394 HOH A O   1 
HETATM 1679 O O   . HOH B 2 .   ? 22.608  -14.487 19.914  1.00 43.15 ? 395 HOH A O   1 
HETATM 1680 O O   . HOH B 2 .   ? 18.793  -10.307 19.851  1.00 50.29 ? 396 HOH A O   1 
HETATM 1681 O O   . HOH B 2 .   ? -35.834 3.541   -4.269  1.00 47.62 ? 397 HOH A O   1 
HETATM 1682 O O   . HOH B 2 .   ? 31.566  -2.344  -1.302  1.00 29.83 ? 398 HOH A O   1 
HETATM 1683 O O   . HOH B 2 .   ? 31.693  -8.827  -5.070  1.00 32.70 ? 399 HOH A O   1 
HETATM 1684 O O   . HOH B 2 .   ? 30.467  -8.675  -2.171  0.50 37.59 ? 400 HOH A O   1 
HETATM 1685 O O   . HOH B 2 .   ? -4.603  8.487   -6.253  1.00 41.69 ? 401 HOH A O   1 
HETATM 1686 O O   . HOH B 2 .   ? -24.253 13.992  -5.505  1.00 46.54 ? 402 HOH A O   1 
HETATM 1687 O O   . HOH B 2 .   ? 19.359  -17.602 7.778   1.00 49.50 ? 403 HOH A O   1 
HETATM 1688 O O   . HOH B 2 .   ? -4.718  -5.321  -10.804 0.50 51.77 ? 404 HOH A O   1 
HETATM 1689 O O   . HOH B 2 .   ? -18.624 -11.937 0.415   1.00 47.39 ? 405 HOH A O   1 
HETATM 1690 O O   . HOH B 2 .   ? -27.401 -8.187  7.114   1.00 54.44 ? 406 HOH A O   1 
HETATM 1691 O O   . HOH B 2 .   ? 19.375  3.963   20.999  1.00 48.36 ? 407 HOH A O   1 
HETATM 1692 O O   . HOH B 2 .   ? 30.773  10.747  10.190  1.00 54.98 ? 408 HOH A O   1 
HETATM 1693 O O   . HOH B 2 .   ? 34.625  -4.781  10.038  1.00 48.95 ? 409 HOH A O   1 
HETATM 1694 O O   . HOH B 2 .   ? -2.917  1.519   -11.692 0.50 52.68 ? 410 HOH A O   1 
# 
